data_1IHC
# 
_entry.id   1IHC 
# 
_audit_conform.dict_name       mmcif_pdbx.dic 
_audit_conform.dict_version    5.386 
_audit_conform.dict_location   http://mmcif.pdb.org/dictionaries/ascii/mmcif_pdbx.dic 
# 
loop_
_database_2.database_id 
_database_2.database_code 
_database_2.pdbx_database_accession 
_database_2.pdbx_DOI 
PDB   1IHC         pdb_00001ihc 10.2210/pdb1ihc/pdb 
RCSB  RCSB013294   ?            ?                   
WWPDB D_1000013294 ?            ?                   
# 
loop_
_pdbx_audit_revision_history.ordinal 
_pdbx_audit_revision_history.data_content_type 
_pdbx_audit_revision_history.major_revision 
_pdbx_audit_revision_history.minor_revision 
_pdbx_audit_revision_history.revision_date 
1 'Structure model' 1 0 2001-05-16 
2 'Structure model' 1 1 2008-04-27 
3 'Structure model' 1 2 2011-07-13 
4 'Structure model' 1 3 2024-02-07 
# 
_pdbx_audit_revision_details.ordinal             1 
_pdbx_audit_revision_details.revision_ordinal    1 
_pdbx_audit_revision_details.data_content_type   'Structure model' 
_pdbx_audit_revision_details.provider            repository 
_pdbx_audit_revision_details.type                'Initial release' 
_pdbx_audit_revision_details.description         ? 
_pdbx_audit_revision_details.details             ? 
# 
loop_
_pdbx_audit_revision_group.ordinal 
_pdbx_audit_revision_group.revision_ordinal 
_pdbx_audit_revision_group.data_content_type 
_pdbx_audit_revision_group.group 
1 2 'Structure model' 'Version format compliance' 
2 3 'Structure model' 'Derived calculations'      
3 3 'Structure model' 'Version format compliance' 
4 4 'Structure model' 'Data collection'           
5 4 'Structure model' 'Database references'       
# 
loop_
_pdbx_audit_revision_category.ordinal 
_pdbx_audit_revision_category.revision_ordinal 
_pdbx_audit_revision_category.data_content_type 
_pdbx_audit_revision_category.category 
1 4 'Structure model' chem_comp_atom 
2 4 'Structure model' chem_comp_bond 
3 4 'Structure model' database_2     
# 
loop_
_pdbx_audit_revision_item.ordinal 
_pdbx_audit_revision_item.revision_ordinal 
_pdbx_audit_revision_item.data_content_type 
_pdbx_audit_revision_item.item 
1 4 'Structure model' '_database_2.pdbx_DOI'                
2 4 'Structure model' '_database_2.pdbx_database_accession' 
# 
_pdbx_database_status.entry_id                        1IHC 
_pdbx_database_status.deposit_site                    RCSB 
_pdbx_database_status.process_site                    RCSB 
_pdbx_database_status.recvd_initial_deposition_date   2001-04-21 
_pdbx_database_status.status_code                     REL 
_pdbx_database_status.status_code_sf                  REL 
_pdbx_database_status.SG_entry                        . 
_pdbx_database_status.pdb_format_compatible           Y 
_pdbx_database_status.status_code_mr                  ? 
_pdbx_database_status.status_code_cs                  ? 
_pdbx_database_status.status_code_nmr_data            ? 
_pdbx_database_status.methods_development_category    ? 
# 
loop_
_audit_author.name 
_audit_author.pdbx_ordinal 
'Sola, M.'        1 
'Kneussel, M.'    2 
'Heck, I.S.'      3 
'Betz, H.'        4 
'Weissenhorn, W.' 5 
# 
_citation.id                        primary 
_citation.title                     'X-ray crystal structure of the trimeric N-terminal domain of gephyrin.' 
_citation.journal_abbrev            J.Biol.Chem. 
_citation.journal_volume            276 
_citation.page_first                25294 
_citation.page_last                 25301 
_citation.year                      2001 
_citation.journal_id_ASTM           JBCHA3 
_citation.country                   US 
_citation.journal_id_ISSN           0021-9258 
_citation.journal_id_CSD            0071 
_citation.book_publisher            ? 
_citation.pdbx_database_id_PubMed   11325967 
_citation.pdbx_database_id_DOI      10.1074/jbc.M101923200 
# 
loop_
_citation_author.citation_id 
_citation_author.name 
_citation_author.ordinal 
_citation_author.identifier_ORCID 
primary 'Sola, M.'        1 ? 
primary 'Kneussel, M.'    2 ? 
primary 'Heck, I.S.'      3 ? 
primary 'Betz, H.'        4 ? 
primary 'Weissenhorn, W.' 5 ? 
# 
loop_
_entity.id 
_entity.type 
_entity.src_method 
_entity.pdbx_description 
_entity.formula_weight 
_entity.pdbx_number_of_molecules 
_entity.pdbx_ec 
_entity.pdbx_mutation 
_entity.pdbx_fragment 
_entity.details 
1 polymer man Gephyrin 20522.693 1  ? ? 'N-terminal domain' ? 
2 water   nat water    18.015    90 ? ? ?                   ? 
# 
_entity_name_com.entity_id   1 
_entity_name_com.name        'PUTATIVE GLYCINE RECEPTOR-TUBULIN LINKER PROTEIN' 
# 
_entity_poly.entity_id                      1 
_entity_poly.type                           'polypeptide(L)' 
_entity_poly.nstd_linkage                   no 
_entity_poly.nstd_monomer                   no 
_entity_poly.pdbx_seq_one_letter_code       
;MATEGMILTNHDHQIRVGVLTVSDSCFRNLAEDRSGINLKDLVQDPSLLGGTISAYKIVPDEIEEIKETLIDWCDEKELN
LILTTGGTGFAPRDVTPEATKEVIEREAPGMALAMLMGSLNVTPLGMLSRPVCGIRGKTLIINLPGSKKGSQECFQFILP
ALPHAIDLLRDAIVKVKEVHDELEDLPS
;
_entity_poly.pdbx_seq_one_letter_code_can   
;MATEGMILTNHDHQIRVGVLTVSDSCFRNLAEDRSGINLKDLVQDPSLLGGTISAYKIVPDEIEEIKETLIDWCDEKELN
LILTTGGTGFAPRDVTPEATKEVIEREAPGMALAMLMGSLNVTPLGMLSRPVCGIRGKTLIINLPGSKKGSQECFQFILP
ALPHAIDLLRDAIVKVKEVHDELEDLPS
;
_entity_poly.pdbx_strand_id                 A 
_entity_poly.pdbx_target_identifier         ? 
# 
_pdbx_entity_nonpoly.entity_id   2 
_pdbx_entity_nonpoly.name        water 
_pdbx_entity_nonpoly.comp_id     HOH 
# 
loop_
_entity_poly_seq.entity_id 
_entity_poly_seq.num 
_entity_poly_seq.mon_id 
_entity_poly_seq.hetero 
1 1   MET n 
1 2   ALA n 
1 3   THR n 
1 4   GLU n 
1 5   GLY n 
1 6   MET n 
1 7   ILE n 
1 8   LEU n 
1 9   THR n 
1 10  ASN n 
1 11  HIS n 
1 12  ASP n 
1 13  HIS n 
1 14  GLN n 
1 15  ILE n 
1 16  ARG n 
1 17  VAL n 
1 18  GLY n 
1 19  VAL n 
1 20  LEU n 
1 21  THR n 
1 22  VAL n 
1 23  SER n 
1 24  ASP n 
1 25  SER n 
1 26  CYS n 
1 27  PHE n 
1 28  ARG n 
1 29  ASN n 
1 30  LEU n 
1 31  ALA n 
1 32  GLU n 
1 33  ASP n 
1 34  ARG n 
1 35  SER n 
1 36  GLY n 
1 37  ILE n 
1 38  ASN n 
1 39  LEU n 
1 40  LYS n 
1 41  ASP n 
1 42  LEU n 
1 43  VAL n 
1 44  GLN n 
1 45  ASP n 
1 46  PRO n 
1 47  SER n 
1 48  LEU n 
1 49  LEU n 
1 50  GLY n 
1 51  GLY n 
1 52  THR n 
1 53  ILE n 
1 54  SER n 
1 55  ALA n 
1 56  TYR n 
1 57  LYS n 
1 58  ILE n 
1 59  VAL n 
1 60  PRO n 
1 61  ASP n 
1 62  GLU n 
1 63  ILE n 
1 64  GLU n 
1 65  GLU n 
1 66  ILE n 
1 67  LYS n 
1 68  GLU n 
1 69  THR n 
1 70  LEU n 
1 71  ILE n 
1 72  ASP n 
1 73  TRP n 
1 74  CYS n 
1 75  ASP n 
1 76  GLU n 
1 77  LYS n 
1 78  GLU n 
1 79  LEU n 
1 80  ASN n 
1 81  LEU n 
1 82  ILE n 
1 83  LEU n 
1 84  THR n 
1 85  THR n 
1 86  GLY n 
1 87  GLY n 
1 88  THR n 
1 89  GLY n 
1 90  PHE n 
1 91  ALA n 
1 92  PRO n 
1 93  ARG n 
1 94  ASP n 
1 95  VAL n 
1 96  THR n 
1 97  PRO n 
1 98  GLU n 
1 99  ALA n 
1 100 THR n 
1 101 LYS n 
1 102 GLU n 
1 103 VAL n 
1 104 ILE n 
1 105 GLU n 
1 106 ARG n 
1 107 GLU n 
1 108 ALA n 
1 109 PRO n 
1 110 GLY n 
1 111 MET n 
1 112 ALA n 
1 113 LEU n 
1 114 ALA n 
1 115 MET n 
1 116 LEU n 
1 117 MET n 
1 118 GLY n 
1 119 SER n 
1 120 LEU n 
1 121 ASN n 
1 122 VAL n 
1 123 THR n 
1 124 PRO n 
1 125 LEU n 
1 126 GLY n 
1 127 MET n 
1 128 LEU n 
1 129 SER n 
1 130 ARG n 
1 131 PRO n 
1 132 VAL n 
1 133 CYS n 
1 134 GLY n 
1 135 ILE n 
1 136 ARG n 
1 137 GLY n 
1 138 LYS n 
1 139 THR n 
1 140 LEU n 
1 141 ILE n 
1 142 ILE n 
1 143 ASN n 
1 144 LEU n 
1 145 PRO n 
1 146 GLY n 
1 147 SER n 
1 148 LYS n 
1 149 LYS n 
1 150 GLY n 
1 151 SER n 
1 152 GLN n 
1 153 GLU n 
1 154 CYS n 
1 155 PHE n 
1 156 GLN n 
1 157 PHE n 
1 158 ILE n 
1 159 LEU n 
1 160 PRO n 
1 161 ALA n 
1 162 LEU n 
1 163 PRO n 
1 164 HIS n 
1 165 ALA n 
1 166 ILE n 
1 167 ASP n 
1 168 LEU n 
1 169 LEU n 
1 170 ARG n 
1 171 ASP n 
1 172 ALA n 
1 173 ILE n 
1 174 VAL n 
1 175 LYS n 
1 176 VAL n 
1 177 LYS n 
1 178 GLU n 
1 179 VAL n 
1 180 HIS n 
1 181 ASP n 
1 182 GLU n 
1 183 LEU n 
1 184 GLU n 
1 185 ASP n 
1 186 LEU n 
1 187 PRO n 
1 188 SER n 
# 
_entity_src_gen.entity_id                          1 
_entity_src_gen.pdbx_src_id                        1 
_entity_src_gen.pdbx_alt_source_flag               sample 
_entity_src_gen.pdbx_seq_type                      ? 
_entity_src_gen.pdbx_beg_seq_num                   ? 
_entity_src_gen.pdbx_end_seq_num                   ? 
_entity_src_gen.gene_src_common_name               'Norway rat' 
_entity_src_gen.gene_src_genus                     Rattus 
_entity_src_gen.pdbx_gene_src_gene                 ? 
_entity_src_gen.gene_src_species                   ? 
_entity_src_gen.gene_src_strain                    ? 
_entity_src_gen.gene_src_tissue                    ? 
_entity_src_gen.gene_src_tissue_fraction           ? 
_entity_src_gen.gene_src_details                   ? 
_entity_src_gen.pdbx_gene_src_fragment             ? 
_entity_src_gen.pdbx_gene_src_scientific_name      'Rattus norvegicus' 
_entity_src_gen.pdbx_gene_src_ncbi_taxonomy_id     10116 
_entity_src_gen.pdbx_gene_src_variant              ? 
_entity_src_gen.pdbx_gene_src_cell_line            ? 
_entity_src_gen.pdbx_gene_src_atcc                 ? 
_entity_src_gen.pdbx_gene_src_organ                ? 
_entity_src_gen.pdbx_gene_src_organelle            ? 
_entity_src_gen.pdbx_gene_src_cell                 ? 
_entity_src_gen.pdbx_gene_src_cellular_location    ? 
_entity_src_gen.host_org_common_name               ? 
_entity_src_gen.pdbx_host_org_scientific_name      'Escherichia coli' 
_entity_src_gen.pdbx_host_org_ncbi_taxonomy_id     562 
_entity_src_gen.host_org_genus                     Escherichia 
_entity_src_gen.pdbx_host_org_gene                 ? 
_entity_src_gen.pdbx_host_org_organ                ? 
_entity_src_gen.host_org_species                   ? 
_entity_src_gen.pdbx_host_org_tissue               ? 
_entity_src_gen.pdbx_host_org_tissue_fraction      ? 
_entity_src_gen.pdbx_host_org_strain               ? 
_entity_src_gen.pdbx_host_org_variant              ? 
_entity_src_gen.pdbx_host_org_cell_line            ? 
_entity_src_gen.pdbx_host_org_atcc                 ? 
_entity_src_gen.pdbx_host_org_culture_collection   ? 
_entity_src_gen.pdbx_host_org_cell                 ? 
_entity_src_gen.pdbx_host_org_organelle            ? 
_entity_src_gen.pdbx_host_org_cellular_location    ? 
_entity_src_gen.pdbx_host_org_vector_type          ? 
_entity_src_gen.pdbx_host_org_vector               ? 
_entity_src_gen.host_org_details                   ? 
_entity_src_gen.expression_system_id               ? 
_entity_src_gen.plasmid_name                       ? 
_entity_src_gen.plasmid_details                    ? 
_entity_src_gen.pdbx_description                   ? 
# 
loop_
_chem_comp.id 
_chem_comp.type 
_chem_comp.mon_nstd_flag 
_chem_comp.name 
_chem_comp.pdbx_synonyms 
_chem_comp.formula 
_chem_comp.formula_weight 
ALA 'L-peptide linking' y ALANINE         ? 'C3 H7 N O2'     89.093  
ARG 'L-peptide linking' y ARGININE        ? 'C6 H15 N4 O2 1' 175.209 
ASN 'L-peptide linking' y ASPARAGINE      ? 'C4 H8 N2 O3'    132.118 
ASP 'L-peptide linking' y 'ASPARTIC ACID' ? 'C4 H7 N O4'     133.103 
CYS 'L-peptide linking' y CYSTEINE        ? 'C3 H7 N O2 S'   121.158 
GLN 'L-peptide linking' y GLUTAMINE       ? 'C5 H10 N2 O3'   146.144 
GLU 'L-peptide linking' y 'GLUTAMIC ACID' ? 'C5 H9 N O4'     147.129 
GLY 'peptide linking'   y GLYCINE         ? 'C2 H5 N O2'     75.067  
HIS 'L-peptide linking' y HISTIDINE       ? 'C6 H10 N3 O2 1' 156.162 
HOH non-polymer         . WATER           ? 'H2 O'           18.015  
ILE 'L-peptide linking' y ISOLEUCINE      ? 'C6 H13 N O2'    131.173 
LEU 'L-peptide linking' y LEUCINE         ? 'C6 H13 N O2'    131.173 
LYS 'L-peptide linking' y LYSINE          ? 'C6 H15 N2 O2 1' 147.195 
MET 'L-peptide linking' y METHIONINE      ? 'C5 H11 N O2 S'  149.211 
PHE 'L-peptide linking' y PHENYLALANINE   ? 'C9 H11 N O2'    165.189 
PRO 'L-peptide linking' y PROLINE         ? 'C5 H9 N O2'     115.130 
SER 'L-peptide linking' y SERINE          ? 'C3 H7 N O3'     105.093 
THR 'L-peptide linking' y THREONINE       ? 'C4 H9 N O3'     119.119 
TRP 'L-peptide linking' y TRYPTOPHAN      ? 'C11 H12 N2 O2'  204.225 
TYR 'L-peptide linking' y TYROSINE        ? 'C9 H11 N O3'    181.189 
VAL 'L-peptide linking' y VALINE          ? 'C5 H11 N O2'    117.146 
# 
loop_
_pdbx_poly_seq_scheme.asym_id 
_pdbx_poly_seq_scheme.entity_id 
_pdbx_poly_seq_scheme.seq_id 
_pdbx_poly_seq_scheme.mon_id 
_pdbx_poly_seq_scheme.ndb_seq_num 
_pdbx_poly_seq_scheme.pdb_seq_num 
_pdbx_poly_seq_scheme.auth_seq_num 
_pdbx_poly_seq_scheme.pdb_mon_id 
_pdbx_poly_seq_scheme.auth_mon_id 
_pdbx_poly_seq_scheme.pdb_strand_id 
_pdbx_poly_seq_scheme.pdb_ins_code 
_pdbx_poly_seq_scheme.hetero 
A 1 1   MET 1   1   ?   ?   ?   A . n 
A 1 2   ALA 2   2   ?   ?   ?   A . n 
A 1 3   THR 3   3   ?   ?   ?   A . n 
A 1 4   GLU 4   4   ?   ?   ?   A . n 
A 1 5   GLY 5   5   ?   ?   ?   A . n 
A 1 6   MET 6   6   ?   ?   ?   A . n 
A 1 7   ILE 7   7   ?   ?   ?   A . n 
A 1 8   LEU 8   8   ?   ?   ?   A . n 
A 1 9   THR 9   9   ?   ?   ?   A . n 
A 1 10  ASN 10  10  ?   ?   ?   A . n 
A 1 11  HIS 11  11  ?   ?   ?   A . n 
A 1 12  ASP 12  12  ?   ?   ?   A . n 
A 1 13  HIS 13  13  13  HIS HIS A . n 
A 1 14  GLN 14  14  14  GLN GLN A . n 
A 1 15  ILE 15  15  15  ILE ILE A . n 
A 1 16  ARG 16  16  16  ARG ARG A . n 
A 1 17  VAL 17  17  17  VAL VAL A . n 
A 1 18  GLY 18  18  18  GLY GLY A . n 
A 1 19  VAL 19  19  19  VAL VAL A . n 
A 1 20  LEU 20  20  20  LEU LEU A . n 
A 1 21  THR 21  21  21  THR THR A . n 
A 1 22  VAL 22  22  22  VAL VAL A . n 
A 1 23  SER 23  23  23  SER SER A . n 
A 1 24  ASP 24  24  24  ASP ASP A . n 
A 1 25  SER 25  25  25  SER SER A . n 
A 1 26  CYS 26  26  26  CYS CYS A . n 
A 1 27  PHE 27  27  27  PHE PHE A . n 
A 1 28  ARG 28  28  28  ARG ARG A . n 
A 1 29  ASN 29  29  29  ASN ASN A . n 
A 1 30  LEU 30  30  30  LEU LEU A . n 
A 1 31  ALA 31  31  31  ALA ALA A . n 
A 1 32  GLU 32  32  32  GLU GLU A . n 
A 1 33  ASP 33  33  33  ASP ASP A . n 
A 1 34  ARG 34  34  34  ARG ARG A . n 
A 1 35  SER 35  35  35  SER SER A . n 
A 1 36  GLY 36  36  36  GLY GLY A . n 
A 1 37  ILE 37  37  37  ILE ILE A . n 
A 1 38  ASN 38  38  38  ASN ASN A . n 
A 1 39  LEU 39  39  39  LEU LEU A . n 
A 1 40  LYS 40  40  40  LYS LYS A . n 
A 1 41  ASP 41  41  41  ASP ASP A . n 
A 1 42  LEU 42  42  42  LEU LEU A . n 
A 1 43  VAL 43  43  43  VAL VAL A . n 
A 1 44  GLN 44  44  44  GLN GLN A . n 
A 1 45  ASP 45  45  45  ASP ASP A . n 
A 1 46  PRO 46  46  46  PRO PRO A . n 
A 1 47  SER 47  47  47  SER SER A . n 
A 1 48  LEU 48  48  48  LEU LEU A . n 
A 1 49  LEU 49  49  49  LEU LEU A . n 
A 1 50  GLY 50  50  50  GLY GLY A . n 
A 1 51  GLY 51  51  51  GLY GLY A . n 
A 1 52  THR 52  52  52  THR THR A . n 
A 1 53  ILE 53  53  53  ILE ILE A . n 
A 1 54  SER 54  54  54  SER SER A . n 
A 1 55  ALA 55  55  55  ALA ALA A . n 
A 1 56  TYR 56  56  56  TYR TYR A . n 
A 1 57  LYS 57  57  57  LYS LYS A . n 
A 1 58  ILE 58  58  58  ILE ILE A . n 
A 1 59  VAL 59  59  59  VAL VAL A . n 
A 1 60  PRO 60  60  60  PRO PRO A . n 
A 1 61  ASP 61  61  61  ASP ASP A . n 
A 1 62  GLU 62  62  62  GLU GLU A . n 
A 1 63  ILE 63  63  63  ILE ILE A . n 
A 1 64  GLU 64  64  64  GLU GLU A . n 
A 1 65  GLU 65  65  65  GLU GLU A . n 
A 1 66  ILE 66  66  66  ILE ILE A . n 
A 1 67  LYS 67  67  67  LYS LYS A . n 
A 1 68  GLU 68  68  68  GLU GLU A . n 
A 1 69  THR 69  69  69  THR THR A . n 
A 1 70  LEU 70  70  70  LEU LEU A . n 
A 1 71  ILE 71  71  71  ILE ILE A . n 
A 1 72  ASP 72  72  72  ASP ASP A . n 
A 1 73  TRP 73  73  73  TRP TRP A . n 
A 1 74  CYS 74  74  74  CYS CYS A . n 
A 1 75  ASP 75  75  75  ASP ASP A . n 
A 1 76  GLU 76  76  76  GLU GLU A . n 
A 1 77  LYS 77  77  77  LYS LYS A . n 
A 1 78  GLU 78  78  78  GLU GLU A . n 
A 1 79  LEU 79  79  79  LEU LEU A . n 
A 1 80  ASN 80  80  80  ASN ASN A . n 
A 1 81  LEU 81  81  81  LEU LEU A . n 
A 1 82  ILE 82  82  82  ILE ILE A . n 
A 1 83  LEU 83  83  83  LEU LEU A . n 
A 1 84  THR 84  84  84  THR THR A . n 
A 1 85  THR 85  85  85  THR THR A . n 
A 1 86  GLY 86  86  86  GLY GLY A . n 
A 1 87  GLY 87  87  87  GLY GLY A . n 
A 1 88  THR 88  88  88  THR THR A . n 
A 1 89  GLY 89  89  89  GLY GLY A . n 
A 1 90  PHE 90  90  90  PHE PHE A . n 
A 1 91  ALA 91  91  91  ALA ALA A . n 
A 1 92  PRO 92  92  92  PRO PRO A . n 
A 1 93  ARG 93  93  93  ARG ARG A . n 
A 1 94  ASP 94  94  94  ASP ASP A . n 
A 1 95  VAL 95  95  95  VAL VAL A . n 
A 1 96  THR 96  96  96  THR THR A . n 
A 1 97  PRO 97  97  97  PRO PRO A . n 
A 1 98  GLU 98  98  98  GLU GLU A . n 
A 1 99  ALA 99  99  99  ALA ALA A . n 
A 1 100 THR 100 100 100 THR THR A . n 
A 1 101 LYS 101 101 101 LYS LYS A . n 
A 1 102 GLU 102 102 102 GLU GLU A . n 
A 1 103 VAL 103 103 103 VAL VAL A . n 
A 1 104 ILE 104 104 104 ILE ILE A . n 
A 1 105 GLU 105 105 105 GLU GLU A . n 
A 1 106 ARG 106 106 106 ARG ARG A . n 
A 1 107 GLU 107 107 107 GLU GLU A . n 
A 1 108 ALA 108 108 108 ALA ALA A . n 
A 1 109 PRO 109 109 109 PRO PRO A . n 
A 1 110 GLY 110 110 110 GLY GLY A . n 
A 1 111 MET 111 111 111 MET MET A . n 
A 1 112 ALA 112 112 112 ALA ALA A . n 
A 1 113 LEU 113 113 113 LEU LEU A . n 
A 1 114 ALA 114 114 114 ALA ALA A . n 
A 1 115 MET 115 115 115 MET MET A . n 
A 1 116 LEU 116 116 116 LEU LEU A . n 
A 1 117 MET 117 117 117 MET MET A . n 
A 1 118 GLY 118 118 118 GLY GLY A . n 
A 1 119 SER 119 119 119 SER SER A . n 
A 1 120 LEU 120 120 120 LEU LEU A . n 
A 1 121 ASN 121 121 121 ASN ASN A . n 
A 1 122 VAL 122 122 122 VAL VAL A . n 
A 1 123 THR 123 123 123 THR THR A . n 
A 1 124 PRO 124 124 124 PRO PRO A . n 
A 1 125 LEU 125 125 125 LEU LEU A . n 
A 1 126 GLY 126 126 126 GLY GLY A . n 
A 1 127 MET 127 127 127 MET MET A . n 
A 1 128 LEU 128 128 128 LEU LEU A . n 
A 1 129 SER 129 129 129 SER SER A . n 
A 1 130 ARG 130 130 130 ARG ARG A . n 
A 1 131 PRO 131 131 131 PRO PRO A . n 
A 1 132 VAL 132 132 132 VAL VAL A . n 
A 1 133 CYS 133 133 133 CYS CYS A . n 
A 1 134 GLY 134 134 134 GLY GLY A . n 
A 1 135 ILE 135 135 135 ILE ILE A . n 
A 1 136 ARG 136 136 136 ARG ARG A . n 
A 1 137 GLY 137 137 137 GLY GLY A . n 
A 1 138 LYS 138 138 138 LYS LYS A . n 
A 1 139 THR 139 139 139 THR THR A . n 
A 1 140 LEU 140 140 140 LEU LEU A . n 
A 1 141 ILE 141 141 141 ILE ILE A . n 
A 1 142 ILE 142 142 142 ILE ILE A . n 
A 1 143 ASN 143 143 143 ASN ASN A . n 
A 1 144 LEU 144 144 144 LEU LEU A . n 
A 1 145 PRO 145 145 145 PRO PRO A . n 
A 1 146 GLY 146 146 146 GLY GLY A . n 
A 1 147 SER 147 147 147 SER SER A . n 
A 1 148 LYS 148 148 148 LYS LYS A . n 
A 1 149 LYS 149 149 149 LYS LYS A . n 
A 1 150 GLY 150 150 150 GLY GLY A . n 
A 1 151 SER 151 151 151 SER SER A . n 
A 1 152 GLN 152 152 152 GLN GLN A . n 
A 1 153 GLU 153 153 153 GLU GLU A . n 
A 1 154 CYS 154 154 154 CYS CYS A . n 
A 1 155 PHE 155 155 155 PHE PHE A . n 
A 1 156 GLN 156 156 156 GLN GLN A . n 
A 1 157 PHE 157 157 157 PHE PHE A . n 
A 1 158 ILE 158 158 158 ILE ILE A . n 
A 1 159 LEU 159 159 159 LEU LEU A . n 
A 1 160 PRO 160 160 160 PRO PRO A . n 
A 1 161 ALA 161 161 161 ALA ALA A . n 
A 1 162 LEU 162 162 162 LEU LEU A . n 
A 1 163 PRO 163 163 163 PRO PRO A . n 
A 1 164 HIS 164 164 164 HIS HIS A . n 
A 1 165 ALA 165 165 165 ALA ALA A . n 
A 1 166 ILE 166 166 166 ILE ILE A . n 
A 1 167 ASP 167 167 167 ASP ASP A . n 
A 1 168 LEU 168 168 168 LEU LEU A . n 
A 1 169 LEU 169 169 169 LEU LEU A . n 
A 1 170 ARG 170 170 170 ARG ARG A . n 
A 1 171 ASP 171 171 171 ASP ASP A . n 
A 1 172 ALA 172 172 172 ALA ALA A . n 
A 1 173 ILE 173 173 173 ILE ILE A . n 
A 1 174 VAL 174 174 174 VAL VAL A . n 
A 1 175 LYS 175 175 175 LYS LYS A . n 
A 1 176 VAL 176 176 176 VAL VAL A . n 
A 1 177 LYS 177 177 177 LYS LYS A . n 
A 1 178 GLU 178 178 178 GLU GLU A . n 
A 1 179 VAL 179 179 179 VAL VAL A . n 
A 1 180 HIS 180 180 180 HIS ALA A . n 
A 1 181 ASP 181 181 181 ASP ALA A . n 
A 1 182 GLU 182 182 ?   ?   ?   A . n 
A 1 183 LEU 183 183 ?   ?   ?   A . n 
A 1 184 GLU 184 184 ?   ?   ?   A . n 
A 1 185 ASP 185 185 ?   ?   ?   A . n 
A 1 186 LEU 186 186 ?   ?   ?   A . n 
A 1 187 PRO 187 187 ?   ?   ?   A . n 
A 1 188 SER 188 188 ?   ?   ?   A . n 
# 
loop_
_pdbx_nonpoly_scheme.asym_id 
_pdbx_nonpoly_scheme.entity_id 
_pdbx_nonpoly_scheme.mon_id 
_pdbx_nonpoly_scheme.ndb_seq_num 
_pdbx_nonpoly_scheme.pdb_seq_num 
_pdbx_nonpoly_scheme.auth_seq_num 
_pdbx_nonpoly_scheme.pdb_mon_id 
_pdbx_nonpoly_scheme.auth_mon_id 
_pdbx_nonpoly_scheme.pdb_strand_id 
_pdbx_nonpoly_scheme.pdb_ins_code 
B 2 HOH 1  189 1  HOH HOH A . 
B 2 HOH 2  190 2  HOH HOH A . 
B 2 HOH 3  191 3  HOH HOH A . 
B 2 HOH 4  192 4  HOH HOH A . 
B 2 HOH 5  193 5  HOH HOH A . 
B 2 HOH 6  194 6  HOH HOH A . 
B 2 HOH 7  195 7  HOH HOH A . 
B 2 HOH 8  196 8  HOH HOH A . 
B 2 HOH 9  197 9  HOH HOH A . 
B 2 HOH 10 198 10 HOH HOH A . 
B 2 HOH 11 199 11 HOH HOH A . 
B 2 HOH 12 200 12 HOH HOH A . 
B 2 HOH 13 201 13 HOH HOH A . 
B 2 HOH 14 202 14 HOH HOH A . 
B 2 HOH 15 203 15 HOH HOH A . 
B 2 HOH 16 204 16 HOH HOH A . 
B 2 HOH 17 205 17 HOH HOH A . 
B 2 HOH 18 206 18 HOH HOH A . 
B 2 HOH 19 207 19 HOH HOH A . 
B 2 HOH 20 208 20 HOH HOH A . 
B 2 HOH 21 209 21 HOH HOH A . 
B 2 HOH 22 210 22 HOH HOH A . 
B 2 HOH 23 211 23 HOH HOH A . 
B 2 HOH 24 212 24 HOH HOH A . 
B 2 HOH 25 213 25 HOH HOH A . 
B 2 HOH 26 214 26 HOH HOH A . 
B 2 HOH 27 215 27 HOH HOH A . 
B 2 HOH 28 216 28 HOH HOH A . 
B 2 HOH 29 217 29 HOH HOH A . 
B 2 HOH 30 218 30 HOH HOH A . 
B 2 HOH 31 219 31 HOH HOH A . 
B 2 HOH 32 220 32 HOH HOH A . 
B 2 HOH 33 221 33 HOH HOH A . 
B 2 HOH 34 222 34 HOH HOH A . 
B 2 HOH 35 223 35 HOH HOH A . 
B 2 HOH 36 224 36 HOH HOH A . 
B 2 HOH 37 225 37 HOH HOH A . 
B 2 HOH 38 226 38 HOH HOH A . 
B 2 HOH 39 227 39 HOH HOH A . 
B 2 HOH 40 228 40 HOH HOH A . 
B 2 HOH 41 229 41 HOH HOH A . 
B 2 HOH 42 230 42 HOH HOH A . 
B 2 HOH 43 231 43 HOH HOH A . 
B 2 HOH 44 232 44 HOH HOH A . 
B 2 HOH 45 233 45 HOH HOH A . 
B 2 HOH 46 234 46 HOH HOH A . 
B 2 HOH 47 235 47 HOH HOH A . 
B 2 HOH 48 236 48 HOH HOH A . 
B 2 HOH 49 237 49 HOH HOH A . 
B 2 HOH 50 238 50 HOH HOH A . 
B 2 HOH 51 239 51 HOH HOH A . 
B 2 HOH 52 240 52 HOH HOH A . 
B 2 HOH 53 241 53 HOH HOH A . 
B 2 HOH 54 242 54 HOH HOH A . 
B 2 HOH 55 243 55 HOH HOH A . 
B 2 HOH 56 244 56 HOH HOH A . 
B 2 HOH 57 245 57 HOH HOH A . 
B 2 HOH 58 246 58 HOH HOH A . 
B 2 HOH 59 247 59 HOH HOH A . 
B 2 HOH 60 248 60 HOH HOH A . 
B 2 HOH 61 249 61 HOH HOH A . 
B 2 HOH 62 250 62 HOH HOH A . 
B 2 HOH 63 251 63 HOH HOH A . 
B 2 HOH 64 252 64 HOH HOH A . 
B 2 HOH 65 253 65 HOH HOH A . 
B 2 HOH 66 254 66 HOH HOH A . 
B 2 HOH 67 255 67 HOH HOH A . 
B 2 HOH 68 256 68 HOH HOH A . 
B 2 HOH 69 257 69 HOH HOH A . 
B 2 HOH 70 258 70 HOH HOH A . 
B 2 HOH 71 259 71 HOH HOH A . 
B 2 HOH 72 260 72 HOH HOH A . 
B 2 HOH 73 261 73 HOH HOH A . 
B 2 HOH 74 262 74 HOH HOH A . 
B 2 HOH 75 263 75 HOH HOH A . 
B 2 HOH 76 264 76 HOH HOH A . 
B 2 HOH 77 265 77 HOH HOH A . 
B 2 HOH 78 266 78 HOH HOH A . 
B 2 HOH 79 267 79 HOH HOH A . 
B 2 HOH 80 268 80 HOH HOH A . 
B 2 HOH 81 269 81 HOH HOH A . 
B 2 HOH 82 270 82 HOH HOH A . 
B 2 HOH 83 271 83 HOH HOH A . 
B 2 HOH 84 272 84 HOH HOH A . 
B 2 HOH 85 273 85 HOH HOH A . 
B 2 HOH 86 274 86 HOH HOH A . 
B 2 HOH 87 275 87 HOH HOH A . 
B 2 HOH 88 276 88 HOH HOH A . 
B 2 HOH 89 277 89 HOH HOH A . 
B 2 HOH 90 278 90 HOH HOH A . 
# 
loop_
_pdbx_unobs_or_zero_occ_atoms.id 
_pdbx_unobs_or_zero_occ_atoms.PDB_model_num 
_pdbx_unobs_or_zero_occ_atoms.polymer_flag 
_pdbx_unobs_or_zero_occ_atoms.occupancy_flag 
_pdbx_unobs_or_zero_occ_atoms.auth_asym_id 
_pdbx_unobs_or_zero_occ_atoms.auth_comp_id 
_pdbx_unobs_or_zero_occ_atoms.auth_seq_id 
_pdbx_unobs_or_zero_occ_atoms.PDB_ins_code 
_pdbx_unobs_or_zero_occ_atoms.auth_atom_id 
_pdbx_unobs_or_zero_occ_atoms.label_alt_id 
_pdbx_unobs_or_zero_occ_atoms.label_asym_id 
_pdbx_unobs_or_zero_occ_atoms.label_comp_id 
_pdbx_unobs_or_zero_occ_atoms.label_seq_id 
_pdbx_unobs_or_zero_occ_atoms.label_atom_id 
1  1 Y 0 A GLN 14  ? OE1 ? A GLN 14  OE1 
2  1 Y 0 A GLN 14  ? NE2 ? A GLN 14  NE2 
3  1 Y 0 A SER 25  ? OG  ? A SER 25  OG  
4  1 Y 0 A ARG 28  ? NH1 ? A ARG 28  NH1 
5  1 Y 0 A ARG 28  ? NH2 ? A ARG 28  NH2 
6  1 Y 0 A GLU 32  ? CG  ? A GLU 32  CG  
7  1 Y 0 A GLU 32  ? CD  ? A GLU 32  CD  
8  1 Y 0 A GLU 32  ? OE1 ? A GLU 32  OE1 
9  1 Y 0 A GLU 32  ? OE2 ? A GLU 32  OE2 
10 1 Y 0 A ASP 41  ? OD1 ? A ASP 41  OD1 
11 1 Y 0 A ASP 41  ? OD2 ? A ASP 41  OD2 
12 1 Y 0 A GLU 62  ? OE2 ? A GLU 62  OE2 
13 1 Y 0 A GLU 65  ? CD  ? A GLU 65  CD  
14 1 Y 0 A GLU 65  ? OE1 ? A GLU 65  OE1 
15 1 Y 0 A GLU 65  ? OE2 ? A GLU 65  OE2 
16 1 Y 0 A GLU 68  ? CD  ? A GLU 68  CD  
17 1 Y 0 A GLU 68  ? OE1 ? A GLU 68  OE1 
18 1 Y 0 A GLU 68  ? OE2 ? A GLU 68  OE2 
19 1 Y 0 A GLU 76  ? OE1 ? A GLU 76  OE1 
20 1 Y 0 A GLU 76  ? OE2 ? A GLU 76  OE2 
21 1 Y 0 A ASN 121 ? OD1 ? A ASN 121 OD1 
22 1 Y 0 A ASN 121 ? ND2 ? A ASN 121 ND2 
23 1 Y 0 A LYS 149 ? CD  ? A LYS 149 CD  
24 1 Y 0 A LYS 149 ? CE  ? A LYS 149 CE  
25 1 Y 0 A LYS 149 ? NZ  ? A LYS 149 NZ  
26 1 Y 0 A GLU 153 ? OE1 ? A GLU 153 OE1 
27 1 Y 0 A GLU 153 ? OE2 ? A GLU 153 OE2 
28 1 Y 0 A HIS 164 ? ND1 ? A HIS 164 ND1 
29 1 Y 0 A HIS 164 ? CD2 ? A HIS 164 CD2 
30 1 Y 0 A HIS 164 ? CE1 ? A HIS 164 CE1 
31 1 Y 0 A HIS 164 ? NE2 ? A HIS 164 NE2 
32 1 Y 0 A ASP 167 ? OD1 ? A ASP 167 OD1 
33 1 Y 0 A ASP 167 ? OD2 ? A ASP 167 OD2 
34 1 Y 0 A ASP 171 ? OD1 ? A ASP 171 OD1 
35 1 Y 0 A ASP 171 ? OD2 ? A ASP 171 OD2 
36 1 Y 0 A LYS 175 ? CD  ? A LYS 175 CD  
37 1 Y 0 A LYS 175 ? CE  ? A LYS 175 CE  
38 1 Y 0 A LYS 175 ? NZ  ? A LYS 175 NZ  
39 1 Y 0 A GLU 178 ? CG  ? A GLU 178 CG  
40 1 Y 0 A GLU 178 ? CD  ? A GLU 178 CD  
41 1 Y 0 A GLU 178 ? OE1 ? A GLU 178 OE1 
42 1 Y 0 A GLU 178 ? OE2 ? A GLU 178 OE2 
43 1 Y 0 A VAL 179 ? CB  ? A VAL 179 CB  
44 1 Y 0 A VAL 179 ? CG1 ? A VAL 179 CG1 
45 1 Y 0 A VAL 179 ? CG2 ? A VAL 179 CG2 
46 1 Y 1 A HIS 180 ? CG  ? A HIS 180 CG  
47 1 Y 1 A HIS 180 ? ND1 ? A HIS 180 ND1 
48 1 Y 1 A HIS 180 ? CD2 ? A HIS 180 CD2 
49 1 Y 1 A HIS 180 ? CE1 ? A HIS 180 CE1 
50 1 Y 1 A HIS 180 ? NE2 ? A HIS 180 NE2 
51 1 Y 1 A ASP 181 ? CG  ? A ASP 181 CG  
52 1 Y 1 A ASP 181 ? OD1 ? A ASP 181 OD1 
53 1 Y 1 A ASP 181 ? OD2 ? A ASP 181 OD2 
# 
loop_
_software.name 
_software.classification 
_software.version 
_software.citation_id 
_software.pdbx_ordinal 
AMoRE     phasing          . ? 1 
CNS       refinement       . ? 2 
DENZO     'data reduction' . ? 3 
SCALEPACK 'data scaling'   . ? 4 
# 
_cell.entry_id           1IHC 
_cell.length_a           65.769 
_cell.length_b           65.769 
_cell.length_c           114.396 
_cell.angle_alpha        90.00 
_cell.angle_beta         90.00 
_cell.angle_gamma        120.00 
_cell.Z_PDB              9 
_cell.pdbx_unique_axis   ? 
# 
_symmetry.entry_id                         1IHC 
_symmetry.space_group_name_H-M             'H 3' 
_symmetry.pdbx_full_space_group_name_H-M   ? 
_symmetry.cell_setting                     ? 
_symmetry.Int_Tables_number                146 
# 
_exptl.entry_id          1IHC 
_exptl.method            'X-RAY DIFFRACTION' 
_exptl.crystals_number   1 
# 
_exptl_crystal.id                    1 
_exptl_crystal.density_meas          ? 
_exptl_crystal.density_Matthews      2.32 
_exptl_crystal.density_percent_sol   46.96 
_exptl_crystal.description           ? 
# 
_exptl_crystal_grow.crystal_id      1 
_exptl_crystal_grow.method          'VAPOR DIFFUSION, HANGING DROP' 
_exptl_crystal_grow.temp            293.0 
_exptl_crystal_grow.temp_details    ? 
_exptl_crystal_grow.pH              5.6 
_exptl_crystal_grow.pdbx_details    
'25 % PEG 1500, 0.1 M sodium citrate, 10 % isopropanol., pH 5.6, VAPOR DIFFUSION, HANGING DROP, temperature 293.0K' 
_exptl_crystal_grow.pdbx_pH_range   . 
# 
_diffrn.id                     1 
_diffrn.ambient_temp           100 
_diffrn.ambient_temp_details   ? 
_diffrn.crystal_id             1 
# 
_diffrn_detector.diffrn_id              1 
_diffrn_detector.detector               CCD 
_diffrn_detector.type                   'ADSC QUANTUM 4' 
_diffrn_detector.pdbx_collection_date   2000-01-01 
_diffrn_detector.details                ? 
# 
_diffrn_radiation.diffrn_id                        1 
_diffrn_radiation.wavelength_id                    1 
_diffrn_radiation.pdbx_monochromatic_or_laue_m_l   M 
_diffrn_radiation.monochromator                    Si-Monochromator 
_diffrn_radiation.pdbx_diffrn_protocol             'SINGLE WAVELENGTH' 
_diffrn_radiation.pdbx_scattering_type             x-ray 
# 
_diffrn_radiation_wavelength.id           1 
_diffrn_radiation_wavelength.wavelength   0.933 
_diffrn_radiation_wavelength.wt           1.0 
# 
_diffrn_source.diffrn_id                   1 
_diffrn_source.source                      SYNCHROTRON 
_diffrn_source.type                        'ESRF BEAMLINE ID14-2' 
_diffrn_source.pdbx_synchrotron_site       ESRF 
_diffrn_source.pdbx_synchrotron_beamline   ID14-2 
_diffrn_source.pdbx_wavelength             ? 
_diffrn_source.pdbx_wavelength_list        0.933 
# 
_reflns.entry_id                     1IHC 
_reflns.observed_criterion_sigma_I   0 
_reflns.observed_criterion_sigma_F   0 
_reflns.d_resolution_low             30 
_reflns.d_resolution_high            1.9 
_reflns.number_obs                   14512 
_reflns.number_all                   ? 
_reflns.percent_possible_obs         99.6 
_reflns.pdbx_Rmerge_I_obs            0.0590000 
_reflns.pdbx_Rsym_value              ? 
_reflns.pdbx_netI_over_sigmaI        17.2 
_reflns.B_iso_Wilson_estimate        ? 
_reflns.pdbx_redundancy              2.8 
_reflns.R_free_details               ? 
_reflns.limit_h_max                  ? 
_reflns.limit_h_min                  ? 
_reflns.limit_k_max                  ? 
_reflns.limit_k_min                  ? 
_reflns.limit_l_max                  ? 
_reflns.limit_l_min                  ? 
_reflns.observed_criterion_F_max     ? 
_reflns.observed_criterion_F_min     ? 
_reflns.pdbx_ordinal                 1 
_reflns.pdbx_diffrn_id               1 
# 
_reflns_shell.d_res_high             1.90 
_reflns_shell.d_res_low              1.97 
_reflns_shell.percent_possible_all   97.6 
_reflns_shell.Rmerge_I_obs           0.3320000 
_reflns_shell.pdbx_Rsym_value        ? 
_reflns_shell.meanI_over_sigI_obs    ? 
_reflns_shell.pdbx_redundancy        2.5 
_reflns_shell.percent_possible_obs   ? 
_reflns_shell.number_unique_all      1427 
_reflns_shell.pdbx_ordinal           1 
_reflns_shell.pdbx_diffrn_id         1 
# 
_refine.entry_id                                 1IHC 
_refine.ls_number_reflns_obs                     14511 
_refine.ls_number_reflns_all                     ? 
_refine.pdbx_ls_sigma_I                          ? 
_refine.pdbx_ls_sigma_F                          ? 
_refine.pdbx_data_cutoff_high_absF               ? 
_refine.pdbx_data_cutoff_low_absF                ? 
_refine.ls_d_res_low                             30 
_refine.ls_d_res_high                            1.9 
_refine.ls_percent_reflns_obs                    ? 
_refine.ls_R_factor_obs                          ? 
_refine.ls_R_factor_all                          0.1990000 
_refine.ls_R_factor_R_work                       0.2030000 
_refine.ls_R_factor_R_free                       0.2190000 
_refine.ls_R_factor_R_free_error                 ? 
_refine.ls_R_factor_R_free_error_details         ? 
_refine.ls_percent_reflns_R_free                 ? 
_refine.ls_number_reflns_R_free                  1016 
_refine.ls_number_parameters                     ? 
_refine.ls_number_restraints                     ? 
_refine.occupancy_min                            ? 
_refine.occupancy_max                            ? 
_refine.B_iso_mean                               28.8 
_refine.aniso_B[1][1]                            ? 
_refine.aniso_B[2][2]                            ? 
_refine.aniso_B[3][3]                            ? 
_refine.aniso_B[1][2]                            ? 
_refine.aniso_B[1][3]                            ? 
_refine.aniso_B[2][3]                            ? 
_refine.solvent_model_details                    ? 
_refine.solvent_model_param_ksol                 ? 
_refine.solvent_model_param_bsol                 ? 
_refine.pdbx_ls_cross_valid_method               THROUGHOUT 
_refine.details                                  ? 
_refine.pdbx_starting_model                      'MogA coordinates (modified).' 
_refine.pdbx_method_to_determine_struct          'MOLECULAR REPLACEMENT' 
_refine.pdbx_isotropic_thermal_model             isotropic 
_refine.pdbx_stereochemistry_target_values       'Engh & Huber' 
_refine.pdbx_stereochem_target_val_spec_case     ? 
_refine.pdbx_R_Free_selection_details            random 
_refine.overall_SU_B                             ? 
_refine.ls_redundancy_reflns_obs                 ? 
_refine.B_iso_min                                ? 
_refine.B_iso_max                                ? 
_refine.correlation_coeff_Fo_to_Fc               ? 
_refine.correlation_coeff_Fo_to_Fc_free          ? 
_refine.overall_SU_R_Cruickshank_DPI             ? 
_refine.overall_SU_R_free                        ? 
_refine.pdbx_overall_ESU_R                       ? 
_refine.overall_SU_ML                            ? 
_refine.pdbx_overall_ESU_R_Free                  ? 
_refine.pdbx_data_cutoff_high_rms_absF           ? 
_refine.pdbx_refine_id                           'X-RAY DIFFRACTION' 
_refine.pdbx_diffrn_id                           1 
_refine.pdbx_TLS_residual_ADP_flag               ? 
_refine.pdbx_solvent_vdw_probe_radii             ? 
_refine.pdbx_solvent_ion_probe_radii             ? 
_refine.pdbx_solvent_shrinkage_radii             ? 
_refine.pdbx_overall_phase_error                 ? 
_refine.pdbx_overall_SU_R_free_Cruickshank_DPI   ? 
_refine.pdbx_overall_SU_R_Blow_DPI               ? 
_refine.pdbx_overall_SU_R_free_Blow_DPI          ? 
# 
_refine_hist.pdbx_refine_id                   'X-RAY DIFFRACTION' 
_refine_hist.cycle_id                         LAST 
_refine_hist.pdbx_number_atoms_protein        1279 
_refine_hist.pdbx_number_atoms_nucleic_acid   0 
_refine_hist.pdbx_number_atoms_ligand         0 
_refine_hist.number_atoms_solvent             90 
_refine_hist.number_atoms_total               1369 
_refine_hist.d_res_high                       1.9 
_refine_hist.d_res_low                        30 
# 
loop_
_refine_ls_restr.type 
_refine_ls_restr.dev_ideal 
_refine_ls_restr.dev_ideal_target 
_refine_ls_restr.weight 
_refine_ls_restr.number 
_refine_ls_restr.pdbx_refine_id 
_refine_ls_restr.pdbx_restraint_function 
c_bond_d    0.006 ? ? ? 'X-RAY DIFFRACTION' ? 
c_angle_deg 1.3   ? ? ? 'X-RAY DIFFRACTION' ? 
# 
_struct.entry_id                  1IHC 
_struct.title                     'X-ray Structure of Gephyrin N-terminal Domain' 
_struct.pdbx_model_details        ? 
_struct.pdbx_CASP_flag            ? 
_struct.pdbx_model_type_details   ? 
# 
_struct_keywords.entry_id        1IHC 
_struct_keywords.pdbx_keywords   'CONTRACTILE PROTEIN' 
_struct_keywords.text            'alpha/beta, CONTRACTILE PROTEIN' 
# 
loop_
_struct_asym.id 
_struct_asym.pdbx_blank_PDB_chainid_flag 
_struct_asym.pdbx_modified 
_struct_asym.entity_id 
_struct_asym.details 
A N N 1 ? 
B N N 2 ? 
# 
_struct_ref.id                         1 
_struct_ref.db_name                    UNP 
_struct_ref.db_code                    GEPH_RAT 
_struct_ref.entity_id                  1 
_struct_ref.pdbx_seq_one_letter_code   
;MATEGMILTNHDHQIRVGVLTVSDSCFRNLAEDRSGINLKDLVQDPSLLGGTISAYKIVPDEIEEIKETLIDWCDEKELN
LILTTGGTGFAPRDVTPEATKEVIEREAPGMALAMLMGSLNVTPLGMLSRPVCGIRGKTLIINLPGSKKGSQECFQFILP
ALPHAIDLLRDAIVKVKEVHDELEDLPS
;
_struct_ref.pdbx_align_begin           1 
_struct_ref.pdbx_db_accession          Q03555 
_struct_ref.pdbx_db_isoform            ? 
# 
_struct_ref_seq.align_id                      1 
_struct_ref_seq.ref_id                        1 
_struct_ref_seq.pdbx_PDB_id_code              1IHC 
_struct_ref_seq.pdbx_strand_id                A 
_struct_ref_seq.seq_align_beg                 1 
_struct_ref_seq.pdbx_seq_align_beg_ins_code   ? 
_struct_ref_seq.seq_align_end                 188 
_struct_ref_seq.pdbx_seq_align_end_ins_code   ? 
_struct_ref_seq.pdbx_db_accession             Q03555 
_struct_ref_seq.db_align_beg                  1 
_struct_ref_seq.pdbx_db_align_beg_ins_code    ? 
_struct_ref_seq.db_align_end                  188 
_struct_ref_seq.pdbx_db_align_end_ins_code    ? 
_struct_ref_seq.pdbx_auth_seq_align_beg       1 
_struct_ref_seq.pdbx_auth_seq_align_end       188 
# 
_pdbx_struct_assembly.id                   1 
_pdbx_struct_assembly.details              author_and_software_defined_assembly 
_pdbx_struct_assembly.method_details       PISA,PQS 
_pdbx_struct_assembly.oligomeric_details   trimeric 
_pdbx_struct_assembly.oligomeric_count     3 
# 
loop_
_pdbx_struct_assembly_prop.biol_id 
_pdbx_struct_assembly_prop.type 
_pdbx_struct_assembly_prop.value 
_pdbx_struct_assembly_prop.details 
1 'ABSA (A^2)' 4750  ? 
1 MORE         -51   ? 
1 'SSA (A^2)'  20280 ? 
# 
_pdbx_struct_assembly_gen.assembly_id       1 
_pdbx_struct_assembly_gen.oper_expression   1,2,3 
_pdbx_struct_assembly_gen.asym_id_list      A,B 
# 
loop_
_pdbx_struct_oper_list.id 
_pdbx_struct_oper_list.type 
_pdbx_struct_oper_list.name 
_pdbx_struct_oper_list.symmetry_operation 
_pdbx_struct_oper_list.matrix[1][1] 
_pdbx_struct_oper_list.matrix[1][2] 
_pdbx_struct_oper_list.matrix[1][3] 
_pdbx_struct_oper_list.vector[1] 
_pdbx_struct_oper_list.matrix[2][1] 
_pdbx_struct_oper_list.matrix[2][2] 
_pdbx_struct_oper_list.matrix[2][3] 
_pdbx_struct_oper_list.vector[2] 
_pdbx_struct_oper_list.matrix[3][1] 
_pdbx_struct_oper_list.matrix[3][2] 
_pdbx_struct_oper_list.matrix[3][3] 
_pdbx_struct_oper_list.vector[3] 
1 'identity operation'         1_555 x,y,z        1.0000000000 0.0000000000  0.0000000000  0.0000000000 0.0000000000  1.0000000000  0.0000000000  0.0000000000  0.0000000000  0.0000000000  1.0000000000  0.0000000000   
2 'crystal symmetry operation' 2_665 -y+1,x-y+1,z 0.9557036055 -0.1215497689 -0.2680602024 2.2981984197 -0.2932717166 -0.4704478192 -0.8322683159 26.2603118742 -0.0249463162 0.8740163060  -0.4852557863 -14.3421728277 
3 'crystal symmetry operation' 3_565 -x+y,-x+1,z  0.9557036055 -0.2932717166 -0.0249463162 5.1472258473 -0.1215497689 -0.4704478192 0.8740163060  25.1687448531 -0.2680602024 -0.8322683159 -0.4852557863 15.5120587190 
# 
_struct_biol.id                    1 
_struct_biol.details               
;The biological assembly is a trimer  
generated via a crystallographic   
threefold axis (x,y,z; -y,x-y,z; y-x,-x,z).
;
_struct_biol.pdbx_parent_biol_id   ? 
# 
loop_
_struct_conf.conf_type_id 
_struct_conf.id 
_struct_conf.pdbx_PDB_helix_id 
_struct_conf.beg_label_comp_id 
_struct_conf.beg_label_asym_id 
_struct_conf.beg_label_seq_id 
_struct_conf.pdbx_beg_PDB_ins_code 
_struct_conf.end_label_comp_id 
_struct_conf.end_label_asym_id 
_struct_conf.end_label_seq_id 
_struct_conf.pdbx_end_PDB_ins_code 
_struct_conf.beg_auth_comp_id 
_struct_conf.beg_auth_asym_id 
_struct_conf.beg_auth_seq_id 
_struct_conf.end_auth_comp_id 
_struct_conf.end_auth_asym_id 
_struct_conf.end_auth_seq_id 
_struct_conf.pdbx_PDB_helix_class 
_struct_conf.details 
_struct_conf.pdbx_PDB_helix_length 
HELX_P HELX_P1 1 SER A 23  ? ARG A 28  ? SER A 23  ARG A 28  1 ? 6  
HELX_P HELX_P2 2 ASP A 33  ? ASP A 45  ? ASP A 33  ASP A 45  1 ? 13 
HELX_P HELX_P3 3 GLU A 62  ? GLU A 76  ? GLU A 62  GLU A 76  1 ? 15 
HELX_P HELX_P4 4 VAL A 95  ? ILE A 104 ? VAL A 95  ILE A 104 1 ? 10 
HELX_P HELX_P5 5 ALA A 108 ? THR A 123 ? ALA A 108 THR A 123 1 ? 16 
HELX_P HELX_P6 6 PRO A 124 ? SER A 129 ? PRO A 124 SER A 129 5 ? 6  
HELX_P HELX_P7 7 SER A 147 ? LEU A 159 ? SER A 147 LEU A 159 1 ? 13 
HELX_P HELX_P8 8 ALA A 161 ? ARG A 170 ? ALA A 161 ARG A 170 1 ? 10 
HELX_P HELX_P9 9 VAL A 174 ? ASP A 181 ? VAL A 174 ASP A 181 1 ? 8  
# 
_struct_conf_type.id          HELX_P 
_struct_conf_type.criteria    ? 
_struct_conf_type.reference   ? 
# 
_struct_sheet.id               A 
_struct_sheet.type             ? 
_struct_sheet.number_strands   6 
_struct_sheet.details          ? 
# 
loop_
_struct_sheet_order.sheet_id 
_struct_sheet_order.range_id_1 
_struct_sheet_order.range_id_2 
_struct_sheet_order.offset 
_struct_sheet_order.sense 
A 1 2 ? parallel      
A 2 3 ? parallel      
A 3 4 ? parallel      
A 4 5 ? anti-parallel 
A 5 6 ? anti-parallel 
# 
loop_
_struct_sheet_range.sheet_id 
_struct_sheet_range.id 
_struct_sheet_range.beg_label_comp_id 
_struct_sheet_range.beg_label_asym_id 
_struct_sheet_range.beg_label_seq_id 
_struct_sheet_range.pdbx_beg_PDB_ins_code 
_struct_sheet_range.end_label_comp_id 
_struct_sheet_range.end_label_asym_id 
_struct_sheet_range.end_label_seq_id 
_struct_sheet_range.pdbx_end_PDB_ins_code 
_struct_sheet_range.beg_auth_comp_id 
_struct_sheet_range.beg_auth_asym_id 
_struct_sheet_range.beg_auth_seq_id 
_struct_sheet_range.end_auth_comp_id 
_struct_sheet_range.end_auth_asym_id 
_struct_sheet_range.end_auth_seq_id 
A 1 THR A 52  ? VAL A 59  ? THR A 52  VAL A 59  
A 2 ARG A 16  ? VAL A 22  ? ARG A 16  VAL A 22  
A 3 LEU A 81  ? THR A 85  ? LEU A 81  THR A 85  
A 4 THR A 139 ? LEU A 144 ? THR A 139 LEU A 144 
A 5 CYS A 133 ? ARG A 136 ? CYS A 133 ARG A 136 
A 6 ARG A 106 ? GLU A 107 ? ARG A 106 GLU A 107 
# 
loop_
_pdbx_struct_sheet_hbond.sheet_id 
_pdbx_struct_sheet_hbond.range_id_1 
_pdbx_struct_sheet_hbond.range_id_2 
_pdbx_struct_sheet_hbond.range_1_label_atom_id 
_pdbx_struct_sheet_hbond.range_1_label_comp_id 
_pdbx_struct_sheet_hbond.range_1_label_asym_id 
_pdbx_struct_sheet_hbond.range_1_label_seq_id 
_pdbx_struct_sheet_hbond.range_1_PDB_ins_code 
_pdbx_struct_sheet_hbond.range_1_auth_atom_id 
_pdbx_struct_sheet_hbond.range_1_auth_comp_id 
_pdbx_struct_sheet_hbond.range_1_auth_asym_id 
_pdbx_struct_sheet_hbond.range_1_auth_seq_id 
_pdbx_struct_sheet_hbond.range_2_label_atom_id 
_pdbx_struct_sheet_hbond.range_2_label_comp_id 
_pdbx_struct_sheet_hbond.range_2_label_asym_id 
_pdbx_struct_sheet_hbond.range_2_label_seq_id 
_pdbx_struct_sheet_hbond.range_2_PDB_ins_code 
_pdbx_struct_sheet_hbond.range_2_auth_atom_id 
_pdbx_struct_sheet_hbond.range_2_auth_comp_id 
_pdbx_struct_sheet_hbond.range_2_auth_asym_id 
_pdbx_struct_sheet_hbond.range_2_auth_seq_id 
A 1 2 N SER A 54  ? N SER A 54  O VAL A 17  ? O VAL A 17  
A 2 3 N GLY A 18  ? N GLY A 18  O LEU A 81  ? O LEU A 81  
A 3 4 N ILE A 82  ? N ILE A 82  O LEU A 140 ? O LEU A 140 
A 4 5 N ILE A 141 ? N ILE A 141 O GLY A 134 ? O GLY A 134 
A 5 6 N ILE A 135 ? N ILE A 135 O ARG A 106 ? O ARG A 106 
# 
loop_
_pdbx_validate_torsion.id 
_pdbx_validate_torsion.PDB_model_num 
_pdbx_validate_torsion.auth_comp_id 
_pdbx_validate_torsion.auth_asym_id 
_pdbx_validate_torsion.auth_seq_id 
_pdbx_validate_torsion.PDB_ins_code 
_pdbx_validate_torsion.label_alt_id 
_pdbx_validate_torsion.phi 
_pdbx_validate_torsion.psi 
1 1 SER A 23  ? ? -177.74 121.10 
2 1 LEU A 48  ? ? -105.14 -89.15 
3 1 LYS A 57  ? ? -170.56 148.34 
4 1 ASP A 94  ? ? -63.33  97.22  
5 1 ALA A 108 ? ? -119.24 71.82  
# 
loop_
_pdbx_unobs_or_zero_occ_residues.id 
_pdbx_unobs_or_zero_occ_residues.PDB_model_num 
_pdbx_unobs_or_zero_occ_residues.polymer_flag 
_pdbx_unobs_or_zero_occ_residues.occupancy_flag 
_pdbx_unobs_or_zero_occ_residues.auth_asym_id 
_pdbx_unobs_or_zero_occ_residues.auth_comp_id 
_pdbx_unobs_or_zero_occ_residues.auth_seq_id 
_pdbx_unobs_or_zero_occ_residues.PDB_ins_code 
_pdbx_unobs_or_zero_occ_residues.label_asym_id 
_pdbx_unobs_or_zero_occ_residues.label_comp_id 
_pdbx_unobs_or_zero_occ_residues.label_seq_id 
1  1 Y 1 A MET 1   ? A MET 1   
2  1 Y 1 A ALA 2   ? A ALA 2   
3  1 Y 1 A THR 3   ? A THR 3   
4  1 Y 1 A GLU 4   ? A GLU 4   
5  1 Y 1 A GLY 5   ? A GLY 5   
6  1 Y 1 A MET 6   ? A MET 6   
7  1 Y 1 A ILE 7   ? A ILE 7   
8  1 Y 1 A LEU 8   ? A LEU 8   
9  1 Y 1 A THR 9   ? A THR 9   
10 1 Y 1 A ASN 10  ? A ASN 10  
11 1 Y 1 A HIS 11  ? A HIS 11  
12 1 Y 1 A ASP 12  ? A ASP 12  
13 1 Y 1 A GLU 182 ? A GLU 182 
14 1 Y 1 A LEU 183 ? A LEU 183 
15 1 Y 1 A GLU 184 ? A GLU 184 
16 1 Y 1 A ASP 185 ? A ASP 185 
17 1 Y 1 A LEU 186 ? A LEU 186 
18 1 Y 1 A PRO 187 ? A PRO 187 
19 1 Y 1 A SER 188 ? A SER 188 
# 
loop_
_chem_comp_atom.comp_id 
_chem_comp_atom.atom_id 
_chem_comp_atom.type_symbol 
_chem_comp_atom.pdbx_aromatic_flag 
_chem_comp_atom.pdbx_stereo_config 
_chem_comp_atom.pdbx_ordinal 
ALA N    N N N 1   
ALA CA   C N S 2   
ALA C    C N N 3   
ALA O    O N N 4   
ALA CB   C N N 5   
ALA OXT  O N N 6   
ALA H    H N N 7   
ALA H2   H N N 8   
ALA HA   H N N 9   
ALA HB1  H N N 10  
ALA HB2  H N N 11  
ALA HB3  H N N 12  
ALA HXT  H N N 13  
ARG N    N N N 14  
ARG CA   C N S 15  
ARG C    C N N 16  
ARG O    O N N 17  
ARG CB   C N N 18  
ARG CG   C N N 19  
ARG CD   C N N 20  
ARG NE   N N N 21  
ARG CZ   C N N 22  
ARG NH1  N N N 23  
ARG NH2  N N N 24  
ARG OXT  O N N 25  
ARG H    H N N 26  
ARG H2   H N N 27  
ARG HA   H N N 28  
ARG HB2  H N N 29  
ARG HB3  H N N 30  
ARG HG2  H N N 31  
ARG HG3  H N N 32  
ARG HD2  H N N 33  
ARG HD3  H N N 34  
ARG HE   H N N 35  
ARG HH11 H N N 36  
ARG HH12 H N N 37  
ARG HH21 H N N 38  
ARG HH22 H N N 39  
ARG HXT  H N N 40  
ASN N    N N N 41  
ASN CA   C N S 42  
ASN C    C N N 43  
ASN O    O N N 44  
ASN CB   C N N 45  
ASN CG   C N N 46  
ASN OD1  O N N 47  
ASN ND2  N N N 48  
ASN OXT  O N N 49  
ASN H    H N N 50  
ASN H2   H N N 51  
ASN HA   H N N 52  
ASN HB2  H N N 53  
ASN HB3  H N N 54  
ASN HD21 H N N 55  
ASN HD22 H N N 56  
ASN HXT  H N N 57  
ASP N    N N N 58  
ASP CA   C N S 59  
ASP C    C N N 60  
ASP O    O N N 61  
ASP CB   C N N 62  
ASP CG   C N N 63  
ASP OD1  O N N 64  
ASP OD2  O N N 65  
ASP OXT  O N N 66  
ASP H    H N N 67  
ASP H2   H N N 68  
ASP HA   H N N 69  
ASP HB2  H N N 70  
ASP HB3  H N N 71  
ASP HD2  H N N 72  
ASP HXT  H N N 73  
CYS N    N N N 74  
CYS CA   C N R 75  
CYS C    C N N 76  
CYS O    O N N 77  
CYS CB   C N N 78  
CYS SG   S N N 79  
CYS OXT  O N N 80  
CYS H    H N N 81  
CYS H2   H N N 82  
CYS HA   H N N 83  
CYS HB2  H N N 84  
CYS HB3  H N N 85  
CYS HG   H N N 86  
CYS HXT  H N N 87  
GLN N    N N N 88  
GLN CA   C N S 89  
GLN C    C N N 90  
GLN O    O N N 91  
GLN CB   C N N 92  
GLN CG   C N N 93  
GLN CD   C N N 94  
GLN OE1  O N N 95  
GLN NE2  N N N 96  
GLN OXT  O N N 97  
GLN H    H N N 98  
GLN H2   H N N 99  
GLN HA   H N N 100 
GLN HB2  H N N 101 
GLN HB3  H N N 102 
GLN HG2  H N N 103 
GLN HG3  H N N 104 
GLN HE21 H N N 105 
GLN HE22 H N N 106 
GLN HXT  H N N 107 
GLU N    N N N 108 
GLU CA   C N S 109 
GLU C    C N N 110 
GLU O    O N N 111 
GLU CB   C N N 112 
GLU CG   C N N 113 
GLU CD   C N N 114 
GLU OE1  O N N 115 
GLU OE2  O N N 116 
GLU OXT  O N N 117 
GLU H    H N N 118 
GLU H2   H N N 119 
GLU HA   H N N 120 
GLU HB2  H N N 121 
GLU HB3  H N N 122 
GLU HG2  H N N 123 
GLU HG3  H N N 124 
GLU HE2  H N N 125 
GLU HXT  H N N 126 
GLY N    N N N 127 
GLY CA   C N N 128 
GLY C    C N N 129 
GLY O    O N N 130 
GLY OXT  O N N 131 
GLY H    H N N 132 
GLY H2   H N N 133 
GLY HA2  H N N 134 
GLY HA3  H N N 135 
GLY HXT  H N N 136 
HIS N    N N N 137 
HIS CA   C N S 138 
HIS C    C N N 139 
HIS O    O N N 140 
HIS CB   C N N 141 
HIS CG   C Y N 142 
HIS ND1  N Y N 143 
HIS CD2  C Y N 144 
HIS CE1  C Y N 145 
HIS NE2  N Y N 146 
HIS OXT  O N N 147 
HIS H    H N N 148 
HIS H2   H N N 149 
HIS HA   H N N 150 
HIS HB2  H N N 151 
HIS HB3  H N N 152 
HIS HD1  H N N 153 
HIS HD2  H N N 154 
HIS HE1  H N N 155 
HIS HE2  H N N 156 
HIS HXT  H N N 157 
HOH O    O N N 158 
HOH H1   H N N 159 
HOH H2   H N N 160 
ILE N    N N N 161 
ILE CA   C N S 162 
ILE C    C N N 163 
ILE O    O N N 164 
ILE CB   C N S 165 
ILE CG1  C N N 166 
ILE CG2  C N N 167 
ILE CD1  C N N 168 
ILE OXT  O N N 169 
ILE H    H N N 170 
ILE H2   H N N 171 
ILE HA   H N N 172 
ILE HB   H N N 173 
ILE HG12 H N N 174 
ILE HG13 H N N 175 
ILE HG21 H N N 176 
ILE HG22 H N N 177 
ILE HG23 H N N 178 
ILE HD11 H N N 179 
ILE HD12 H N N 180 
ILE HD13 H N N 181 
ILE HXT  H N N 182 
LEU N    N N N 183 
LEU CA   C N S 184 
LEU C    C N N 185 
LEU O    O N N 186 
LEU CB   C N N 187 
LEU CG   C N N 188 
LEU CD1  C N N 189 
LEU CD2  C N N 190 
LEU OXT  O N N 191 
LEU H    H N N 192 
LEU H2   H N N 193 
LEU HA   H N N 194 
LEU HB2  H N N 195 
LEU HB3  H N N 196 
LEU HG   H N N 197 
LEU HD11 H N N 198 
LEU HD12 H N N 199 
LEU HD13 H N N 200 
LEU HD21 H N N 201 
LEU HD22 H N N 202 
LEU HD23 H N N 203 
LEU HXT  H N N 204 
LYS N    N N N 205 
LYS CA   C N S 206 
LYS C    C N N 207 
LYS O    O N N 208 
LYS CB   C N N 209 
LYS CG   C N N 210 
LYS CD   C N N 211 
LYS CE   C N N 212 
LYS NZ   N N N 213 
LYS OXT  O N N 214 
LYS H    H N N 215 
LYS H2   H N N 216 
LYS HA   H N N 217 
LYS HB2  H N N 218 
LYS HB3  H N N 219 
LYS HG2  H N N 220 
LYS HG3  H N N 221 
LYS HD2  H N N 222 
LYS HD3  H N N 223 
LYS HE2  H N N 224 
LYS HE3  H N N 225 
LYS HZ1  H N N 226 
LYS HZ2  H N N 227 
LYS HZ3  H N N 228 
LYS HXT  H N N 229 
MET N    N N N 230 
MET CA   C N S 231 
MET C    C N N 232 
MET O    O N N 233 
MET CB   C N N 234 
MET CG   C N N 235 
MET SD   S N N 236 
MET CE   C N N 237 
MET OXT  O N N 238 
MET H    H N N 239 
MET H2   H N N 240 
MET HA   H N N 241 
MET HB2  H N N 242 
MET HB3  H N N 243 
MET HG2  H N N 244 
MET HG3  H N N 245 
MET HE1  H N N 246 
MET HE2  H N N 247 
MET HE3  H N N 248 
MET HXT  H N N 249 
PHE N    N N N 250 
PHE CA   C N S 251 
PHE C    C N N 252 
PHE O    O N N 253 
PHE CB   C N N 254 
PHE CG   C Y N 255 
PHE CD1  C Y N 256 
PHE CD2  C Y N 257 
PHE CE1  C Y N 258 
PHE CE2  C Y N 259 
PHE CZ   C Y N 260 
PHE OXT  O N N 261 
PHE H    H N N 262 
PHE H2   H N N 263 
PHE HA   H N N 264 
PHE HB2  H N N 265 
PHE HB3  H N N 266 
PHE HD1  H N N 267 
PHE HD2  H N N 268 
PHE HE1  H N N 269 
PHE HE2  H N N 270 
PHE HZ   H N N 271 
PHE HXT  H N N 272 
PRO N    N N N 273 
PRO CA   C N S 274 
PRO C    C N N 275 
PRO O    O N N 276 
PRO CB   C N N 277 
PRO CG   C N N 278 
PRO CD   C N N 279 
PRO OXT  O N N 280 
PRO H    H N N 281 
PRO HA   H N N 282 
PRO HB2  H N N 283 
PRO HB3  H N N 284 
PRO HG2  H N N 285 
PRO HG3  H N N 286 
PRO HD2  H N N 287 
PRO HD3  H N N 288 
PRO HXT  H N N 289 
SER N    N N N 290 
SER CA   C N S 291 
SER C    C N N 292 
SER O    O N N 293 
SER CB   C N N 294 
SER OG   O N N 295 
SER OXT  O N N 296 
SER H    H N N 297 
SER H2   H N N 298 
SER HA   H N N 299 
SER HB2  H N N 300 
SER HB3  H N N 301 
SER HG   H N N 302 
SER HXT  H N N 303 
THR N    N N N 304 
THR CA   C N S 305 
THR C    C N N 306 
THR O    O N N 307 
THR CB   C N R 308 
THR OG1  O N N 309 
THR CG2  C N N 310 
THR OXT  O N N 311 
THR H    H N N 312 
THR H2   H N N 313 
THR HA   H N N 314 
THR HB   H N N 315 
THR HG1  H N N 316 
THR HG21 H N N 317 
THR HG22 H N N 318 
THR HG23 H N N 319 
THR HXT  H N N 320 
TRP N    N N N 321 
TRP CA   C N S 322 
TRP C    C N N 323 
TRP O    O N N 324 
TRP CB   C N N 325 
TRP CG   C Y N 326 
TRP CD1  C Y N 327 
TRP CD2  C Y N 328 
TRP NE1  N Y N 329 
TRP CE2  C Y N 330 
TRP CE3  C Y N 331 
TRP CZ2  C Y N 332 
TRP CZ3  C Y N 333 
TRP CH2  C Y N 334 
TRP OXT  O N N 335 
TRP H    H N N 336 
TRP H2   H N N 337 
TRP HA   H N N 338 
TRP HB2  H N N 339 
TRP HB3  H N N 340 
TRP HD1  H N N 341 
TRP HE1  H N N 342 
TRP HE3  H N N 343 
TRP HZ2  H N N 344 
TRP HZ3  H N N 345 
TRP HH2  H N N 346 
TRP HXT  H N N 347 
TYR N    N N N 348 
TYR CA   C N S 349 
TYR C    C N N 350 
TYR O    O N N 351 
TYR CB   C N N 352 
TYR CG   C Y N 353 
TYR CD1  C Y N 354 
TYR CD2  C Y N 355 
TYR CE1  C Y N 356 
TYR CE2  C Y N 357 
TYR CZ   C Y N 358 
TYR OH   O N N 359 
TYR OXT  O N N 360 
TYR H    H N N 361 
TYR H2   H N N 362 
TYR HA   H N N 363 
TYR HB2  H N N 364 
TYR HB3  H N N 365 
TYR HD1  H N N 366 
TYR HD2  H N N 367 
TYR HE1  H N N 368 
TYR HE2  H N N 369 
TYR HH   H N N 370 
TYR HXT  H N N 371 
VAL N    N N N 372 
VAL CA   C N S 373 
VAL C    C N N 374 
VAL O    O N N 375 
VAL CB   C N N 376 
VAL CG1  C N N 377 
VAL CG2  C N N 378 
VAL OXT  O N N 379 
VAL H    H N N 380 
VAL H2   H N N 381 
VAL HA   H N N 382 
VAL HB   H N N 383 
VAL HG11 H N N 384 
VAL HG12 H N N 385 
VAL HG13 H N N 386 
VAL HG21 H N N 387 
VAL HG22 H N N 388 
VAL HG23 H N N 389 
VAL HXT  H N N 390 
# 
loop_
_chem_comp_bond.comp_id 
_chem_comp_bond.atom_id_1 
_chem_comp_bond.atom_id_2 
_chem_comp_bond.value_order 
_chem_comp_bond.pdbx_aromatic_flag 
_chem_comp_bond.pdbx_stereo_config 
_chem_comp_bond.pdbx_ordinal 
ALA N   CA   sing N N 1   
ALA N   H    sing N N 2   
ALA N   H2   sing N N 3   
ALA CA  C    sing N N 4   
ALA CA  CB   sing N N 5   
ALA CA  HA   sing N N 6   
ALA C   O    doub N N 7   
ALA C   OXT  sing N N 8   
ALA CB  HB1  sing N N 9   
ALA CB  HB2  sing N N 10  
ALA CB  HB3  sing N N 11  
ALA OXT HXT  sing N N 12  
ARG N   CA   sing N N 13  
ARG N   H    sing N N 14  
ARG N   H2   sing N N 15  
ARG CA  C    sing N N 16  
ARG CA  CB   sing N N 17  
ARG CA  HA   sing N N 18  
ARG C   O    doub N N 19  
ARG C   OXT  sing N N 20  
ARG CB  CG   sing N N 21  
ARG CB  HB2  sing N N 22  
ARG CB  HB3  sing N N 23  
ARG CG  CD   sing N N 24  
ARG CG  HG2  sing N N 25  
ARG CG  HG3  sing N N 26  
ARG CD  NE   sing N N 27  
ARG CD  HD2  sing N N 28  
ARG CD  HD3  sing N N 29  
ARG NE  CZ   sing N N 30  
ARG NE  HE   sing N N 31  
ARG CZ  NH1  sing N N 32  
ARG CZ  NH2  doub N N 33  
ARG NH1 HH11 sing N N 34  
ARG NH1 HH12 sing N N 35  
ARG NH2 HH21 sing N N 36  
ARG NH2 HH22 sing N N 37  
ARG OXT HXT  sing N N 38  
ASN N   CA   sing N N 39  
ASN N   H    sing N N 40  
ASN N   H2   sing N N 41  
ASN CA  C    sing N N 42  
ASN CA  CB   sing N N 43  
ASN CA  HA   sing N N 44  
ASN C   O    doub N N 45  
ASN C   OXT  sing N N 46  
ASN CB  CG   sing N N 47  
ASN CB  HB2  sing N N 48  
ASN CB  HB3  sing N N 49  
ASN CG  OD1  doub N N 50  
ASN CG  ND2  sing N N 51  
ASN ND2 HD21 sing N N 52  
ASN ND2 HD22 sing N N 53  
ASN OXT HXT  sing N N 54  
ASP N   CA   sing N N 55  
ASP N   H    sing N N 56  
ASP N   H2   sing N N 57  
ASP CA  C    sing N N 58  
ASP CA  CB   sing N N 59  
ASP CA  HA   sing N N 60  
ASP C   O    doub N N 61  
ASP C   OXT  sing N N 62  
ASP CB  CG   sing N N 63  
ASP CB  HB2  sing N N 64  
ASP CB  HB3  sing N N 65  
ASP CG  OD1  doub N N 66  
ASP CG  OD2  sing N N 67  
ASP OD2 HD2  sing N N 68  
ASP OXT HXT  sing N N 69  
CYS N   CA   sing N N 70  
CYS N   H    sing N N 71  
CYS N   H2   sing N N 72  
CYS CA  C    sing N N 73  
CYS CA  CB   sing N N 74  
CYS CA  HA   sing N N 75  
CYS C   O    doub N N 76  
CYS C   OXT  sing N N 77  
CYS CB  SG   sing N N 78  
CYS CB  HB2  sing N N 79  
CYS CB  HB3  sing N N 80  
CYS SG  HG   sing N N 81  
CYS OXT HXT  sing N N 82  
GLN N   CA   sing N N 83  
GLN N   H    sing N N 84  
GLN N   H2   sing N N 85  
GLN CA  C    sing N N 86  
GLN CA  CB   sing N N 87  
GLN CA  HA   sing N N 88  
GLN C   O    doub N N 89  
GLN C   OXT  sing N N 90  
GLN CB  CG   sing N N 91  
GLN CB  HB2  sing N N 92  
GLN CB  HB3  sing N N 93  
GLN CG  CD   sing N N 94  
GLN CG  HG2  sing N N 95  
GLN CG  HG3  sing N N 96  
GLN CD  OE1  doub N N 97  
GLN CD  NE2  sing N N 98  
GLN NE2 HE21 sing N N 99  
GLN NE2 HE22 sing N N 100 
GLN OXT HXT  sing N N 101 
GLU N   CA   sing N N 102 
GLU N   H    sing N N 103 
GLU N   H2   sing N N 104 
GLU CA  C    sing N N 105 
GLU CA  CB   sing N N 106 
GLU CA  HA   sing N N 107 
GLU C   O    doub N N 108 
GLU C   OXT  sing N N 109 
GLU CB  CG   sing N N 110 
GLU CB  HB2  sing N N 111 
GLU CB  HB3  sing N N 112 
GLU CG  CD   sing N N 113 
GLU CG  HG2  sing N N 114 
GLU CG  HG3  sing N N 115 
GLU CD  OE1  doub N N 116 
GLU CD  OE2  sing N N 117 
GLU OE2 HE2  sing N N 118 
GLU OXT HXT  sing N N 119 
GLY N   CA   sing N N 120 
GLY N   H    sing N N 121 
GLY N   H2   sing N N 122 
GLY CA  C    sing N N 123 
GLY CA  HA2  sing N N 124 
GLY CA  HA3  sing N N 125 
GLY C   O    doub N N 126 
GLY C   OXT  sing N N 127 
GLY OXT HXT  sing N N 128 
HIS N   CA   sing N N 129 
HIS N   H    sing N N 130 
HIS N   H2   sing N N 131 
HIS CA  C    sing N N 132 
HIS CA  CB   sing N N 133 
HIS CA  HA   sing N N 134 
HIS C   O    doub N N 135 
HIS C   OXT  sing N N 136 
HIS CB  CG   sing N N 137 
HIS CB  HB2  sing N N 138 
HIS CB  HB3  sing N N 139 
HIS CG  ND1  sing Y N 140 
HIS CG  CD2  doub Y N 141 
HIS ND1 CE1  doub Y N 142 
HIS ND1 HD1  sing N N 143 
HIS CD2 NE2  sing Y N 144 
HIS CD2 HD2  sing N N 145 
HIS CE1 NE2  sing Y N 146 
HIS CE1 HE1  sing N N 147 
HIS NE2 HE2  sing N N 148 
HIS OXT HXT  sing N N 149 
HOH O   H1   sing N N 150 
HOH O   H2   sing N N 151 
ILE N   CA   sing N N 152 
ILE N   H    sing N N 153 
ILE N   H2   sing N N 154 
ILE CA  C    sing N N 155 
ILE CA  CB   sing N N 156 
ILE CA  HA   sing N N 157 
ILE C   O    doub N N 158 
ILE C   OXT  sing N N 159 
ILE CB  CG1  sing N N 160 
ILE CB  CG2  sing N N 161 
ILE CB  HB   sing N N 162 
ILE CG1 CD1  sing N N 163 
ILE CG1 HG12 sing N N 164 
ILE CG1 HG13 sing N N 165 
ILE CG2 HG21 sing N N 166 
ILE CG2 HG22 sing N N 167 
ILE CG2 HG23 sing N N 168 
ILE CD1 HD11 sing N N 169 
ILE CD1 HD12 sing N N 170 
ILE CD1 HD13 sing N N 171 
ILE OXT HXT  sing N N 172 
LEU N   CA   sing N N 173 
LEU N   H    sing N N 174 
LEU N   H2   sing N N 175 
LEU CA  C    sing N N 176 
LEU CA  CB   sing N N 177 
LEU CA  HA   sing N N 178 
LEU C   O    doub N N 179 
LEU C   OXT  sing N N 180 
LEU CB  CG   sing N N 181 
LEU CB  HB2  sing N N 182 
LEU CB  HB3  sing N N 183 
LEU CG  CD1  sing N N 184 
LEU CG  CD2  sing N N 185 
LEU CG  HG   sing N N 186 
LEU CD1 HD11 sing N N 187 
LEU CD1 HD12 sing N N 188 
LEU CD1 HD13 sing N N 189 
LEU CD2 HD21 sing N N 190 
LEU CD2 HD22 sing N N 191 
LEU CD2 HD23 sing N N 192 
LEU OXT HXT  sing N N 193 
LYS N   CA   sing N N 194 
LYS N   H    sing N N 195 
LYS N   H2   sing N N 196 
LYS CA  C    sing N N 197 
LYS CA  CB   sing N N 198 
LYS CA  HA   sing N N 199 
LYS C   O    doub N N 200 
LYS C   OXT  sing N N 201 
LYS CB  CG   sing N N 202 
LYS CB  HB2  sing N N 203 
LYS CB  HB3  sing N N 204 
LYS CG  CD   sing N N 205 
LYS CG  HG2  sing N N 206 
LYS CG  HG3  sing N N 207 
LYS CD  CE   sing N N 208 
LYS CD  HD2  sing N N 209 
LYS CD  HD3  sing N N 210 
LYS CE  NZ   sing N N 211 
LYS CE  HE2  sing N N 212 
LYS CE  HE3  sing N N 213 
LYS NZ  HZ1  sing N N 214 
LYS NZ  HZ2  sing N N 215 
LYS NZ  HZ3  sing N N 216 
LYS OXT HXT  sing N N 217 
MET N   CA   sing N N 218 
MET N   H    sing N N 219 
MET N   H2   sing N N 220 
MET CA  C    sing N N 221 
MET CA  CB   sing N N 222 
MET CA  HA   sing N N 223 
MET C   O    doub N N 224 
MET C   OXT  sing N N 225 
MET CB  CG   sing N N 226 
MET CB  HB2  sing N N 227 
MET CB  HB3  sing N N 228 
MET CG  SD   sing N N 229 
MET CG  HG2  sing N N 230 
MET CG  HG3  sing N N 231 
MET SD  CE   sing N N 232 
MET CE  HE1  sing N N 233 
MET CE  HE2  sing N N 234 
MET CE  HE3  sing N N 235 
MET OXT HXT  sing N N 236 
PHE N   CA   sing N N 237 
PHE N   H    sing N N 238 
PHE N   H2   sing N N 239 
PHE CA  C    sing N N 240 
PHE CA  CB   sing N N 241 
PHE CA  HA   sing N N 242 
PHE C   O    doub N N 243 
PHE C   OXT  sing N N 244 
PHE CB  CG   sing N N 245 
PHE CB  HB2  sing N N 246 
PHE CB  HB3  sing N N 247 
PHE CG  CD1  doub Y N 248 
PHE CG  CD2  sing Y N 249 
PHE CD1 CE1  sing Y N 250 
PHE CD1 HD1  sing N N 251 
PHE CD2 CE2  doub Y N 252 
PHE CD2 HD2  sing N N 253 
PHE CE1 CZ   doub Y N 254 
PHE CE1 HE1  sing N N 255 
PHE CE2 CZ   sing Y N 256 
PHE CE2 HE2  sing N N 257 
PHE CZ  HZ   sing N N 258 
PHE OXT HXT  sing N N 259 
PRO N   CA   sing N N 260 
PRO N   CD   sing N N 261 
PRO N   H    sing N N 262 
PRO CA  C    sing N N 263 
PRO CA  CB   sing N N 264 
PRO CA  HA   sing N N 265 
PRO C   O    doub N N 266 
PRO C   OXT  sing N N 267 
PRO CB  CG   sing N N 268 
PRO CB  HB2  sing N N 269 
PRO CB  HB3  sing N N 270 
PRO CG  CD   sing N N 271 
PRO CG  HG2  sing N N 272 
PRO CG  HG3  sing N N 273 
PRO CD  HD2  sing N N 274 
PRO CD  HD3  sing N N 275 
PRO OXT HXT  sing N N 276 
SER N   CA   sing N N 277 
SER N   H    sing N N 278 
SER N   H2   sing N N 279 
SER CA  C    sing N N 280 
SER CA  CB   sing N N 281 
SER CA  HA   sing N N 282 
SER C   O    doub N N 283 
SER C   OXT  sing N N 284 
SER CB  OG   sing N N 285 
SER CB  HB2  sing N N 286 
SER CB  HB3  sing N N 287 
SER OG  HG   sing N N 288 
SER OXT HXT  sing N N 289 
THR N   CA   sing N N 290 
THR N   H    sing N N 291 
THR N   H2   sing N N 292 
THR CA  C    sing N N 293 
THR CA  CB   sing N N 294 
THR CA  HA   sing N N 295 
THR C   O    doub N N 296 
THR C   OXT  sing N N 297 
THR CB  OG1  sing N N 298 
THR CB  CG2  sing N N 299 
THR CB  HB   sing N N 300 
THR OG1 HG1  sing N N 301 
THR CG2 HG21 sing N N 302 
THR CG2 HG22 sing N N 303 
THR CG2 HG23 sing N N 304 
THR OXT HXT  sing N N 305 
TRP N   CA   sing N N 306 
TRP N   H    sing N N 307 
TRP N   H2   sing N N 308 
TRP CA  C    sing N N 309 
TRP CA  CB   sing N N 310 
TRP CA  HA   sing N N 311 
TRP C   O    doub N N 312 
TRP C   OXT  sing N N 313 
TRP CB  CG   sing N N 314 
TRP CB  HB2  sing N N 315 
TRP CB  HB3  sing N N 316 
TRP CG  CD1  doub Y N 317 
TRP CG  CD2  sing Y N 318 
TRP CD1 NE1  sing Y N 319 
TRP CD1 HD1  sing N N 320 
TRP CD2 CE2  doub Y N 321 
TRP CD2 CE3  sing Y N 322 
TRP NE1 CE2  sing Y N 323 
TRP NE1 HE1  sing N N 324 
TRP CE2 CZ2  sing Y N 325 
TRP CE3 CZ3  doub Y N 326 
TRP CE3 HE3  sing N N 327 
TRP CZ2 CH2  doub Y N 328 
TRP CZ2 HZ2  sing N N 329 
TRP CZ3 CH2  sing Y N 330 
TRP CZ3 HZ3  sing N N 331 
TRP CH2 HH2  sing N N 332 
TRP OXT HXT  sing N N 333 
TYR N   CA   sing N N 334 
TYR N   H    sing N N 335 
TYR N   H2   sing N N 336 
TYR CA  C    sing N N 337 
TYR CA  CB   sing N N 338 
TYR CA  HA   sing N N 339 
TYR C   O    doub N N 340 
TYR C   OXT  sing N N 341 
TYR CB  CG   sing N N 342 
TYR CB  HB2  sing N N 343 
TYR CB  HB3  sing N N 344 
TYR CG  CD1  doub Y N 345 
TYR CG  CD2  sing Y N 346 
TYR CD1 CE1  sing Y N 347 
TYR CD1 HD1  sing N N 348 
TYR CD2 CE2  doub Y N 349 
TYR CD2 HD2  sing N N 350 
TYR CE1 CZ   doub Y N 351 
TYR CE1 HE1  sing N N 352 
TYR CE2 CZ   sing Y N 353 
TYR CE2 HE2  sing N N 354 
TYR CZ  OH   sing N N 355 
TYR OH  HH   sing N N 356 
TYR OXT HXT  sing N N 357 
VAL N   CA   sing N N 358 
VAL N   H    sing N N 359 
VAL N   H2   sing N N 360 
VAL CA  C    sing N N 361 
VAL CA  CB   sing N N 362 
VAL CA  HA   sing N N 363 
VAL C   O    doub N N 364 
VAL C   OXT  sing N N 365 
VAL CB  CG1  sing N N 366 
VAL CB  CG2  sing N N 367 
VAL CB  HB   sing N N 368 
VAL CG1 HG11 sing N N 369 
VAL CG1 HG12 sing N N 370 
VAL CG1 HG13 sing N N 371 
VAL CG2 HG21 sing N N 372 
VAL CG2 HG22 sing N N 373 
VAL CG2 HG23 sing N N 374 
VAL OXT HXT  sing N N 375 
# 
_atom_sites.entry_id                    1IHC 
_atom_sites.fract_transf_matrix[1][1]   -0.00108620 
_atom_sites.fract_transf_matrix[1][2]   0.00436403 
_atom_sites.fract_transf_matrix[1][3]   -0.01697117 
_atom_sites.fract_transf_matrix[2][1]   0.00189464 
_atom_sites.fract_transf_matrix[2][2]   0.01675432 
_atom_sites.fract_transf_matrix[2][3]   -0.00489400 
_atom_sites.fract_transf_matrix[3][1]   0.00861195 
_atom_sites.fract_transf_matrix[3][2]   -0.00122704 
_atom_sites.fract_transf_matrix[3][3]   -0.00086671 
_atom_sites.fract_transf_vector[1]      0.267817 
_atom_sites.fract_transf_vector[2]      0.376657 
_atom_sites.fract_transf_vector[3]      0.688611 
# 
loop_
_atom_type.symbol 
C 
N 
O 
S 
# 
loop_
_atom_site.group_PDB 
_atom_site.id 
_atom_site.type_symbol 
_atom_site.label_atom_id 
_atom_site.label_alt_id 
_atom_site.label_comp_id 
_atom_site.label_asym_id 
_atom_site.label_entity_id 
_atom_site.label_seq_id 
_atom_site.pdbx_PDB_ins_code 
_atom_site.Cartn_x 
_atom_site.Cartn_y 
_atom_site.Cartn_z 
_atom_site.occupancy 
_atom_site.B_iso_or_equiv 
_atom_site.pdbx_formal_charge 
_atom_site.auth_seq_id 
_atom_site.auth_comp_id 
_atom_site.auth_asym_id 
_atom_site.auth_atom_id 
_atom_site.pdbx_PDB_model_num 
ATOM   1    N N   . HIS A 1 13  ? -4.607  -8.688  -19.071 1.00 53.14 ? 13  HIS A N   1 
ATOM   2    C CA  . HIS A 1 13  ? -5.013  -7.511  -18.238 1.00 53.36 ? 13  HIS A CA  1 
ATOM   3    C C   . HIS A 1 13  ? -5.581  -7.895  -16.862 1.00 52.01 ? 13  HIS A C   1 
ATOM   4    O O   . HIS A 1 13  ? -6.704  -7.521  -16.502 1.00 52.42 ? 13  HIS A O   1 
ATOM   5    C CB  . HIS A 1 13  ? -6.030  -6.651  -19.003 1.00 55.22 ? 13  HIS A CB  1 
ATOM   6    C CG  . HIS A 1 13  ? -5.427  -5.448  -19.666 1.00 57.06 ? 13  HIS A CG  1 
ATOM   7    N ND1 . HIS A 1 13  ? -4.286  -5.512  -20.434 1.00 57.93 ? 13  HIS A ND1 1 
ATOM   8    C CD2 . HIS A 1 13  ? -5.822  -4.150  -19.687 1.00 57.95 ? 13  HIS A CD2 1 
ATOM   9    C CE1 . HIS A 1 13  ? -4.000  -4.310  -20.900 1.00 58.42 ? 13  HIS A CE1 1 
ATOM   10   N NE2 . HIS A 1 13  ? -4.917  -3.464  -20.462 1.00 58.15 ? 13  HIS A NE2 1 
ATOM   11   N N   . GLN A 1 14  ? -4.789  -8.648  -16.104 1.00 48.53 ? 14  GLN A N   1 
ATOM   12   C CA  . GLN A 1 14  ? -5.156  -9.077  -14.760 1.00 44.63 ? 14  GLN A CA  1 
ATOM   13   C C   . GLN A 1 14  ? -4.484  -8.113  -13.778 1.00 41.50 ? 14  GLN A C   1 
ATOM   14   O O   . GLN A 1 14  ? -3.485  -7.472  -14.123 1.00 41.55 ? 14  GLN A O   1 
ATOM   15   C CB  . GLN A 1 14  ? -4.659  -10.507 -14.524 1.00 45.47 ? 14  GLN A CB  1 
ATOM   16   C CG  . GLN A 1 14  ? -4.758  -10.996 -13.088 1.00 45.84 ? 14  GLN A CG  1 
ATOM   17   C CD  . GLN A 1 14  ? -4.386  -12.457 -12.952 1.00 45.80 ? 14  GLN A CD  1 
ATOM   18   O OE1 . GLN A 1 14  ? -5.086  -13.334 -13.459 0.00 45.86 ? 14  GLN A OE1 1 
ATOM   19   N NE2 . GLN A 1 14  ? -3.279  -12.728 -12.270 0.00 45.85 ? 14  GLN A NE2 1 
ATOM   20   N N   . ILE A 1 15  ? -5.028  -7.998  -12.567 1.00 36.72 ? 15  ILE A N   1 
ATOM   21   C CA  . ILE A 1 15  ? -4.454  -7.098  -11.564 1.00 31.91 ? 15  ILE A CA  1 
ATOM   22   C C   . ILE A 1 15  ? -3.713  -7.866  -10.475 1.00 28.49 ? 15  ILE A C   1 
ATOM   23   O O   . ILE A 1 15  ? -4.336  -8.436  -9.579  1.00 27.67 ? 15  ILE A O   1 
ATOM   24   C CB  . ILE A 1 15  ? -5.540  -6.234  -10.886 1.00 30.84 ? 15  ILE A CB  1 
ATOM   25   C CG1 . ILE A 1 15  ? -6.384  -5.525  -11.950 1.00 30.60 ? 15  ILE A CG1 1 
ATOM   26   C CG2 . ILE A 1 15  ? -4.882  -5.212  -9.958  1.00 29.03 ? 15  ILE A CG2 1 
ATOM   27   C CD1 . ILE A 1 15  ? -7.457  -4.615  -11.380 1.00 30.96 ? 15  ILE A CD1 1 
ATOM   28   N N   . ARG A 1 16  ? -2.387  -7.869  -10.556 1.00 24.41 ? 16  ARG A N   1 
ATOM   29   C CA  . ARG A 1 16  ? -1.565  -8.569  -9.581  1.00 22.07 ? 16  ARG A CA  1 
ATOM   30   C C   . ARG A 1 16  ? -1.232  -7.669  -8.402  1.00 21.15 ? 16  ARG A C   1 
ATOM   31   O O   . ARG A 1 16  ? -0.421  -6.750  -8.511  1.00 20.75 ? 16  ARG A O   1 
ATOM   32   C CB  . ARG A 1 16  ? -0.309  -9.091  -10.268 1.00 20.46 ? 16  ARG A CB  1 
ATOM   33   C CG  . ARG A 1 16  ? -0.650  -10.173 -11.288 1.00 22.15 ? 16  ARG A CG  1 
ATOM   34   C CD  . ARG A 1 16  ? 0.539   -10.581 -12.151 1.00 24.99 ? 16  ARG A CD  1 
ATOM   35   N NE  . ARG A 1 16  ? 1.627   -11.119 -11.350 1.00 23.89 ? 16  ARG A NE  1 
ATOM   36   C CZ  . ARG A 1 16  ? 2.754   -10.467 -11.095 1.00 26.69 ? 16  ARG A CZ  1 
ATOM   37   N NH1 . ARG A 1 16  ? 3.693   -11.035 -10.345 1.00 25.16 ? 16  ARG A NH1 1 
ATOM   38   N NH2 . ARG A 1 16  ? 2.951   -9.250  -11.604 1.00 26.95 ? 16  ARG A NH2 1 
ATOM   39   N N   . VAL A 1 17  ? -1.869  -7.959  -7.271  1.00 19.88 ? 17  VAL A N   1 
ATOM   40   C CA  . VAL A 1 17  ? -1.723  -7.174  -6.046  1.00 20.22 ? 17  VAL A CA  1 
ATOM   41   C C   . VAL A 1 17  ? -0.897  -7.782  -4.911  1.00 20.88 ? 17  VAL A C   1 
ATOM   42   O O   . VAL A 1 17  ? -0.917  -8.999  -4.681  1.00 21.90 ? 17  VAL A O   1 
ATOM   43   C CB  . VAL A 1 17  ? -3.115  -6.840  -5.453  1.00 19.72 ? 17  VAL A CB  1 
ATOM   44   C CG1 . VAL A 1 17  ? -2.968  -5.917  -4.255  1.00 17.07 ? 17  VAL A CG1 1 
ATOM   45   C CG2 . VAL A 1 17  ? -4.007  -6.228  -6.525  1.00 19.28 ? 17  VAL A CG2 1 
ATOM   46   N N   . GLY A 1 18  ? -0.191  -6.915  -4.191  1.00 19.07 ? 18  GLY A N   1 
ATOM   47   C CA  . GLY A 1 18  ? 0.604   -7.348  -3.057  1.00 18.31 ? 18  GLY A CA  1 
ATOM   48   C C   . GLY A 1 18  ? 0.115   -6.652  -1.796  1.00 19.45 ? 18  GLY A C   1 
ATOM   49   O O   . GLY A 1 18  ? -0.157  -5.449  -1.813  1.00 19.75 ? 18  GLY A O   1 
ATOM   50   N N   . VAL A 1 19  ? -0.031  -7.400  -0.706  1.00 18.00 ? 19  VAL A N   1 
ATOM   51   C CA  . VAL A 1 19  ? -0.461  -6.814  0.560   1.00 17.60 ? 19  VAL A CA  1 
ATOM   52   C C   . VAL A 1 19  ? 0.718   -6.945  1.517   1.00 17.02 ? 19  VAL A C   1 
ATOM   53   O O   . VAL A 1 19  ? 1.230   -8.040  1.740   1.00 16.00 ? 19  VAL A O   1 
ATOM   54   C CB  . VAL A 1 19  ? -1.709  -7.532  1.143   1.00 17.01 ? 19  VAL A CB  1 
ATOM   55   C CG1 . VAL A 1 19  ? -2.072  -6.945  2.488   1.00 16.53 ? 19  VAL A CG1 1 
ATOM   56   C CG2 . VAL A 1 19  ? -2.876  -7.361  0.204   1.00 14.58 ? 19  VAL A CG2 1 
ATOM   57   N N   . LEU A 1 20  ? 1.163   -5.817  2.061   1.00 17.18 ? 20  LEU A N   1 
ATOM   58   C CA  . LEU A 1 20  ? 2.305   -5.824  2.961   1.00 17.34 ? 20  LEU A CA  1 
ATOM   59   C C   . LEU A 1 20  ? 1.910   -5.311  4.322   1.00 18.49 ? 20  LEU A C   1 
ATOM   60   O O   . LEU A 1 20  ? 1.545   -4.138  4.481   1.00 17.24 ? 20  LEU A O   1 
ATOM   61   C CB  . LEU A 1 20  ? 3.433   -4.963  2.393   1.00 15.28 ? 20  LEU A CB  1 
ATOM   62   C CG  . LEU A 1 20  ? 4.716   -4.861  3.216   1.00 16.98 ? 20  LEU A CG  1 
ATOM   63   C CD1 . LEU A 1 20  ? 5.317   -6.244  3.419   1.00 17.71 ? 20  LEU A CD1 1 
ATOM   64   C CD2 . LEU A 1 20  ? 5.704   -3.951  2.499   1.00 15.42 ? 20  LEU A CD2 1 
ATOM   65   N N   . THR A 1 21  ? 1.980   -6.199  5.306   1.00 18.08 ? 21  THR A N   1 
ATOM   66   C CA  . THR A 1 21  ? 1.635   -5.837  6.669   1.00 19.09 ? 21  THR A CA  1 
ATOM   67   C C   . THR A 1 21  ? 2.877   -5.428  7.442   1.00 19.01 ? 21  THR A C   1 
ATOM   68   O O   . THR A 1 21  ? 3.812   -6.210  7.597   1.00 19.18 ? 21  THR A O   1 
ATOM   69   C CB  . THR A 1 21  ? 0.951   -6.999  7.400   1.00 18.96 ? 21  THR A CB  1 
ATOM   70   O OG1 . THR A 1 21  ? -0.292  -7.304  6.750   1.00 20.00 ? 21  THR A OG1 1 
ATOM   71   C CG2 . THR A 1 21  ? 0.692   -6.625  8.852   1.00 17.44 ? 21  THR A CG2 1 
ATOM   72   N N   . VAL A 1 22  ? 2.879   -4.192  7.918   1.00 18.11 ? 22  VAL A N   1 
ATOM   73   C CA  . VAL A 1 22  ? 4.000   -3.666  8.676   1.00 18.41 ? 22  VAL A CA  1 
ATOM   74   C C   . VAL A 1 22  ? 3.579   -3.521  10.129  1.00 18.40 ? 22  VAL A C   1 
ATOM   75   O O   . VAL A 1 22  ? 2.729   -2.696  10.465  1.00 16.64 ? 22  VAL A O   1 
ATOM   76   C CB  . VAL A 1 22  ? 4.432   -2.295  8.143   1.00 18.94 ? 22  VAL A CB  1 
ATOM   77   C CG1 . VAL A 1 22  ? 5.771   -1.907  8.749   1.00 19.97 ? 22  VAL A CG1 1 
ATOM   78   C CG2 . VAL A 1 22  ? 4.515   -2.336  6.631   1.00 19.28 ? 22  VAL A CG2 1 
ATOM   79   N N   . SER A 1 23  ? 4.185   -4.323  10.993  1.00 20.62 ? 23  SER A N   1 
ATOM   80   C CA  . SER A 1 23  ? 3.835   -4.298  12.401  1.00 22.58 ? 23  SER A CA  1 
ATOM   81   C C   . SER A 1 23  ? 4.674   -5.247  13.237  1.00 23.08 ? 23  SER A C   1 
ATOM   82   O O   . SER A 1 23  ? 4.673   -6.450  12.984  1.00 24.47 ? 23  SER A O   1 
ATOM   83   C CB  . SER A 1 23  ? 2.361   -4.671  12.559  1.00 22.37 ? 23  SER A CB  1 
ATOM   84   O OG  . SER A 1 23  ? 2.103   -5.224  13.840  1.00 25.43 ? 23  SER A OG  1 
ATOM   85   N N   . ASP A 1 24  ? 5.382   -4.702  14.228  1.00 24.53 ? 24  ASP A N   1 
ATOM   86   C CA  . ASP A 1 24  ? 6.195   -5.511  15.133  1.00 25.43 ? 24  ASP A CA  1 
ATOM   87   C C   . ASP A 1 24  ? 5.280   -6.516  15.844  1.00 25.89 ? 24  ASP A C   1 
ATOM   88   O O   . ASP A 1 24  ? 5.635   -7.671  16.023  1.00 26.44 ? 24  ASP A O   1 
ATOM   89   C CB  . ASP A 1 24  ? 6.878   -4.635  16.192  1.00 26.95 ? 24  ASP A CB  1 
ATOM   90   C CG  . ASP A 1 24  ? 7.940   -3.711  15.608  1.00 30.29 ? 24  ASP A CG  1 
ATOM   91   O OD1 . ASP A 1 24  ? 8.664   -4.133  14.680  1.00 32.42 ? 24  ASP A OD1 1 
ATOM   92   O OD2 . ASP A 1 24  ? 8.066   -2.565  16.098  1.00 31.47 ? 24  ASP A OD2 1 
ATOM   93   N N   . SER A 1 25  ? 4.094   -6.066  16.237  1.00 25.87 ? 25  SER A N   1 
ATOM   94   C CA  . SER A 1 25  ? 3.155   -6.931  16.933  1.00 27.63 ? 25  SER A CA  1 
ATOM   95   C C   . SER A 1 25  ? 2.823   -8.202  16.153  1.00 29.34 ? 25  SER A C   1 
ATOM   96   O O   . SER A 1 25  ? 2.985   -9.307  16.677  1.00 30.29 ? 25  SER A O   1 
ATOM   97   C CB  . SER A 1 25  ? 1.869   -6.160  17.252  1.00 27.48 ? 25  SER A CB  1 
ATOM   98   O OG  . SER A 1 25  ? 0.945   -6.974  17.952  0.00 27.56 ? 25  SER A OG  1 
ATOM   99   N N   . CYS A 1 26  ? 2.357   -8.061  14.911  1.00 28.87 ? 26  CYS A N   1 
ATOM   100  C CA  . CYS A 1 26  ? 2.017   -9.229  14.091  1.00 29.13 ? 26  CYS A CA  1 
ATOM   101  C C   . CYS A 1 26  ? 3.250   -10.050 13.714  1.00 27.44 ? 26  CYS A C   1 
ATOM   102  O O   . CYS A 1 26  ? 3.188   -11.271 13.612  1.00 26.23 ? 26  CYS A O   1 
ATOM   103  C CB  . CYS A 1 26  ? 1.306   -8.801  12.802  1.00 30.14 ? 26  CYS A CB  1 
ATOM   104  S SG  . CYS A 1 26  ? -0.290  -8.014  13.039  1.00 35.31 ? 26  CYS A SG  1 
ATOM   105  N N   . PHE A 1 27  ? 4.367   -9.367  13.495  1.00 27.55 ? 27  PHE A N   1 
ATOM   106  C CA  . PHE A 1 27  ? 5.605   -10.039 13.120  1.00 28.74 ? 27  PHE A CA  1 
ATOM   107  C C   . PHE A 1 27  ? 6.060   -11.007 14.219  1.00 30.23 ? 27  PHE A C   1 
ATOM   108  O O   . PHE A 1 27  ? 6.564   -12.098 13.933  1.00 30.40 ? 27  PHE A O   1 
ATOM   109  C CB  . PHE A 1 27  ? 6.695   -9.001  12.849  1.00 26.55 ? 27  PHE A CB  1 
ATOM   110  C CG  . PHE A 1 27  ? 7.971   -9.585  12.325  1.00 26.35 ? 27  PHE A CG  1 
ATOM   111  C CD1 . PHE A 1 27  ? 8.010   -10.197 11.078  1.00 25.69 ? 27  PHE A CD1 1 
ATOM   112  C CD2 . PHE A 1 27  ? 9.134   -9.532  13.079  1.00 25.92 ? 27  PHE A CD2 1 
ATOM   113  C CE1 . PHE A 1 27  ? 9.194   -10.752 10.590  1.00 26.75 ? 27  PHE A CE1 1 
ATOM   114  C CE2 . PHE A 1 27  ? 10.321  -10.086 12.598  1.00 26.19 ? 27  PHE A CE2 1 
ATOM   115  C CZ  . PHE A 1 27  ? 10.350  -10.693 11.354  1.00 25.45 ? 27  PHE A CZ  1 
ATOM   116  N N   . ARG A 1 28  ? 5.870   -10.602 15.473  1.00 31.80 ? 28  ARG A N   1 
ATOM   117  C CA  . ARG A 1 28  ? 6.251   -11.425 16.619  1.00 32.66 ? 28  ARG A CA  1 
ATOM   118  C C   . ARG A 1 28  ? 5.065   -12.285 17.087  1.00 31.96 ? 28  ARG A C   1 
ATOM   119  O O   . ARG A 1 28  ? 5.034   -12.805 18.203  1.00 31.35 ? 28  ARG A O   1 
ATOM   120  C CB  . ARG A 1 28  ? 6.784   -10.514 17.732  1.00 34.05 ? 28  ARG A CB  1 
ATOM   121  C CG  . ARG A 1 28  ? 8.038   -9.753  17.287  1.00 38.70 ? 28  ARG A CG  1 
ATOM   122  C CD  . ARG A 1 28  ? 8.457   -8.613  18.216  1.00 43.12 ? 28  ARG A CD  1 
ATOM   123  N NE  . ARG A 1 28  ? 8.803   -7.422  17.425  1.00 48.67 ? 28  ARG A NE  1 
ATOM   124  C CZ  . ARG A 1 28  ? 9.923   -6.711  17.551  1.00 48.47 ? 28  ARG A CZ  1 
ATOM   125  N NH1 . ARG A 1 28  ? 10.122  -5.651  16.778  0.00 48.54 ? 28  ARG A NH1 1 
ATOM   126  N NH2 . ARG A 1 28  ? 10.840  -7.054  18.443  0.00 48.59 ? 28  ARG A NH2 1 
ATOM   127  N N   . ASN A 1 29  ? 4.087   -12.428 16.201  1.00 30.96 ? 29  ASN A N   1 
ATOM   128  C CA  . ASN A 1 29  ? 2.912   -13.241 16.462  1.00 31.69 ? 29  ASN A CA  1 
ATOM   129  C C   . ASN A 1 29  ? 2.139   -12.860 17.726  1.00 32.46 ? 29  ASN A C   1 
ATOM   130  O O   . ASN A 1 29  ? 1.428   -13.680 18.310  1.00 33.18 ? 29  ASN A O   1 
ATOM   131  C CB  . ASN A 1 29  ? 3.328   -14.719 16.495  1.00 32.91 ? 29  ASN A CB  1 
ATOM   132  C CG  . ASN A 1 29  ? 2.155   -15.668 16.313  1.00 33.53 ? 29  ASN A CG  1 
ATOM   133  O OD1 . ASN A 1 29  ? 1.240   -15.411 15.530  0.50 32.86 ? 29  ASN A OD1 1 
ATOM   134  N ND2 . ASN A 1 29  ? 2.189   -16.785 17.027  0.50 33.76 ? 29  ASN A ND2 1 
ATOM   135  N N   . LEU A 1 30  ? 2.261   -11.608 18.139  1.00 32.61 ? 30  LEU A N   1 
ATOM   136  C CA  . LEU A 1 30  ? 1.549   -11.143 19.317  1.00 33.86 ? 30  LEU A CA  1 
ATOM   137  C C   . LEU A 1 30  ? 0.102   -10.860 18.960  1.00 34.37 ? 30  LEU A C   1 
ATOM   138  O O   . LEU A 1 30  ? -0.749  -10.752 19.834  1.00 36.87 ? 30  LEU A O   1 
ATOM   139  C CB  . LEU A 1 30  ? 2.182   -9.865  19.866  1.00 33.66 ? 30  LEU A CB  1 
ATOM   140  C CG  . LEU A 1 30  ? 3.448   -9.965  20.711  1.00 33.81 ? 30  LEU A CG  1 
ATOM   141  C CD1 . LEU A 1 30  ? 4.530   -10.700 19.974  1.00 34.92 ? 30  LEU A CD1 1 
ATOM   142  C CD2 . LEU A 1 30  ? 3.907   -8.569  21.047  1.00 33.71 ? 30  LEU A CD2 1 
ATOM   143  N N   . ALA A 1 31  ? -0.186  -10.736 17.672  1.00 34.61 ? 31  ALA A N   1 
ATOM   144  C CA  . ALA A 1 31  ? -1.548  -10.445 17.252  1.00 35.40 ? 31  ALA A CA  1 
ATOM   145  C C   . ALA A 1 31  ? -1.865  -10.999 15.871  1.00 36.09 ? 31  ALA A C   1 
ATOM   146  O O   . ALA A 1 31  ? -0.970  -11.173 15.047  1.00 37.25 ? 31  ALA A O   1 
ATOM   147  C CB  . ALA A 1 31  ? -1.776  -8.940  17.266  1.00 35.32 ? 31  ALA A CB  1 
ATOM   148  N N   . GLU A 1 32  ? -3.146  -11.264 15.625  1.00 35.83 ? 32  GLU A N   1 
ATOM   149  C CA  . GLU A 1 32  ? -3.600  -11.777 14.337  1.00 36.20 ? 32  GLU A CA  1 
ATOM   150  C C   . GLU A 1 32  ? -3.662  -10.621 13.332  1.00 35.99 ? 32  GLU A C   1 
ATOM   151  O O   . GLU A 1 32  ? -4.101  -9.526  13.683  1.00 36.53 ? 32  GLU A O   1 
ATOM   152  C CB  . GLU A 1 32  ? -4.997  -12.401 14.479  1.00 37.51 ? 32  GLU A CB  1 
ATOM   153  C CG  . GLU A 1 32  ? -6.089  -11.418 14.882  0.00 37.14 ? 32  GLU A CG  1 
ATOM   154  C CD  . GLU A 1 32  ? -6.211  -11.238 16.385  0.00 37.29 ? 32  GLU A CD  1 
ATOM   155  O OE1 . GLU A 1 32  ? -5.174  -11.074 17.061  0.00 37.28 ? 32  GLU A OE1 1 
ATOM   156  O OE2 . GLU A 1 32  ? -7.353  -11.250 16.892  0.00 37.27 ? 32  GLU A OE2 1 
ATOM   157  N N   . ASP A 1 33  ? -3.228  -10.855 12.090  1.00 35.18 ? 33  ASP A N   1 
ATOM   158  C CA  . ASP A 1 33  ? -3.267  -9.806  11.063  1.00 33.02 ? 33  ASP A CA  1 
ATOM   159  C C   . ASP A 1 33  ? -4.634  -9.714  10.380  1.00 32.28 ? 33  ASP A C   1 
ATOM   160  O O   . ASP A 1 33  ? -4.778  -10.070 9.212   1.00 32.72 ? 33  ASP A O   1 
ATOM   161  C CB  . ASP A 1 33  ? -2.191  -10.047 9.996   1.00 31.63 ? 33  ASP A CB  1 
ATOM   162  C CG  . ASP A 1 33  ? -2.202  -8.981  8.904   1.00 31.40 ? 33  ASP A CG  1 
ATOM   163  O OD1 . ASP A 1 33  ? -2.502  -7.805  9.213   1.00 30.20 ? 33  ASP A OD1 1 
ATOM   164  O OD2 . ASP A 1 33  ? -1.899  -9.310  7.737   1.00 31.79 ? 33  ASP A OD2 1 
ATOM   165  N N   . ARG A 1 34  ? -5.632  -9.226  11.109  1.00 31.60 ? 34  ARG A N   1 
ATOM   166  C CA  . ARG A 1 34  ? -6.980  -9.104  10.564  1.00 32.17 ? 34  ARG A CA  1 
ATOM   167  C C   . ARG A 1 34  ? -7.092  -8.119  9.396   1.00 31.22 ? 34  ARG A C   1 
ATOM   168  O O   . ARG A 1 34  ? -7.871  -8.334  8.460   1.00 31.16 ? 34  ARG A O   1 
ATOM   169  C CB  . ARG A 1 34  ? -7.946  -8.692  11.674  1.00 34.48 ? 34  ARG A CB  1 
ATOM   170  C CG  . ARG A 1 34  ? -7.986  -9.669  12.837  1.00 38.23 ? 34  ARG A CG  1 
ATOM   171  C CD  . ARG A 1 34  ? -9.114  -9.316  13.772  1.00 41.10 ? 34  ARG A CD  1 
ATOM   172  N NE  . ARG A 1 34  ? -9.037  -7.918  14.185  1.00 44.04 ? 34  ARG A NE  1 
ATOM   173  C CZ  . ARG A 1 34  ? -10.068 -7.079  14.199  1.00 46.00 ? 34  ARG A CZ  1 
ATOM   174  N NH1 . ARG A 1 34  ? -11.270 -7.490  13.820  0.50 45.76 ? 34  ARG A NH1 1 
ATOM   175  N NH2 . ARG A 1 34  ? -9.893  -5.822  14.593  0.50 45.83 ? 34  ARG A NH2 1 
ATOM   176  N N   . SER A 1 35  ? -6.326  -7.034  9.464   1.00 29.18 ? 35  SER A N   1 
ATOM   177  C CA  . SER A 1 35  ? -6.325  -6.008  8.420   1.00 26.69 ? 35  SER A CA  1 
ATOM   178  C C   . SER A 1 35  ? -5.810  -6.530  7.085   1.00 24.72 ? 35  SER A C   1 
ATOM   179  O O   . SER A 1 35  ? -6.436  -6.328  6.049   1.00 24.16 ? 35  SER A O   1 
ATOM   180  C CB  . SER A 1 35  ? -5.469  -4.820  8.853   1.00 26.24 ? 35  SER A CB  1 
ATOM   181  O OG  . SER A 1 35  ? -5.185  -3.989  7.746   0.75 27.66 ? 35  SER A OG  1 
ATOM   182  N N   . GLY A 1 36  ? -4.661  -7.193  7.117   1.00 24.29 ? 36  GLY A N   1 
ATOM   183  C CA  . GLY A 1 36  ? -4.083  -7.728  5.897   1.00 25.10 ? 36  GLY A CA  1 
ATOM   184  C C   . GLY A 1 36  ? -4.861  -8.889  5.298   1.00 26.60 ? 36  GLY A C   1 
ATOM   185  O O   . GLY A 1 36  ? -4.940  -9.034  4.073   1.00 27.86 ? 36  GLY A O   1 
ATOM   186  N N   . ILE A 1 37  ? -5.426  -9.739  6.150   1.00 26.85 ? 37  ILE A N   1 
ATOM   187  C CA  . ILE A 1 37  ? -6.205  -10.872 5.666   1.00 28.20 ? 37  ILE A CA  1 
ATOM   188  C C   . ILE A 1 37  ? -7.471  -10.319 5.009   1.00 27.83 ? 37  ILE A C   1 
ATOM   189  O O   . ILE A 1 37  ? -7.885  -10.775 3.939   1.00 28.15 ? 37  ILE A O   1 
ATOM   190  C CB  . ILE A 1 37  ? -6.601  -11.817 6.830   1.00 30.20 ? 37  ILE A CB  1 
ATOM   191  C CG1 . ILE A 1 37  ? -5.350  -12.428 7.471   1.00 30.99 ? 37  ILE A CG1 1 
ATOM   192  C CG2 . ILE A 1 37  ? -7.506  -12.930 6.317   1.00 30.97 ? 37  ILE A CG2 1 
ATOM   193  C CD1 . ILE A 1 37  ? -4.605  -13.396 6.579   1.00 33.22 ? 37  ILE A CD1 1 
ATOM   194  N N   . ASN A 1 38  ? -8.072  -9.319  5.654   1.00 27.75 ? 38  ASN A N   1 
ATOM   195  C CA  . ASN A 1 38  ? -9.290  -8.686  5.153   1.00 28.14 ? 38  ASN A CA  1 
ATOM   196  C C   . ASN A 1 38  ? -9.083  -7.896  3.865   1.00 28.50 ? 38  ASN A C   1 
ATOM   197  O O   . ASN A 1 38  ? -9.986  -7.822  3.029   1.00 30.33 ? 38  ASN A O   1 
ATOM   198  C CB  . ASN A 1 38  ? -9.875  -7.746  6.201   1.00 29.01 ? 38  ASN A CB  1 
ATOM   199  C CG  . ASN A 1 38  ? -11.160 -7.107  5.740   1.00 30.70 ? 38  ASN A CG  1 
ATOM   200  O OD1 . ASN A 1 38  ? -11.400 -5.928  5.985   1.00 34.02 ? 38  ASN A OD1 1 
ATOM   201  N ND2 . ASN A 1 38  ? -12.002 -7.884  5.070   1.00 29.96 ? 38  ASN A ND2 1 
ATOM   202  N N   . LEU A 1 39  ? -7.912  -7.279  3.718   1.00 27.02 ? 39  LEU A N   1 
ATOM   203  C CA  . LEU A 1 39  ? -7.611  -6.517  2.511   1.00 25.14 ? 39  LEU A CA  1 
ATOM   204  C C   . LEU A 1 39  ? -7.490  -7.499  1.362   1.00 23.87 ? 39  LEU A C   1 
ATOM   205  O O   . LEU A 1 39  ? -7.900  -7.210  0.245   1.00 23.85 ? 39  LEU A O   1 
ATOM   206  C CB  . LEU A 1 39  ? -6.297  -5.747  2.661   1.00 25.02 ? 39  LEU A CB  1 
ATOM   207  C CG  . LEU A 1 39  ? -6.280  -4.440  3.457   1.00 25.07 ? 39  LEU A CG  1 
ATOM   208  C CD1 . LEU A 1 39  ? -4.843  -3.937  3.601   1.00 22.79 ? 39  LEU A CD1 1 
ATOM   209  C CD2 . LEU A 1 39  ? -7.141  -3.408  2.744   1.00 23.45 ? 39  LEU A CD2 1 
ATOM   210  N N   . LYS A 1 40  ? -6.915  -8.664  1.639   1.00 24.94 ? 40  LYS A N   1 
ATOM   211  C CA  . LYS A 1 40  ? -6.769  -9.677  0.603   1.00 26.40 ? 40  LYS A CA  1 
ATOM   212  C C   . LYS A 1 40  ? -8.154  -10.130 0.154   1.00 27.28 ? 40  LYS A C   1 
ATOM   213  O O   . LYS A 1 40  ? -8.343  -10.492 -1.002  1.00 29.37 ? 40  LYS A O   1 
ATOM   214  C CB  . LYS A 1 40  ? -5.951  -10.873 1.114   1.00 26.13 ? 40  LYS A CB  1 
ATOM   215  C CG  . LYS A 1 40  ? -4.484  -10.558 1.351   1.00 27.05 ? 40  LYS A CG  1 
ATOM   216  C CD  . LYS A 1 40  ? -3.663  -11.811 1.595   1.00 27.24 ? 40  LYS A CD  1 
ATOM   217  C CE  . LYS A 1 40  ? -3.953  -12.420 2.954   1.00 28.89 ? 40  LYS A CE  1 
ATOM   218  N NZ  . LYS A 1 40  ? -3.134  -13.647 3.187   1.00 29.64 ? 40  LYS A NZ  1 
ATOM   219  N N   . ASP A 1 41  ? -9.122  -10.091 1.068   1.00 27.89 ? 41  ASP A N   1 
ATOM   220  C CA  . ASP A 1 41  ? -10.496 -10.483 0.764   1.00 28.83 ? 41  ASP A CA  1 
ATOM   221  C C   . ASP A 1 41  ? -11.194 -9.389  -0.029  1.00 29.91 ? 41  ASP A C   1 
ATOM   222  O O   . ASP A 1 41  ? -12.047 -9.667  -0.869  1.00 32.36 ? 41  ASP A O   1 
ATOM   223  C CB  . ASP A 1 41  ? -11.276 -10.748 2.056   1.00 28.64 ? 41  ASP A CB  1 
ATOM   224  C CG  . ASP A 1 41  ? -12.720 -11.148 1.801   1.00 28.42 ? 41  ASP A CG  1 
ATOM   225  O OD1 . ASP A 1 41  ? -13.465 -10.353 1.189   0.00 28.54 ? 41  ASP A OD1 1 
ATOM   226  O OD2 . ASP A 1 41  ? -13.111 -12.258 2.220   0.00 28.52 ? 41  ASP A OD2 1 
ATOM   227  N N   . LEU A 1 42  ? -10.827 -8.143  0.245   1.00 30.28 ? 42  LEU A N   1 
ATOM   228  C CA  . LEU A 1 42  ? -11.418 -6.994  -0.436  1.00 28.91 ? 42  LEU A CA  1 
ATOM   229  C C   . LEU A 1 42  ? -10.857 -6.821  -1.844  1.00 27.57 ? 42  LEU A C   1 
ATOM   230  O O   . LEU A 1 42  ? -11.576 -6.462  -2.773  1.00 27.40 ? 42  LEU A O   1 
ATOM   231  C CB  . LEU A 1 42  ? -11.153 -5.716  0.369   1.00 29.13 ? 42  LEU A CB  1 
ATOM   232  C CG  . LEU A 1 42  ? -11.704 -5.614  1.791   1.00 27.52 ? 42  LEU A CG  1 
ATOM   233  C CD1 . LEU A 1 42  ? -11.192 -4.347  2.443   1.00 25.53 ? 42  LEU A CD1 1 
ATOM   234  C CD2 . LEU A 1 42  ? -13.223 -5.612  1.745   1.00 28.80 ? 42  LEU A CD2 1 
ATOM   235  N N   . VAL A 1 43  ? -9.565  -7.078  -1.996  1.00 27.03 ? 43  VAL A N   1 
ATOM   236  C CA  . VAL A 1 43  ? -8.915  -6.934  -3.288  1.00 26.53 ? 43  VAL A CA  1 
ATOM   237  C C   . VAL A 1 43  ? -9.359  -7.996  -4.296  1.00 26.88 ? 43  VAL A C   1 
ATOM   238  O O   . VAL A 1 43  ? -9.472  -7.710  -5.483  1.00 26.26 ? 43  VAL A O   1 
ATOM   239  C CB  . VAL A 1 43  ? -7.373  -6.970  -3.139  1.00 24.91 ? 43  VAL A CB  1 
ATOM   240  C CG1 . VAL A 1 43  ? -6.902  -5.770  -2.332  0.25 23.24 ? 43  VAL A CG1 1 
ATOM   241  C CG2 . VAL A 1 43  ? -6.958  -8.240  -2.456  0.25 24.48 ? 43  VAL A CG2 1 
ATOM   242  N N   . GLN A 1 44  ? -9.631  -9.211  -3.829  1.00 27.49 ? 44  GLN A N   1 
ATOM   243  C CA  . GLN A 1 44  ? -10.047 -10.275 -4.734  1.00 29.47 ? 44  GLN A CA  1 
ATOM   244  C C   . GLN A 1 44  ? -11.537 -10.295 -5.066  1.00 30.92 ? 44  GLN A C   1 
ATOM   245  O O   . GLN A 1 44  ? -11.947 -11.004 -5.979  1.00 32.62 ? 44  GLN A O   1 
ATOM   246  C CB  . GLN A 1 44  ? -9.667  -11.630 -4.166  1.00 29.47 ? 44  GLN A CB  1 
ATOM   247  C CG  . GLN A 1 44  ? -8.215  -11.765 -3.795  1.00 30.87 ? 44  GLN A CG  1 
ATOM   248  C CD  . GLN A 1 44  ? -7.890  -13.167 -3.351  1.00 31.11 ? 44  GLN A CD  1 
ATOM   249  O OE1 . GLN A 1 44  ? -7.753  -14.068 -4.174  0.50 31.25 ? 44  GLN A OE1 1 
ATOM   250  N NE2 . GLN A 1 44  ? -7.785  -13.367 -2.041  0.50 30.30 ? 44  GLN A NE2 1 
ATOM   251  N N   . ASP A 1 45  ? -12.344 -9.526  -4.343  1.00 31.58 ? 45  ASP A N   1 
ATOM   252  C CA  . ASP A 1 45  ? -13.787 -9.506  -4.585  1.00 32.89 ? 45  ASP A CA  1 
ATOM   253  C C   . ASP A 1 45  ? -14.139 -8.944  -5.959  1.00 33.15 ? 45  ASP A C   1 
ATOM   254  O O   . ASP A 1 45  ? -13.760 -7.822  -6.296  1.00 33.00 ? 45  ASP A O   1 
ATOM   255  C CB  . ASP A 1 45  ? -14.498 -8.691  -3.507  1.00 34.81 ? 45  ASP A CB  1 
ATOM   256  C CG  . ASP A 1 45  ? -16.007 -8.857  -3.547  1.00 38.47 ? 45  ASP A CG  1 
ATOM   257  O OD1 . ASP A 1 45  ? -16.609 -8.744  -4.642  1.00 38.83 ? 45  ASP A OD1 1 
ATOM   258  O OD2 . ASP A 1 45  ? -16.596 -9.093  -2.472  1.00 40.83 ? 45  ASP A OD2 1 
ATOM   259  N N   . PRO A 1 46  ? -14.883 -9.717  -6.768  1.00 34.01 ? 46  PRO A N   1 
ATOM   260  C CA  . PRO A 1 46  ? -15.302 -9.322  -8.115  1.00 34.30 ? 46  PRO A CA  1 
ATOM   261  C C   . PRO A 1 46  ? -16.124 -8.043  -8.177  1.00 34.93 ? 46  PRO A C   1 
ATOM   262  O O   . PRO A 1 46  ? -16.095 -7.338  -9.183  1.00 36.75 ? 46  PRO A O   1 
ATOM   263  C CB  . PRO A 1 46  ? -16.093 -10.532 -8.595  1.00 34.71 ? 46  PRO A CB  1 
ATOM   264  C CG  . PRO A 1 46  ? -15.410 -11.666 -7.897  1.00 34.65 ? 46  PRO A CG  1 
ATOM   265  C CD  . PRO A 1 46  ? -15.253 -11.118 -6.503  1.00 34.33 ? 46  PRO A CD  1 
ATOM   266  N N   . SER A 1 47  ? -16.855 -7.743  -7.108  1.00 35.19 ? 47  SER A N   1 
ATOM   267  C CA  . SER A 1 47  ? -17.674 -6.536  -7.080  1.00 34.94 ? 47  SER A CA  1 
ATOM   268  C C   . SER A 1 47  ? -16.839 -5.318  -6.732  1.00 35.33 ? 47  SER A C   1 
ATOM   269  O O   . SER A 1 47  ? -17.287 -4.188  -6.899  1.00 35.09 ? 47  SER A O   1 
ATOM   270  C CB  . SER A 1 47  ? -18.808 -6.673  -6.059  1.00 35.52 ? 47  SER A CB  1 
ATOM   271  O OG  . SER A 1 47  ? -18.312 -6.810  -4.738  1.00 37.30 ? 47  SER A OG  1 
ATOM   272  N N   . LEU A 1 48  ? -15.620 -5.544  -6.251  1.00 35.67 ? 48  LEU A N   1 
ATOM   273  C CA  . LEU A 1 48  ? -14.745 -4.440  -5.866  1.00 35.12 ? 48  LEU A CA  1 
ATOM   274  C C   . LEU A 1 48  ? -13.624 -4.185  -6.865  1.00 34.49 ? 48  LEU A C   1 
ATOM   275  O O   . LEU A 1 48  ? -13.781 -3.388  -7.789  1.00 35.71 ? 48  LEU A O   1 
ATOM   276  C CB  . LEU A 1 48  ? -14.164 -4.700  -4.470  1.00 34.24 ? 48  LEU A CB  1 
ATOM   277  C CG  . LEU A 1 48  ? -15.231 -4.733  -3.370  1.00 34.07 ? 48  LEU A CG  1 
ATOM   278  C CD1 . LEU A 1 48  ? -14.622 -5.174  -2.061  1.00 33.52 ? 48  LEU A CD1 1 
ATOM   279  C CD2 . LEU A 1 48  ? -15.856 -3.345  -3.232  1.00 34.92 ? 48  LEU A CD2 1 
ATOM   280  N N   . LEU A 1 49  ? -12.492 -4.855  -6.682  1.00 33.84 ? 49  LEU A N   1 
ATOM   281  C CA  . LEU A 1 49  ? -11.358 -4.678  -7.583  1.00 32.54 ? 49  LEU A CA  1 
ATOM   282  C C   . LEU A 1 49  ? -11.177 -5.906  -8.467  1.00 31.88 ? 49  LEU A C   1 
ATOM   283  O O   . LEU A 1 49  ? -10.735 -5.800  -9.611  1.00 31.56 ? 49  LEU A O   1 
ATOM   284  C CB  . LEU A 1 49  ? -10.078 -4.432  -6.778  1.00 31.05 ? 49  LEU A CB  1 
ATOM   285  C CG  . LEU A 1 49  ? -8.816  -4.117  -7.582  1.00 30.76 ? 49  LEU A CG  1 
ATOM   286  C CD1 . LEU A 1 49  ? -9.010  -2.818  -8.373  1.00 28.91 ? 49  LEU A CD1 1 
ATOM   287  C CD2 . LEU A 1 49  ? -7.641  -3.994  -6.626  1.00 29.47 ? 49  LEU A CD2 1 
ATOM   288  N N   . GLY A 1 50  ? -11.529 -7.068  -7.924  1.00 31.53 ? 50  GLY A N   1 
ATOM   289  C CA  . GLY A 1 50  ? -11.393 -8.309  -8.664  1.00 31.62 ? 50  GLY A CA  1 
ATOM   290  C C   . GLY A 1 50  ? -9.954  -8.662  -9.001  1.00 32.57 ? 50  GLY A C   1 
ATOM   291  O O   . GLY A 1 50  ? -9.697  -9.309  -10.009 1.00 34.83 ? 50  GLY A O   1 
ATOM   292  N N   . GLY A 1 51  ? -9.004  -8.244  -8.174  1.00 31.73 ? 51  GLY A N   1 
ATOM   293  C CA  . GLY A 1 51  ? -7.618  -8.562  -8.465  1.00 31.54 ? 51  GLY A CA  1 
ATOM   294  C C   . GLY A 1 51  ? -7.211  -9.923  -7.937  1.00 31.08 ? 51  GLY A C   1 
ATOM   295  O O   . GLY A 1 51  ? -8.050  -10.680 -7.429  1.00 31.99 ? 51  GLY A O   1 
ATOM   296  N N   . THR A 1 52  ? -5.929  -10.245 -8.072  1.00 29.19 ? 52  THR A N   1 
ATOM   297  C CA  . THR A 1 52  ? -5.407  -11.506 -7.568  1.00 28.02 ? 52  THR A CA  1 
ATOM   298  C C   . THR A 1 52  ? -4.265  -11.204 -6.593  1.00 26.43 ? 52  THR A C   1 
ATOM   299  O O   . THR A 1 52  ? -3.463  -10.296 -6.818  1.00 25.94 ? 52  THR A O   1 
ATOM   300  C CB  . THR A 1 52  ? -4.898  -12.427 -8.720  1.00 29.02 ? 52  THR A CB  1 
ATOM   301  O OG1 . THR A 1 52  ? -3.471  -12.568 -8.658  1.00 30.67 ? 52  THR A OG1 1 
ATOM   302  C CG2 . THR A 1 52  ? -5.273  -11.842 -10.052 1.00 29.77 ? 52  THR A CG2 1 
ATOM   303  N N   . ILE A 1 53  ? -4.223  -11.942 -5.492  1.00 24.50 ? 53  ILE A N   1 
ATOM   304  C CA  . ILE A 1 53  ? -3.176  -11.763 -4.505  1.00 23.36 ? 53  ILE A CA  1 
ATOM   305  C C   . ILE A 1 53  ? -1.934  -12.446 -5.067  1.00 23.43 ? 53  ILE A C   1 
ATOM   306  O O   . ILE A 1 53  ? -1.902  -13.666 -5.229  1.00 23.58 ? 53  ILE A O   1 
ATOM   307  C CB  . ILE A 1 53  ? -3.556  -12.419 -3.163  1.00 23.94 ? 53  ILE A CB  1 
ATOM   308  C CG1 . ILE A 1 53  ? -4.872  -11.827 -2.656  1.00 25.06 ? 53  ILE A CG1 1 
ATOM   309  C CG2 . ILE A 1 53  ? -2.448  -12.192 -2.130  1.00 22.31 ? 53  ILE A CG2 1 
ATOM   310  C CD1 . ILE A 1 53  ? -4.791  -10.354 -2.341  1.00 26.10 ? 53  ILE A CD1 1 
ATOM   311  N N   . SER A 1 54  ? -0.914  -11.656 -5.374  1.00 23.52 ? 54  SER A N   1 
ATOM   312  C CA  . SER A 1 54  ? 0.317   -12.201 -5.932  1.00 22.06 ? 54  SER A CA  1 
ATOM   313  C C   . SER A 1 54  ? 1.470   -12.145 -4.954  1.00 22.53 ? 54  SER A C   1 
ATOM   314  O O   . SER A 1 54  ? 2.549   -12.673 -5.217  1.00 22.45 ? 54  SER A O   1 
ATOM   315  C CB  . SER A 1 54  ? 0.672   -11.454 -7.206  1.00 20.86 ? 54  SER A CB  1 
ATOM   316  O OG  . SER A 1 54  ? -0.404  -11.555 -8.118  1.00 22.57 ? 54  SER A OG  1 
ATOM   317  N N   . ALA A 1 55  ? 1.240   -11.498 -3.820  1.00 22.61 ? 55  ALA A N   1 
ATOM   318  C CA  . ALA A 1 55  ? 2.257   -11.391 -2.784  1.00 22.36 ? 55  ALA A CA  1 
ATOM   319  C C   . ALA A 1 55  ? 1.630   -10.956 -1.469  1.00 22.63 ? 55  ALA A C   1 
ATOM   320  O O   . ALA A 1 55  ? 0.627   -10.233 -1.437  1.00 20.16 ? 55  ALA A O   1 
ATOM   321  C CB  . ALA A 1 55  ? 3.348   -10.400 -3.199  1.00 23.08 ? 55  ALA A CB  1 
ATOM   322  N N   . TYR A 1 56  ? 2.228   -11.419 -0.380  1.00 23.16 ? 56  TYR A N   1 
ATOM   323  C CA  . TYR A 1 56  ? 1.759   -11.093 0.955   1.00 24.71 ? 56  TYR A CA  1 
ATOM   324  C C   . TYR A 1 56  ? 2.904   -11.348 1.910   1.00 25.29 ? 56  TYR A C   1 
ATOM   325  O O   . TYR A 1 56  ? 3.663   -12.308 1.749   1.00 25.43 ? 56  TYR A O   1 
ATOM   326  C CB  . TYR A 1 56  ? 0.567   -11.961 1.341   1.00 25.91 ? 56  TYR A CB  1 
ATOM   327  C CG  . TYR A 1 56  ? 0.157   -11.763 2.775   1.00 26.66 ? 56  TYR A CG  1 
ATOM   328  C CD1 . TYR A 1 56  ? -0.311  -10.528 3.227   1.00 27.54 ? 56  TYR A CD1 1 
ATOM   329  C CD2 . TYR A 1 56  ? 0.266   -12.798 3.692   1.00 29.06 ? 56  TYR A CD2 1 
ATOM   330  C CE1 . TYR A 1 56  ? -0.664  -10.334 4.566   1.00 28.92 ? 56  TYR A CE1 1 
ATOM   331  C CE2 . TYR A 1 56  ? -0.081  -12.619 5.027   1.00 29.50 ? 56  TYR A CE2 1 
ATOM   332  C CZ  . TYR A 1 56  ? -0.543  -11.388 5.462   1.00 29.93 ? 56  TYR A CZ  1 
ATOM   333  O OH  . TYR A 1 56  ? -0.877  -11.230 6.792   1.00 31.73 ? 56  TYR A OH  1 
ATOM   334  N N   . LYS A 1 57  ? 3.026   -10.501 2.918   1.00 24.49 ? 57  LYS A N   1 
ATOM   335  C CA  . LYS A 1 57  ? 4.117   -10.645 3.857   1.00 24.33 ? 57  LYS A CA  1 
ATOM   336  C C   . LYS A 1 57  ? 3.938   -9.727  5.045   1.00 24.44 ? 57  LYS A C   1 
ATOM   337  O O   . LYS A 1 57  ? 3.383   -8.626  4.927   1.00 24.42 ? 57  LYS A O   1 
ATOM   338  C CB  . LYS A 1 57  ? 5.426   -10.307 3.144   1.00 25.24 ? 57  LYS A CB  1 
ATOM   339  C CG  . LYS A 1 57  ? 6.681   -10.406 3.980   1.00 26.02 ? 57  LYS A CG  1 
ATOM   340  C CD  . LYS A 1 57  ? 7.896   -10.109 3.104   1.00 27.37 ? 57  LYS A CD  1 
ATOM   341  C CE  . LYS A 1 57  ? 9.192   -10.214 3.882   1.00 30.48 ? 57  LYS A CE  1 
ATOM   342  N NZ  . LYS A 1 57  ? 10.352  -9.805  3.055   1.00 33.67 ? 57  LYS A NZ  1 
ATOM   343  N N   . ILE A 1 58  ? 4.428   -10.192 6.189   1.00 24.36 ? 58  ILE A N   1 
ATOM   344  C CA  . ILE A 1 58  ? 4.379   -9.441  7.435   1.00 22.52 ? 58  ILE A CA  1 
ATOM   345  C C   . ILE A 1 58  ? 5.812   -9.108  7.810   1.00 21.78 ? 58  ILE A C   1 
ATOM   346  O O   . ILE A 1 58  ? 6.636   -10.000 7.982   1.00 21.10 ? 58  ILE A O   1 
ATOM   347  C CB  . ILE A 1 58  ? 3.748   -10.269 8.570   1.00 22.53 ? 58  ILE A CB  1 
ATOM   348  C CG1 . ILE A 1 58  ? 2.287   -10.576 8.229   1.00 21.79 ? 58  ILE A CG1 1 
ATOM   349  C CG2 . ILE A 1 58  ? 3.850   -9.511  9.893   1.00 22.09 ? 58  ILE A CG2 1 
ATOM   350  C CD1 . ILE A 1 58  ? 1.645   -11.592 9.152   1.00 23.25 ? 58  ILE A CD1 1 
ATOM   351  N N   . VAL A 1 59  ? 6.100   -7.816  7.916   1.00 21.47 ? 59  VAL A N   1 
ATOM   352  C CA  . VAL A 1 59  ? 7.434   -7.346  8.268   1.00 21.04 ? 59  VAL A CA  1 
ATOM   353  C C   . VAL A 1 59  ? 7.360   -6.483  9.530   1.00 21.42 ? 59  VAL A C   1 
ATOM   354  O O   . VAL A 1 59  ? 6.279   -6.044  9.937   1.00 21.71 ? 59  VAL A O   1 
ATOM   355  C CB  . VAL A 1 59  ? 8.048   -6.507  7.107   1.00 19.82 ? 59  VAL A CB  1 
ATOM   356  C CG1 . VAL A 1 59  ? 8.247   -7.384  5.879   1.00 18.73 ? 59  VAL A CG1 1 
ATOM   357  C CG2 . VAL A 1 59  ? 7.137   -5.329  6.769   1.00 17.43 ? 59  VAL A CG2 1 
ATOM   358  N N   . PRO A 1 60  ? 8.503   -6.254  10.191  1.00 22.45 ? 60  PRO A N   1 
ATOM   359  C CA  . PRO A 1 60  ? 8.463   -5.422  11.398  1.00 23.51 ? 60  PRO A CA  1 
ATOM   360  C C   . PRO A 1 60  ? 8.549   -3.951  11.001  1.00 23.81 ? 60  PRO A C   1 
ATOM   361  O O   . PRO A 1 60  ? 8.707   -3.623  9.819   1.00 22.59 ? 60  PRO A O   1 
ATOM   362  C CB  . PRO A 1 60  ? 9.702   -5.871  12.163  1.00 24.58 ? 60  PRO A CB  1 
ATOM   363  C CG  . PRO A 1 60  ? 10.683  -6.121  11.035  1.00 24.74 ? 60  PRO A CG  1 
ATOM   364  C CD  . PRO A 1 60  ? 9.831   -6.881  10.024  1.00 23.60 ? 60  PRO A CD  1 
ATOM   365  N N   . ASP A 1 61  ? 8.443   -3.075  11.996  1.00 25.16 ? 61  ASP A N   1 
ATOM   366  C CA  . ASP A 1 61  ? 8.532   -1.636  11.777  1.00 25.91 ? 61  ASP A CA  1 
ATOM   367  C C   . ASP A 1 61  ? 10.007  -1.235  11.652  1.00 25.53 ? 61  ASP A C   1 
ATOM   368  O O   . ASP A 1 61  ? 10.585  -0.638  12.564  1.00 27.20 ? 61  ASP A O   1 
ATOM   369  C CB  . ASP A 1 61  ? 7.876   -0.887  12.947  1.00 26.63 ? 61  ASP A CB  1 
ATOM   370  C CG  . ASP A 1 61  ? 6.359   -1.068  12.994  1.00 30.15 ? 61  ASP A CG  1 
ATOM   371  O OD1 . ASP A 1 61  ? 5.653   -0.559  12.087  1.00 28.43 ? 61  ASP A OD1 1 
ATOM   372  O OD2 . ASP A 1 61  ? 5.869   -1.719  13.945  1.00 32.54 ? 61  ASP A OD2 1 
ATOM   373  N N   . GLU A 1 62  ? 10.614  -1.590  10.526  1.00 24.60 ? 62  GLU A N   1 
ATOM   374  C CA  . GLU A 1 62  ? 12.012  -1.279  10.247  1.00 24.58 ? 62  GLU A CA  1 
ATOM   375  C C   . GLU A 1 62  ? 12.030  -0.753  8.834   1.00 24.08 ? 62  GLU A C   1 
ATOM   376  O O   . GLU A 1 62  ? 11.694  -1.466  7.894   1.00 24.57 ? 62  GLU A O   1 
ATOM   377  C CB  . GLU A 1 62  ? 12.875  -2.536  10.357  1.00 27.07 ? 62  GLU A CB  1 
ATOM   378  C CG  . GLU A 1 62  ? 13.006  -3.046  11.789  1.00 30.66 ? 62  GLU A CG  1 
ATOM   379  C CD  . GLU A 1 62  ? 14.006  -2.245  12.599  0.50 30.65 ? 62  GLU A CD  1 
ATOM   380  O OE1 . GLU A 1 62  ? 14.019  -1.001  12.470  0.50 32.00 ? 62  GLU A OE1 1 
ATOM   381  O OE2 . GLU A 1 62  ? 14.776  -2.856  13.370  0.00 31.04 ? 62  GLU A OE2 1 
ATOM   382  N N   . ILE A 1 63  ? 12.412  0.505   8.688   1.00 23.40 ? 63  ILE A N   1 
ATOM   383  C CA  . ILE A 1 63  ? 12.418  1.138   7.391   1.00 22.33 ? 63  ILE A CA  1 
ATOM   384  C C   . ILE A 1 63  ? 13.187  0.379   6.313   1.00 23.71 ? 63  ILE A C   1 
ATOM   385  O O   . ILE A 1 63  ? 12.730  0.296   5.171   1.00 23.06 ? 63  ILE A O   1 
ATOM   386  C CB  . ILE A 1 63  ? 12.946  2.574   7.505   1.00 23.56 ? 63  ILE A CB  1 
ATOM   387  C CG1 . ILE A 1 63  ? 12.582  3.348   6.239   1.00 25.10 ? 63  ILE A CG1 1 
ATOM   388  C CG2 . ILE A 1 63  ? 14.449  2.566   7.731   1.00 22.96 ? 63  ILE A CG2 1 
ATOM   389  C CD1 . ILE A 1 63  ? 12.793  4.838   6.355   1.00 24.53 ? 63  ILE A CD1 1 
ATOM   390  N N   . GLU A 1 64  ? 14.339  -0.186  6.662   1.00 23.43 ? 64  GLU A N   1 
ATOM   391  C CA  . GLU A 1 64  ? 15.126  -0.919  5.676   1.00 24.97 ? 64  GLU A CA  1 
ATOM   392  C C   . GLU A 1 64  ? 14.462  -2.186  5.132   1.00 24.31 ? 64  GLU A C   1 
ATOM   393  O O   . GLU A 1 64  ? 14.591  -2.495  3.945   1.00 24.65 ? 64  GLU A O   1 
ATOM   394  C CB  . GLU A 1 64  ? 16.507  -1.263  6.243   1.00 26.65 ? 64  GLU A CB  1 
ATOM   395  C CG  . GLU A 1 64  ? 17.353  -0.036  6.498   1.00 28.79 ? 64  GLU A CG  1 
ATOM   396  C CD  . GLU A 1 64  ? 17.522  0.808   5.252   1.00 29.37 ? 64  GLU A CD  1 
ATOM   397  O OE1 . GLU A 1 64  ? 17.892  1.994   5.379   0.50 29.98 ? 64  GLU A OE1 1 
ATOM   398  O OE2 . GLU A 1 64  ? 17.291  0.280   4.142   0.50 30.27 ? 64  GLU A OE2 1 
ATOM   399  N N   . GLU A 1 65  ? 13.747  -2.915  5.984   1.00 24.53 ? 65  GLU A N   1 
ATOM   400  C CA  . GLU A 1 65  ? 13.076  -4.137  5.552   1.00 24.22 ? 65  GLU A CA  1 
ATOM   401  C C   . GLU A 1 65  ? 11.805  -3.836  4.759   1.00 23.49 ? 65  GLU A C   1 
ATOM   402  O O   . GLU A 1 65  ? 11.384  -4.637  3.922   1.00 23.08 ? 65  GLU A O   1 
ATOM   403  C CB  . GLU A 1 65  ? 12.750  -5.018  6.755   1.00 25.80 ? 65  GLU A CB  1 
ATOM   404  C CG  . GLU A 1 65  ? 12.230  -6.392  6.367   1.00 30.01 ? 65  GLU A CG  1 
ATOM   405  C CD  . GLU A 1 65  ? 12.294  -7.384  7.509   0.00 28.90 ? 65  GLU A CD  1 
ATOM   406  O OE1 . GLU A 1 65  ? 11.738  -8.494  7.364   0.00 29.35 ? 65  GLU A OE1 1 
ATOM   407  O OE2 . GLU A 1 65  ? 12.905  -7.059  8.548   0.00 29.32 ? 65  GLU A OE2 1 
ATOM   408  N N   . ILE A 1 66  ? 11.189  -2.688  5.031   1.00 22.00 ? 66  ILE A N   1 
ATOM   409  C CA  . ILE A 1 66  ? 9.996   -2.273  4.298   1.00 21.41 ? 66  ILE A CA  1 
ATOM   410  C C   . ILE A 1 66  ? 10.450  -1.836  2.895   1.00 22.12 ? 66  ILE A C   1 
ATOM   411  O O   . ILE A 1 66  ? 9.852   -2.218  1.883   1.00 21.85 ? 66  ILE A O   1 
ATOM   412  C CB  . ILE A 1 66  ? 9.292   -1.074  4.979   1.00 21.37 ? 66  ILE A CB  1 
ATOM   413  C CG1 . ILE A 1 66  ? 8.844   -1.456  6.394   1.00 20.29 ? 66  ILE A CG1 1 
ATOM   414  C CG2 . ILE A 1 66  ? 8.107   -0.643  4.148   1.00 19.08 ? 66  ILE A CG2 1 
ATOM   415  C CD1 . ILE A 1 66  ? 8.270   -0.317  7.171   1.00 19.93 ? 66  ILE A CD1 1 
ATOM   416  N N   . LYS A 1 67  ? 11.517  -1.040  2.847   1.00 22.48 ? 67  LYS A N   1 
ATOM   417  C CA  . LYS A 1 67  ? 12.057  -0.556  1.583   1.00 21.89 ? 67  LYS A CA  1 
ATOM   418  C C   . LYS A 1 67  ? 12.485  -1.696  0.675   1.00 22.90 ? 67  LYS A C   1 
ATOM   419  O O   . LYS A 1 67  ? 12.201  -1.683  -0.524  1.00 22.87 ? 67  LYS A O   1 
ATOM   420  C CB  . LYS A 1 67  ? 13.262  0.351   1.821   1.00 22.38 ? 67  LYS A CB  1 
ATOM   421  C CG  . LYS A 1 67  ? 12.932  1.744   2.325   1.00 24.11 ? 67  LYS A CG  1 
ATOM   422  C CD  . LYS A 1 67  ? 14.222  2.525   2.571   1.00 24.22 ? 67  LYS A CD  1 
ATOM   423  C CE  . LYS A 1 67  ? 15.115  2.510   1.340   1.00 25.43 ? 67  LYS A CE  1 
ATOM   424  N NZ  . LYS A 1 67  ? 16.401  3.222   1.579   0.50 25.14 ? 67  LYS A NZ  1 
ATOM   425  N N   . GLU A 1 68  ? 13.174  -2.681  1.243   1.00 23.35 ? 68  GLU A N   1 
ATOM   426  C CA  . GLU A 1 68  ? 13.647  -3.820  0.459   1.00 23.39 ? 68  GLU A CA  1 
ATOM   427  C C   . GLU A 1 68  ? 12.493  -4.629  -0.127  1.00 23.14 ? 68  GLU A C   1 
ATOM   428  O O   . GLU A 1 68  ? 12.522  -5.000  -1.302  1.00 24.03 ? 68  GLU A O   1 
ATOM   429  C CB  . GLU A 1 68  ? 14.533  -4.722  1.316   1.00 22.97 ? 68  GLU A CB  1 
ATOM   430  C CG  . GLU A 1 68  ? 15.135  -5.873  0.543   1.00 27.83 ? 68  GLU A CG  1 
ATOM   431  C CD  . GLU A 1 68  ? 15.963  -6.797  1.414   0.00 26.55 ? 68  GLU A CD  1 
ATOM   432  O OE1 . GLU A 1 68  ? 16.868  -6.302  2.119   0.00 27.05 ? 68  GLU A OE1 1 
ATOM   433  O OE2 . GLU A 1 68  ? 15.714  -8.020  1.390   0.00 27.06 ? 68  GLU A OE2 1 
ATOM   434  N N   . THR A 1 69  ? 11.478  -4.896  0.688   1.00 23.28 ? 69  THR A N   1 
ATOM   435  C CA  . THR A 1 69  ? 10.317  -5.655  0.236   1.00 23.05 ? 69  THR A CA  1 
ATOM   436  C C   . THR A 1 69  ? 9.610   -4.904  -0.882  1.00 22.08 ? 69  THR A C   1 
ATOM   437  O O   . THR A 1 69  ? 9.273   -5.485  -1.909  1.00 22.89 ? 69  THR A O   1 
ATOM   438  C CB  . THR A 1 69  ? 9.316   -5.901  1.389   1.00 24.59 ? 69  THR A CB  1 
ATOM   439  O OG1 . THR A 1 69  ? 9.937   -6.712  2.396   1.00 26.38 ? 69  THR A OG1 1 
ATOM   440  C CG2 . THR A 1 69  ? 8.064   -6.614  0.872   1.00 25.45 ? 69  THR A CG2 1 
ATOM   441  N N   . LEU A 1 70  ? 9.394   -3.608  -0.680  1.00 21.50 ? 70  LEU A N   1 
ATOM   442  C CA  . LEU A 1 70  ? 8.734   -2.786  -1.686  1.00 20.04 ? 70  LEU A CA  1 
ATOM   443  C C   . LEU A 1 70  ? 9.484   -2.817  -3.022  1.00 20.04 ? 70  LEU A C   1 
ATOM   444  O O   . LEU A 1 70  ? 8.889   -3.061  -4.069  1.00 18.49 ? 70  LEU A O   1 
ATOM   445  C CB  . LEU A 1 70  ? 8.615   -1.337  -1.194  1.00 19.62 ? 70  LEU A CB  1 
ATOM   446  C CG  . LEU A 1 70  ? 7.597   -1.077  -0.078  1.00 16.68 ? 70  LEU A CG  1 
ATOM   447  C CD1 . LEU A 1 70  ? 7.576   0.390   0.294   1.00 13.57 ? 70  LEU A CD1 1 
ATOM   448  C CD2 . LEU A 1 70  ? 6.221   -1.521  -0.559  1.00 16.57 ? 70  LEU A CD2 1 
ATOM   449  N N   . ILE A 1 71  ? 10.791  -2.578  -2.983  1.00 20.40 ? 71  ILE A N   1 
ATOM   450  C CA  . ILE A 1 71  ? 11.585  -2.573  -4.205  1.00 21.60 ? 71  ILE A CA  1 
ATOM   451  C C   . ILE A 1 71  ? 11.470  -3.913  -4.924  1.00 21.72 ? 71  ILE A C   1 
ATOM   452  O O   . ILE A 1 71  ? 11.322  -3.956  -6.142  1.00 22.87 ? 71  ILE A O   1 
ATOM   453  C CB  . ILE A 1 71  ? 13.081  -2.309  -3.916  1.00 22.42 ? 71  ILE A CB  1 
ATOM   454  C CG1 . ILE A 1 71  ? 13.263  -0.965  -3.194  1.00 23.37 ? 71  ILE A CG1 1 
ATOM   455  C CG2 . ILE A 1 71  ? 13.870  -2.353  -5.220  1.00 22.80 ? 71  ILE A CG2 1 
ATOM   456  C CD1 . ILE A 1 71  ? 12.898  0.239   -4.003  1.00 26.09 ? 71  ILE A CD1 1 
ATOM   457  N N   . ASP A 1 72  ? 11.540  -5.001  -4.167  1.00 22.09 ? 72  ASP A N   1 
ATOM   458  C CA  . ASP A 1 72  ? 11.443  -6.341  -4.742  1.00 22.58 ? 72  ASP A CA  1 
ATOM   459  C C   . ASP A 1 72  ? 10.103  -6.597  -5.446  1.00 22.21 ? 72  ASP A C   1 
ATOM   460  O O   . ASP A 1 72  ? 10.064  -7.127  -6.555  1.00 22.25 ? 72  ASP A O   1 
ATOM   461  C CB  . ASP A 1 72  ? 11.646  -7.395  -3.651  1.00 22.52 ? 72  ASP A CB  1 
ATOM   462  C CG  . ASP A 1 72  ? 11.576  -8.808  -4.194  1.00 23.58 ? 72  ASP A CG  1 
ATOM   463  O OD1 . ASP A 1 72  ? 10.667  -9.562  -3.791  0.50 22.42 ? 72  ASP A OD1 1 
ATOM   464  O OD2 . ASP A 1 72  ? 12.437  -9.157  -5.032  0.50 23.52 ? 72  ASP A OD2 1 
ATOM   465  N N   . TRP A 1 73  ? 9.008   -6.225  -4.796  1.00 20.42 ? 73  TRP A N   1 
ATOM   466  C CA  . TRP A 1 73  ? 7.692   -6.421  -5.375  1.00 20.79 ? 73  TRP A CA  1 
ATOM   467  C C   . TRP A 1 73  ? 7.483   -5.575  -6.632  1.00 20.84 ? 73  TRP A C   1 
ATOM   468  O O   . TRP A 1 73  ? 6.777   -5.995  -7.552  1.00 23.24 ? 73  TRP A O   1 
ATOM   469  C CB  . TRP A 1 73  ? 6.617   -6.106  -4.331  1.00 21.15 ? 73  TRP A CB  1 
ATOM   470  C CG  . TRP A 1 73  ? 6.582   -7.104  -3.188  1.00 23.08 ? 73  TRP A CG  1 
ATOM   471  C CD1 . TRP A 1 73  ? 7.476   -8.117  -2.944  1.00 21.75 ? 73  TRP A CD1 1 
ATOM   472  C CD2 . TRP A 1 73  ? 5.579   -7.198  -2.159  1.00 22.50 ? 73  TRP A CD2 1 
ATOM   473  N NE1 . TRP A 1 73  ? 7.087   -8.836  -1.839  1.00 21.82 ? 73  TRP A NE1 1 
ATOM   474  C CE2 . TRP A 1 73  ? 5.928   -8.292  -1.338  1.00 22.06 ? 73  TRP A CE2 1 
ATOM   475  C CE3 . TRP A 1 73  ? 4.424   -6.464  -1.857  1.00 22.01 ? 73  TRP A CE3 1 
ATOM   476  C CZ2 . TRP A 1 73  ? 5.160   -8.674  -0.231  1.00 20.15 ? 73  TRP A CZ2 1 
ATOM   477  C CZ3 . TRP A 1 73  ? 3.660   -6.842  -0.759  1.00 22.31 ? 73  TRP A CZ3 1 
ATOM   478  C CH2 . TRP A 1 73  ? 4.033   -7.939  0.041   1.00 22.14 ? 73  TRP A CH2 1 
ATOM   479  N N   . CYS A 1 74  ? 8.094   -4.393  -6.681  1.00 20.30 ? 74  CYS A N   1 
ATOM   480  C CA  . CYS A 1 74  ? 7.969   -3.515  -7.848  1.00 19.89 ? 74  CYS A CA  1 
ATOM   481  C C   . CYS A 1 74  ? 8.906   -3.892  -9.003  1.00 20.40 ? 74  CYS A C   1 
ATOM   482  O O   . CYS A 1 74  ? 8.468   -4.066  -10.142 1.00 20.55 ? 74  CYS A O   1 
ATOM   483  C CB  . CYS A 1 74  ? 8.262   -2.055  -7.480  1.00 19.24 ? 74  CYS A CB  1 
ATOM   484  S SG  . CYS A 1 74  ? 7.146   -1.260  -6.308  1.00 20.06 ? 74  CYS A SG  1 
ATOM   485  N N   . ASP A 1 75  ? 10.197  -3.996  -8.708  1.00 19.85 ? 75  ASP A N   1 
ATOM   486  C CA  . ASP A 1 75  ? 11.193  -4.307  -9.731  1.00 22.03 ? 75  ASP A CA  1 
ATOM   487  C C   . ASP A 1 75  ? 11.293  -5.753  -10.193 1.00 23.28 ? 75  ASP A C   1 
ATOM   488  O O   . ASP A 1 75  ? 11.577  -6.005  -11.364 1.00 25.02 ? 75  ASP A O   1 
ATOM   489  C CB  . ASP A 1 75  ? 12.564  -3.842  -9.263  1.00 22.89 ? 75  ASP A CB  1 
ATOM   490  C CG  . ASP A 1 75  ? 12.637  -2.344  -9.114  1.00 25.20 ? 75  ASP A CG  1 
ATOM   491  O OD1 . ASP A 1 75  ? 11.572  -1.689  -9.157  1.00 24.07 ? 75  ASP A OD1 1 
ATOM   492  O OD2 . ASP A 1 75  ? 13.758  -1.824  -8.950  1.00 25.49 ? 75  ASP A OD2 1 
ATOM   493  N N   . GLU A 1 76  ? 11.068  -6.701  -9.286  1.00 23.70 ? 76  GLU A N   1 
ATOM   494  C CA  . GLU A 1 76  ? 11.148  -8.115  -9.638  1.00 24.46 ? 76  GLU A CA  1 
ATOM   495  C C   . GLU A 1 76  ? 9.790   -8.760  -9.908  1.00 25.70 ? 76  GLU A C   1 
ATOM   496  O O   . GLU A 1 76  ? 9.613   -9.439  -10.920 1.00 28.41 ? 76  GLU A O   1 
ATOM   497  C CB  . GLU A 1 76  ? 11.874  -8.890  -8.541  1.00 24.69 ? 76  GLU A CB  1 
ATOM   498  C CG  . GLU A 1 76  ? 13.263  -8.357  -8.242  1.00 27.84 ? 76  GLU A CG  1 
ATOM   499  C CD  . GLU A 1 76  ? 14.153  -8.307  -9.476  1.00 28.41 ? 76  GLU A CD  1 
ATOM   500  O OE1 . GLU A 1 76  ? 14.361  -9.369  -10.100 0.00 28.19 ? 76  GLU A OE1 1 
ATOM   501  O OE2 . GLU A 1 76  ? 14.639  -7.208  -9.817  0.00 28.19 ? 76  GLU A OE2 1 
ATOM   502  N N   . LYS A 1 77  ? 8.824   -8.558  -9.022  1.00 25.52 ? 77  LYS A N   1 
ATOM   503  C CA  . LYS A 1 77  ? 7.507   -9.156  -9.226  1.00 24.44 ? 77  LYS A CA  1 
ATOM   504  C C   . LYS A 1 77  ? 6.642   -8.311  -10.162 1.00 23.58 ? 77  LYS A C   1 
ATOM   505  O O   . LYS A 1 77  ? 5.679   -8.804  -10.745 1.00 24.86 ? 77  LYS A O   1 
ATOM   506  C CB  . LYS A 1 77  ? 6.784   -9.340  -7.882  1.00 25.03 ? 77  LYS A CB  1 
ATOM   507  C CG  . LYS A 1 77  ? 7.523   -10.200 -6.857  1.00 22.65 ? 77  LYS A CG  1 
ATOM   508  C CD  . LYS A 1 77  ? 6.568   -10.638 -5.754  1.00 24.03 ? 77  LYS A CD  1 
ATOM   509  C CE  . LYS A 1 77  ? 7.268   -11.448 -4.660  1.00 24.21 ? 77  LYS A CE  1 
ATOM   510  N NZ  . LYS A 1 77  ? 7.945   -12.666 -5.187  1.00 25.70 ? 77  LYS A NZ  1 
ATOM   511  N N   . GLU A 1 78  ? 6.999   -7.041  -10.307 1.00 22.58 ? 78  GLU A N   1 
ATOM   512  C CA  . GLU A 1 78  ? 6.253   -6.110  -11.149 1.00 22.22 ? 78  GLU A CA  1 
ATOM   513  C C   . GLU A 1 78  ? 4.746   -6.115  -10.880 1.00 21.45 ? 78  GLU A C   1 
ATOM   514  O O   . GLU A 1 78  ? 3.933   -6.205  -11.797 1.00 19.98 ? 78  GLU A O   1 
ATOM   515  C CB  . GLU A 1 78  ? 6.521   -6.401  -12.621 1.00 22.78 ? 78  GLU A CB  1 
ATOM   516  C CG  . GLU A 1 78  ? 7.972   -6.222  -12.987 1.00 23.95 ? 78  GLU A CG  1 
ATOM   517  C CD  . GLU A 1 78  ? 8.196   -6.251  -14.471 1.00 26.97 ? 78  GLU A CD  1 
ATOM   518  O OE1 . GLU A 1 78  ? 9.370   -6.323  -14.887 1.00 28.38 ? 78  GLU A OE1 1 
ATOM   519  O OE2 . GLU A 1 78  ? 7.199   -6.195  -15.221 1.00 28.64 ? 78  GLU A OE2 1 
ATOM   520  N N   . LEU A 1 79  ? 4.385   -6.003  -9.608  1.00 21.46 ? 79  LEU A N   1 
ATOM   521  C CA  . LEU A 1 79  ? 2.984   -5.975  -9.218  1.00 20.45 ? 79  LEU A CA  1 
ATOM   522  C C   . LEU A 1 79  ? 2.363   -4.675  -9.706  1.00 20.16 ? 79  LEU A C   1 
ATOM   523  O O   . LEU A 1 79  ? 3.041   -3.662  -9.886  1.00 19.40 ? 79  LEU A O   1 
ATOM   524  C CB  . LEU A 1 79  ? 2.857   -6.071  -7.697  1.00 20.78 ? 79  LEU A CB  1 
ATOM   525  C CG  . LEU A 1 79  ? 3.563   -7.271  -7.069  1.00 22.21 ? 79  LEU A CG  1 
ATOM   526  C CD1 . LEU A 1 79  ? 3.385   -7.234  -5.565  1.00 21.45 ? 79  LEU A CD1 1 
ATOM   527  C CD2 . LEU A 1 79  ? 2.999   -8.559  -7.641  1.00 21.67 ? 79  LEU A CD2 1 
ATOM   528  N N   . ASN A 1 80  ? 1.063   -4.707  -9.924  1.00 19.23 ? 80  ASN A N   1 
ATOM   529  C CA  . ASN A 1 80  ? 0.356   -3.529  -10.382 1.00 18.38 ? 80  ASN A CA  1 
ATOM   530  C C   . ASN A 1 80  ? -0.015  -2.631  -9.206  1.00 17.57 ? 80  ASN A C   1 
ATOM   531  O O   . ASN A 1 80  ? -0.137  -1.420  -9.343  1.00 17.73 ? 80  ASN A O   1 
ATOM   532  C CB  . ASN A 1 80  ? -0.906  -3.953  -11.138 1.00 19.12 ? 80  ASN A CB  1 
ATOM   533  C CG  . ASN A 1 80  ? -0.598  -4.893  -12.305 1.00 19.29 ? 80  ASN A CG  1 
ATOM   534  O OD1 . ASN A 1 80  ? -0.751  -6.114  -12.202 1.00 20.80 ? 80  ASN A OD1 1 
ATOM   535  N ND2 . ASN A 1 80  ? -0.145  -4.322  -13.414 1.00 18.35 ? 80  ASN A ND2 1 
ATOM   536  N N   . LEU A 1 81  ? -0.168  -3.234  -8.040  1.00 17.40 ? 81  LEU A N   1 
ATOM   537  C CA  . LEU A 1 81  ? -0.566  -2.483  -6.868  1.00 16.69 ? 81  LEU A CA  1 
ATOM   538  C C   . LEU A 1 81  ? -0.036  -3.096  -5.583  1.00 15.61 ? 81  LEU A C   1 
ATOM   539  O O   . LEU A 1 81  ? 0.053   -4.311  -5.452  1.00 17.54 ? 81  LEU A O   1 
ATOM   540  C CB  . LEU A 1 81  ? -2.099  -2.442  -6.807  1.00 16.51 ? 81  LEU A CB  1 
ATOM   541  C CG  . LEU A 1 81  ? -2.775  -1.838  -5.570  1.00 17.33 ? 81  LEU A CG  1 
ATOM   542  C CD1 . LEU A 1 81  ? -2.726  -0.313  -5.650  1.00 15.85 ? 81  LEU A CD1 1 
ATOM   543  C CD2 . LEU A 1 81  ? -4.225  -2.319  -5.488  1.00 16.22 ? 81  LEU A CD2 1 
ATOM   544  N N   . ILE A 1 82  ? 0.325   -2.246  -4.638  1.00 15.15 ? 82  ILE A N   1 
ATOM   545  C CA  . ILE A 1 82  ? 0.781   -2.716  -3.343  1.00 15.73 ? 82  ILE A CA  1 
ATOM   546  C C   . ILE A 1 82  ? 0.054   -1.897  -2.298  1.00 16.04 ? 82  ILE A C   1 
ATOM   547  O O   . ILE A 1 82  ? 0.103   -0.668  -2.321  1.00 15.72 ? 82  ILE A O   1 
ATOM   548  C CB  . ILE A 1 82  ? 2.291   -2.517  -3.106  1.00 15.11 ? 82  ILE A CB  1 
ATOM   549  C CG1 . ILE A 1 82  ? 3.100   -3.350  -4.101  1.00 15.79 ? 82  ILE A CG1 1 
ATOM   550  C CG2 . ILE A 1 82  ? 2.636   -2.923  -1.660  1.00 15.57 ? 82  ILE A CG2 1 
ATOM   551  C CD1 . ILE A 1 82  ? 4.616   -3.146  -3.974  1.00 13.39 ? 82  ILE A CD1 1 
ATOM   552  N N   . LEU A 1 83  ? -0.644  -2.581  -1.401  1.00 16.91 ? 83  LEU A N   1 
ATOM   553  C CA  . LEU A 1 83  ? -1.350  -1.911  -0.322  1.00 17.39 ? 83  LEU A CA  1 
ATOM   554  C C   . LEU A 1 83  ? -0.571  -2.270  0.931   1.00 17.54 ? 83  LEU A C   1 
ATOM   555  O O   . LEU A 1 83  ? -0.445  -3.449  1.265   1.00 17.46 ? 83  LEU A O   1 
ATOM   556  C CB  . LEU A 1 83  ? -2.792  -2.425  -0.189  1.00 16.96 ? 83  LEU A CB  1 
ATOM   557  C CG  . LEU A 1 83  ? -3.753  -2.290  -1.379  1.00 17.69 ? 83  LEU A CG  1 
ATOM   558  C CD1 . LEU A 1 83  ? -5.105  -2.914  -1.018  1.00 18.70 ? 83  LEU A CD1 1 
ATOM   559  C CD2 . LEU A 1 83  ? -3.929  -0.833  -1.744  1.00 17.86 ? 83  LEU A CD2 1 
ATOM   560  N N   . THR A 1 84  ? 0.002   -1.273  1.597   1.00 17.88 ? 84  THR A N   1 
ATOM   561  C CA  . THR A 1 84  ? 0.711   -1.559  2.838   1.00 17.63 ? 84  THR A CA  1 
ATOM   562  C C   . THR A 1 84  ? -0.319  -1.252  3.923   1.00 18.11 ? 84  THR A C   1 
ATOM   563  O O   . THR A 1 84  ? -1.151  -0.352  3.757   1.00 17.26 ? 84  THR A O   1 
ATOM   564  C CB  . THR A 1 84  ? 1.979   -0.662  3.050   1.00 16.03 ? 84  THR A CB  1 
ATOM   565  O OG1 . THR A 1 84  ? 1.578   0.676   3.361   1.00 17.22 ? 84  THR A OG1 1 
ATOM   566  C CG2 . THR A 1 84  ? 2.852   -0.645  1.814   1.00 16.18 ? 84  THR A CG2 1 
ATOM   567  N N   . THR A 1 85  ? -0.296  -2.018  5.008   1.00 18.85 ? 85  THR A N   1 
ATOM   568  C CA  . THR A 1 85  ? -1.228  -1.762  6.097   1.00 20.53 ? 85  THR A CA  1 
ATOM   569  C C   . THR A 1 85  ? -0.456  -1.677  7.409   1.00 19.73 ? 85  THR A C   1 
ATOM   570  O O   . THR A 1 85  ? 0.201   -2.631  7.810   1.00 20.29 ? 85  THR A O   1 
ATOM   571  C CB  . THR A 1 85  ? -2.357  -2.847  6.175   1.00 20.62 ? 85  THR A CB  1 
ATOM   572  O OG1 . THR A 1 85  ? -3.073  -2.696  7.408   1.00 23.63 ? 85  THR A OG1 1 
ATOM   573  C CG2 . THR A 1 85  ? -1.789  -4.251  6.075   1.00 20.81 ? 85  THR A CG2 1 
ATOM   574  N N   . GLY A 1 86  ? -0.505  -0.504  8.042   1.00 19.82 ? 86  GLY A N   1 
ATOM   575  C CA  . GLY A 1 86  ? 0.189   -0.294  9.299   1.00 19.60 ? 86  GLY A CA  1 
ATOM   576  C C   . GLY A 1 86  ? 1.420   0.595   9.230   1.00 19.58 ? 86  GLY A C   1 
ATOM   577  O O   . GLY A 1 86  ? 2.016   0.800   8.166   1.00 18.90 ? 86  GLY A O   1 
ATOM   578  N N   . GLY A 1 87  ? 1.802   1.123   10.387  1.00 20.08 ? 87  GLY A N   1 
ATOM   579  C CA  . GLY A 1 87  ? 2.970   1.978   10.475  1.00 20.27 ? 87  GLY A CA  1 
ATOM   580  C C   . GLY A 1 87  ? 2.808   3.385   9.928   1.00 19.63 ? 87  GLY A C   1 
ATOM   581  O O   . GLY A 1 87  ? 3.796   3.986   9.525   1.00 20.67 ? 87  GLY A O   1 
ATOM   582  N N   . THR A 1 88  ? 1.596   3.935   9.913   1.00 19.10 ? 88  THR A N   1 
ATOM   583  C CA  . THR A 1 88  ? 1.440   5.283   9.378   1.00 19.33 ? 88  THR A CA  1 
ATOM   584  C C   . THR A 1 88  ? 0.982   6.291   10.415  1.00 19.84 ? 88  THR A C   1 
ATOM   585  O O   . THR A 1 88  ? 0.547   7.391   10.068  1.00 20.17 ? 88  THR A O   1 
ATOM   586  C CB  . THR A 1 88  ? 0.447   5.329   8.193   1.00 19.24 ? 88  THR A CB  1 
ATOM   587  O OG1 . THR A 1 88  ? -0.841  4.880   8.637   1.00 22.18 ? 88  THR A OG1 1 
ATOM   588  C CG2 . THR A 1 88  ? 0.934   4.463   7.040   1.00 17.53 ? 88  THR A CG2 1 
ATOM   589  N N   . GLY A 1 89  ? 1.089   5.924   11.688  1.00 20.80 ? 89  GLY A N   1 
ATOM   590  C CA  . GLY A 1 89  ? 0.691   6.828   12.753  1.00 20.32 ? 89  GLY A CA  1 
ATOM   591  C C   . GLY A 1 89  ? 1.848   7.597   13.377  1.00 21.10 ? 89  GLY A C   1 
ATOM   592  O O   . GLY A 1 89  ? 2.951   7.663   12.821  1.00 18.83 ? 89  GLY A O   1 
ATOM   593  N N   . PHE A 1 90  ? 1.583   8.178   14.544  1.00 20.76 ? 90  PHE A N   1 
ATOM   594  C CA  . PHE A 1 90  ? 2.570   8.960   15.283  1.00 20.95 ? 90  PHE A CA  1 
ATOM   595  C C   . PHE A 1 90  ? 3.523   8.174   16.186  1.00 21.19 ? 90  PHE A C   1 
ATOM   596  O O   . PHE A 1 90  ? 4.565   8.696   16.592  1.00 19.44 ? 90  PHE A O   1 
ATOM   597  C CB  . PHE A 1 90  ? 1.853   10.014  16.129  1.00 21.67 ? 90  PHE A CB  1 
ATOM   598  C CG  . PHE A 1 90  ? 1.584   11.295  15.396  1.00 20.72 ? 90  PHE A CG  1 
ATOM   599  C CD1 . PHE A 1 90  ? 1.004   11.280  14.139  1.00 19.73 ? 90  PHE A CD1 1 
ATOM   600  C CD2 . PHE A 1 90  ? 1.924   12.512  15.964  1.00 20.61 ? 90  PHE A CD2 1 
ATOM   601  C CE1 . PHE A 1 90  ? 0.768   12.458  13.455  1.00 19.83 ? 90  PHE A CE1 1 
ATOM   602  C CE2 . PHE A 1 90  ? 1.691   13.694  15.292  1.00 21.41 ? 90  PHE A CE2 1 
ATOM   603  C CZ  . PHE A 1 90  ? 1.111   13.666  14.029  1.00 21.49 ? 90  PHE A CZ  1 
ATOM   604  N N   . ALA A 1 91  ? 3.170   6.932   16.516  1.00 21.53 ? 91  ALA A N   1 
ATOM   605  C CA  . ALA A 1 91  ? 4.032   6.127   17.378  1.00 22.44 ? 91  ALA A CA  1 
ATOM   606  C C   . ALA A 1 91  ? 5.457   6.129   16.826  1.00 22.68 ? 91  ALA A C   1 
ATOM   607  O O   . ALA A 1 91  ? 5.669   5.999   15.622  1.00 20.51 ? 91  ALA A O   1 
ATOM   608  C CB  . ALA A 1 91  ? 3.503   4.715   17.472  1.00 24.56 ? 91  ALA A CB  1 
ATOM   609  N N   . PRO A 1 92  ? 6.452   6.268   17.711  1.00 24.01 ? 92  PRO A N   1 
ATOM   610  C CA  . PRO A 1 92  ? 7.877   6.307   17.373  1.00 24.82 ? 92  PRO A CA  1 
ATOM   611  C C   . PRO A 1 92  ? 8.376   5.396   16.259  1.00 24.96 ? 92  PRO A C   1 
ATOM   612  O O   . PRO A 1 92  ? 9.187   5.814   15.444  1.00 26.99 ? 92  PRO A O   1 
ATOM   613  C CB  . PRO A 1 92  ? 8.549   6.001   18.713  1.00 25.64 ? 92  PRO A CB  1 
ATOM   614  C CG  . PRO A 1 92  ? 7.637   6.653   19.687  1.00 26.16 ? 92  PRO A CG  1 
ATOM   615  C CD  . PRO A 1 92  ? 6.274   6.214   19.175  1.00 25.05 ? 92  PRO A CD  1 
ATOM   616  N N   . ARG A 1 93  ? 7.905   4.155   16.221  1.00 25.24 ? 93  ARG A N   1 
ATOM   617  C CA  . ARG A 1 93  ? 8.366   3.211   15.203  1.00 25.81 ? 93  ARG A CA  1 
ATOM   618  C C   . ARG A 1 93  ? 7.640   3.246   13.851  1.00 25.98 ? 93  ARG A C   1 
ATOM   619  O O   . ARG A 1 93  ? 8.123   2.652   12.885  1.00 27.97 ? 93  ARG A O   1 
ATOM   620  C CB  . ARG A 1 93  ? 8.321   1.782   15.747  1.00 27.49 ? 93  ARG A CB  1 
ATOM   621  C CG  . ARG A 1 93  ? 9.213   1.531   16.951  1.00 30.23 ? 93  ARG A CG  1 
ATOM   622  C CD  . ARG A 1 93  ? 9.753   0.107   16.908  1.00 33.31 ? 93  ARG A CD  1 
ATOM   623  N NE  . ARG A 1 93  ? 11.015  0.032   16.175  1.00 33.37 ? 93  ARG A NE  1 
ATOM   624  C CZ  . ARG A 1 93  ? 11.455  -1.047  15.539  1.00 33.48 ? 93  ARG A CZ  1 
ATOM   625  N NH1 . ARG A 1 93  ? 10.733  -2.161  15.531  1.00 33.02 ? 93  ARG A NH1 1 
ATOM   626  N NH2 . ARG A 1 93  ? 12.631  -1.016  14.928  1.00 33.49 ? 93  ARG A NH2 1 
ATOM   627  N N   . ASP A 1 94  ? 6.489   3.912   13.779  1.00 22.71 ? 94  ASP A N   1 
ATOM   628  C CA  . ASP A 1 94  ? 5.735   4.006   12.526  1.00 21.24 ? 94  ASP A CA  1 
ATOM   629  C C   . ASP A 1 94  ? 6.525   4.758   11.437  1.00 19.86 ? 94  ASP A C   1 
ATOM   630  O O   . ASP A 1 94  ? 6.512   5.987   11.397  1.00 18.09 ? 94  ASP A O   1 
ATOM   631  C CB  . ASP A 1 94  ? 4.389   4.700   12.783  1.00 21.89 ? 94  ASP A CB  1 
ATOM   632  C CG  . ASP A 1 94  ? 3.381   3.784   13.464  1.00 25.62 ? 94  ASP A CG  1 
ATOM   633  O OD1 . ASP A 1 94  ? 3.802   2.770   14.068  1.00 26.24 ? 94  ASP A OD1 1 
ATOM   634  O OD2 . ASP A 1 94  ? 2.162   4.076   13.402  1.00 29.63 ? 94  ASP A OD2 1 
ATOM   635  N N   . VAL A 1 95  ? 7.192   4.003   10.557  1.00 18.49 ? 95  VAL A N   1 
ATOM   636  C CA  . VAL A 1 95  ? 8.020   4.562   9.473   1.00 18.27 ? 95  VAL A CA  1 
ATOM   637  C C   . VAL A 1 95  ? 7.656   4.085   8.055   1.00 18.69 ? 95  VAL A C   1 
ATOM   638  O O   . VAL A 1 95  ? 8.462   4.193   7.117   1.00 18.45 ? 95  VAL A O   1 
ATOM   639  C CB  . VAL A 1 95  ? 9.505   4.223   9.702   1.00 18.17 ? 95  VAL A CB  1 
ATOM   640  C CG1 . VAL A 1 95  ? 9.975   4.846   11.008  1.00 21.25 ? 95  VAL A CG1 1 
ATOM   641  C CG2 . VAL A 1 95  ? 9.690   2.706   9.755   1.00 18.29 ? 95  VAL A CG2 1 
ATOM   642  N N   . THR A 1 96  ? 6.451   3.544   7.899   1.00 17.98 ? 96  THR A N   1 
ATOM   643  C CA  . THR A 1 96  ? 6.016   3.079   6.598   1.00 15.99 ? 96  THR A CA  1 
ATOM   644  C C   . THR A 1 96  ? 6.008   4.225   5.580   1.00 14.99 ? 96  THR A C   1 
ATOM   645  O O   . THR A 1 96  ? 6.498   4.065   4.462   1.00 15.11 ? 96  THR A O   1 
ATOM   646  C CB  . THR A 1 96  ? 4.619   2.439   6.678   1.00 16.36 ? 96  THR A CB  1 
ATOM   647  O OG1 . THR A 1 96  ? 4.652   1.347   7.608   1.00 14.42 ? 96  THR A OG1 1 
ATOM   648  C CG2 . THR A 1 96  ? 4.185   1.921   5.298   1.00 16.54 ? 96  THR A CG2 1 
ATOM   649  N N   . PRO A 1 97  ? 5.469   5.401   5.951   1.00 14.22 ? 97  PRO A N   1 
ATOM   650  C CA  . PRO A 1 97  ? 5.474   6.483   4.963   1.00 14.54 ? 97  PRO A CA  1 
ATOM   651  C C   . PRO A 1 97  ? 6.897   6.863   4.541   1.00 14.88 ? 97  PRO A C   1 
ATOM   652  O O   . PRO A 1 97  ? 7.154   7.113   3.368   1.00 17.32 ? 97  PRO A O   1 
ATOM   653  C CB  . PRO A 1 97  ? 4.734   7.626   5.687   1.00 14.88 ? 97  PRO A CB  1 
ATOM   654  C CG  . PRO A 1 97  ? 3.821   6.897   6.635   1.00 13.76 ? 97  PRO A CG  1 
ATOM   655  C CD  . PRO A 1 97  ? 4.744   5.812   7.166   1.00 15.81 ? 97  PRO A CD  1 
ATOM   656  N N   . GLU A 1 98  ? 7.818   6.896   5.496   1.00 14.31 ? 98  GLU A N   1 
ATOM   657  C CA  . GLU A 1 98  ? 9.207   7.241   5.201   1.00 16.58 ? 98  GLU A CA  1 
ATOM   658  C C   . GLU A 1 98  ? 9.880   6.217   4.278   1.00 17.54 ? 98  GLU A C   1 
ATOM   659  O O   . GLU A 1 98  ? 10.659  6.587   3.395   1.00 19.93 ? 98  GLU A O   1 
ATOM   660  C CB  . GLU A 1 98  ? 9.996   7.379   6.500   1.00 18.07 ? 98  GLU A CB  1 
ATOM   661  C CG  . GLU A 1 98  ? 9.682   8.662   7.279   1.00 21.63 ? 98  GLU A CG  1 
ATOM   662  C CD  . GLU A 1 98  ? 8.218   8.784   7.673   1.00 22.50 ? 98  GLU A CD  1 
ATOM   663  O OE1 . GLU A 1 98  ? 7.698   7.840   8.302   1.00 22.83 ? 98  GLU A OE1 1 
ATOM   664  O OE2 . GLU A 1 98  ? 7.594   9.824   7.363   1.00 22.78 ? 98  GLU A OE2 1 
ATOM   665  N N   . ALA A 1 99  ? 9.593   4.934   4.481   1.00 17.38 ? 99  ALA A N   1 
ATOM   666  C CA  . ALA A 1 99  ? 10.157  3.897   3.622   1.00 15.98 ? 99  ALA A CA  1 
ATOM   667  C C   . ALA A 1 99  ? 9.543   4.038   2.224   1.00 16.80 ? 99  ALA A C   1 
ATOM   668  O O   . ALA A 1 99  ? 10.225  3.886   1.214   1.00 15.08 ? 99  ALA A O   1 
ATOM   669  C CB  . ALA A 1 99  ? 9.850   2.520   4.194   1.00 16.03 ? 99  ALA A CB  1 
ATOM   670  N N   . THR A 1 100 ? 8.246   4.336   2.172   1.00 14.80 ? 100 THR A N   1 
ATOM   671  C CA  . THR A 1 100 ? 7.555   4.491   0.893   1.00 15.66 ? 100 THR A CA  1 
ATOM   672  C C   . THR A 1 100 ? 8.140   5.663   0.101   1.00 16.52 ? 100 THR A C   1 
ATOM   673  O O   . THR A 1 100 ? 8.292   5.588   -1.119  1.00 18.30 ? 100 THR A O   1 
ATOM   674  C CB  . THR A 1 100 ? 6.027   4.718   1.110   1.00 13.14 ? 100 THR A CB  1 
ATOM   675  O OG1 . THR A 1 100 ? 5.494   3.618   1.854   1.00 13.27 ? 100 THR A OG1 1 
ATOM   676  C CG2 . THR A 1 100 ? 5.292   4.821   -0.220  1.00 12.69 ? 100 THR A CG2 1 
ATOM   677  N N   . LYS A 1 101 ? 8.474   6.745   0.797   1.00 17.92 ? 101 LYS A N   1 
ATOM   678  C CA  . LYS A 1 101 ? 9.032   7.922   0.144   1.00 20.37 ? 101 LYS A CA  1 
ATOM   679  C C   . LYS A 1 101 ? 10.388  7.662   -0.499  1.00 21.21 ? 101 LYS A C   1 
ATOM   680  O O   . LYS A 1 101 ? 10.730  8.278   -1.517  1.00 20.44 ? 101 LYS A O   1 
ATOM   681  C CB  . LYS A 1 101 ? 9.176   9.077   1.140   1.00 22.27 ? 101 LYS A CB  1 
ATOM   682  C CG  . LYS A 1 101 ? 7.911   9.875   1.371   1.00 25.24 ? 101 LYS A CG  1 
ATOM   683  C CD  . LYS A 1 101 ? 8.200   11.063  2.270   1.00 28.04 ? 101 LYS A CD  1 
ATOM   684  C CE  . LYS A 1 101 ? 6.945   11.850  2.585   1.00 28.33 ? 101 LYS A CE  1 
ATOM   685  N NZ  . LYS A 1 101 ? 7.271   12.932  3.553   1.00 32.40 ? 101 LYS A NZ  1 
ATOM   686  N N   . GLU A 1 102 ? 11.162  6.759   0.096   1.00 20.81 ? 102 GLU A N   1 
ATOM   687  C CA  . GLU A 1 102 ? 12.478  6.448   -0.432  1.00 22.31 ? 102 GLU A CA  1 
ATOM   688  C C   . GLU A 1 102 ? 12.443  5.527   -1.641  1.00 22.36 ? 102 GLU A C   1 
ATOM   689  O O   . GLU A 1 102 ? 13.452  5.379   -2.326  1.00 22.61 ? 102 GLU A O   1 
ATOM   690  C CB  . GLU A 1 102 ? 13.358  5.836   0.655   1.00 23.45 ? 102 GLU A CB  1 
ATOM   691  C CG  . GLU A 1 102 ? 13.445  6.695   1.902   1.00 27.00 ? 102 GLU A CG  1 
ATOM   692  C CD  . GLU A 1 102 ? 14.640  6.357   2.764   1.00 28.62 ? 102 GLU A CD  1 
ATOM   693  O OE1 . GLU A 1 102 ? 14.746  6.929   3.870   0.50 29.24 ? 102 GLU A OE1 1 
ATOM   694  O OE2 . GLU A 1 102 ? 15.470  5.528   2.334   0.50 27.75 ? 102 GLU A OE2 1 
ATOM   695  N N   . VAL A 1 103 ? 11.289  4.915   -1.916  1.00 21.66 ? 103 VAL A N   1 
ATOM   696  C CA  . VAL A 1 103 ? 11.198  4.009   -3.059  1.00 21.01 ? 103 VAL A CA  1 
ATOM   697  C C   . VAL A 1 103 ? 10.326  4.471   -4.225  1.00 21.01 ? 103 VAL A C   1 
ATOM   698  O O   . VAL A 1 103 ? 10.488  3.957   -5.342  1.00 20.32 ? 103 VAL A O   1 
ATOM   699  C CB  . VAL A 1 103 ? 10.714  2.592   -2.646  1.00 22.44 ? 103 VAL A CB  1 
ATOM   700  C CG1 . VAL A 1 103 ? 11.442  2.138   -1.389  1.00 22.85 ? 103 VAL A CG1 1 
ATOM   701  C CG2 . VAL A 1 103 ? 9.219   2.577   -2.453  1.00 21.97 ? 103 VAL A CG2 1 
ATOM   702  N N   . ILE A 1 104 ? 9.407   5.417   -3.994  1.00 18.75 ? 104 ILE A N   1 
ATOM   703  C CA  . ILE A 1 104 ? 8.554   5.883   -5.093  1.00 17.18 ? 104 ILE A CA  1 
ATOM   704  C C   . ILE A 1 104 ? 9.298   6.834   -6.030  1.00 17.79 ? 104 ILE A C   1 
ATOM   705  O O   . ILE A 1 104 ? 10.221  7.532   -5.622  1.00 17.71 ? 104 ILE A O   1 
ATOM   706  C CB  . ILE A 1 104 ? 7.258   6.601   -4.607  1.00 16.06 ? 104 ILE A CB  1 
ATOM   707  C CG1 . ILE A 1 104 ? 7.602   7.809   -3.743  1.00 15.85 ? 104 ILE A CG1 1 
ATOM   708  C CG2 . ILE A 1 104 ? 6.356   5.622   -3.860  1.00 16.57 ? 104 ILE A CG2 1 
ATOM   709  C CD1 . ILE A 1 104 ? 6.367   8.628   -3.354  1.00 16.31 ? 104 ILE A CD1 1 
ATOM   710  N N   . GLU A 1 105 ? 8.890   6.839   -7.296  1.00 18.44 ? 105 GLU A N   1 
ATOM   711  C CA  . GLU A 1 105 ? 9.488   7.687   -8.321  1.00 18.36 ? 105 GLU A CA  1 
ATOM   712  C C   . GLU A 1 105 ? 8.604   8.902   -8.562  1.00 18.83 ? 105 GLU A C   1 
ATOM   713  O O   . GLU A 1 105 ? 9.099   9.998   -8.822  1.00 17.94 ? 105 GLU A O   1 
ATOM   714  C CB  . GLU A 1 105 ? 9.626   6.906   -9.624  1.00 18.41 ? 105 GLU A CB  1 
ATOM   715  C CG  . GLU A 1 105 ? 10.556  5.726   -9.510  1.00 21.95 ? 105 GLU A CG  1 
ATOM   716  C CD  . GLU A 1 105 ? 10.394  4.737   -10.641 1.00 24.06 ? 105 GLU A CD  1 
ATOM   717  O OE1 . GLU A 1 105 ? 9.331   4.732   -11.305 1.00 24.40 ? 105 GLU A OE1 1 
ATOM   718  O OE2 . GLU A 1 105 ? 11.333  3.943   -10.849 1.00 27.18 ? 105 GLU A OE2 1 
ATOM   719  N N   . ARG A 1 106 ? 7.295   8.696   -8.474  1.00 17.89 ? 106 ARG A N   1 
ATOM   720  C CA  . ARG A 1 106 ? 6.349   9.770   -8.697  1.00 16.78 ? 106 ARG A CA  1 
ATOM   721  C C   . ARG A 1 106 ? 5.308   9.736   -7.592  1.00 18.75 ? 106 ARG A C   1 
ATOM   722  O O   . ARG A 1 106 ? 4.798   8.671   -7.258  1.00 19.62 ? 106 ARG A O   1 
ATOM   723  C CB  . ARG A 1 106 ? 5.696   9.590   -10.067 1.00 16.50 ? 106 ARG A CB  1 
ATOM   724  C CG  . ARG A 1 106 ? 6.696   9.590   -11.222 1.00 17.64 ? 106 ARG A CG  1 
ATOM   725  C CD  . ARG A 1 106 ? 5.997   9.675   -12.579 1.00 16.36 ? 106 ARG A CD  1 
ATOM   726  N NE  . ARG A 1 106 ? 5.357   8.418   -12.938 1.00 17.77 ? 106 ARG A NE  1 
ATOM   727  C CZ  . ARG A 1 106 ? 4.215   8.326   -13.609 1.00 18.75 ? 106 ARG A CZ  1 
ATOM   728  N NH1 . ARG A 1 106 ? 3.703   7.134   -13.898 1.00 17.43 ? 106 ARG A NH1 1 
ATOM   729  N NH2 . ARG A 1 106 ? 3.572   9.426   -13.976 1.00 18.83 ? 106 ARG A NH2 1 
ATOM   730  N N   . GLU A 1 107 ? 4.994   10.894  -7.023  1.00 17.47 ? 107 GLU A N   1 
ATOM   731  C CA  . GLU A 1 107 ? 4.025   10.949  -5.939  1.00 17.16 ? 107 GLU A CA  1 
ATOM   732  C C   . GLU A 1 107 ? 2.596   11.125  -6.446  1.00 15.34 ? 107 GLU A C   1 
ATOM   733  O O   . GLU A 1 107 ? 2.369   11.746  -7.479  1.00 15.12 ? 107 GLU A O   1 
ATOM   734  C CB  . GLU A 1 107 ? 4.375   12.087  -4.981  1.00 17.54 ? 107 GLU A CB  1 
ATOM   735  C CG  . GLU A 1 107 ? 3.655   12.011  -3.639  1.00 22.05 ? 107 GLU A CG  1 
ATOM   736  C CD  . GLU A 1 107 ? 3.968   13.204  -2.750  1.00 25.19 ? 107 GLU A CD  1 
ATOM   737  O OE1 . GLU A 1 107 ? 5.166   13.528  -2.596  0.50 25.49 ? 107 GLU A OE1 1 
ATOM   738  O OE2 . GLU A 1 107 ? 3.025   13.813  -2.207  0.50 23.85 ? 107 GLU A OE2 1 
ATOM   739  N N   . ALA A 1 108 ? 1.645   10.554  -5.713  1.00 16.47 ? 108 ALA A N   1 
ATOM   740  C CA  . ALA A 1 108 ? 0.223   10.641  -6.052  1.00 18.16 ? 108 ALA A CA  1 
ATOM   741  C C   . ALA A 1 108 ? -0.529  11.335  -4.912  1.00 18.33 ? 108 ALA A C   1 
ATOM   742  O O   . ALA A 1 108 ? -1.294  10.701  -4.178  1.00 19.33 ? 108 ALA A O   1 
ATOM   743  C CB  . ALA A 1 108 ? -0.350  9.236   -6.288  1.00 19.89 ? 108 ALA A CB  1 
ATOM   744  N N   . PRO A 1 109 ? -0.329  12.652  -4.765  1.00 18.91 ? 109 PRO A N   1 
ATOM   745  C CA  . PRO A 1 109 ? -0.974  13.456  -3.718  1.00 19.58 ? 109 PRO A CA  1 
ATOM   746  C C   . PRO A 1 109 ? -2.495  13.341  -3.635  1.00 20.72 ? 109 PRO A C   1 
ATOM   747  O O   . PRO A 1 109 ? -3.061  13.327  -2.548  1.00 22.69 ? 109 PRO A O   1 
ATOM   748  C CB  . PRO A 1 109 ? -0.519  14.880  -4.037  1.00 19.60 ? 109 PRO A CB  1 
ATOM   749  C CG  . PRO A 1 109 ? -0.281  14.838  -5.525  1.00 21.22 ? 109 PRO A CG  1 
ATOM   750  C CD  . PRO A 1 109 ? 0.416   13.515  -5.702  1.00 17.89 ? 109 PRO A CD  1 
ATOM   751  N N   . GLY A 1 110 ? -3.157  13.270  -4.779  1.00 21.29 ? 110 GLY A N   1 
ATOM   752  C CA  . GLY A 1 110 ? -4.603  13.162  -4.777  1.00 22.21 ? 110 GLY A CA  1 
ATOM   753  C C   . GLY A 1 110 ? -5.161  11.960  -4.037  1.00 22.14 ? 110 GLY A C   1 
ATOM   754  O O   . GLY A 1 110 ? -6.218  12.044  -3.417  1.00 22.04 ? 110 GLY A O   1 
ATOM   755  N N   . MET A 1 111 ? -4.464  10.832  -4.091  1.00 21.61 ? 111 MET A N   1 
ATOM   756  C CA  . MET A 1 111 ? -4.964  9.655   -3.412  1.00 23.45 ? 111 MET A CA  1 
ATOM   757  C C   . MET A 1 111 ? -4.807  9.770   -1.912  1.00 24.16 ? 111 MET A C   1 
ATOM   758  O O   . MET A 1 111 ? -5.690  9.352   -1.164  1.00 23.75 ? 111 MET A O   1 
ATOM   759  C CB  . MET A 1 111 ? -4.256  8.404   -3.904  1.00 26.52 ? 111 MET A CB  1 
ATOM   760  C CG  . MET A 1 111 ? -4.433  8.177   -5.367  1.00 30.16 ? 111 MET A CG  1 
ATOM   761  S SD  . MET A 1 111 ? -4.440  6.455   -5.704  1.00 36.17 ? 111 MET A SD  1 
ATOM   762  C CE  . MET A 1 111 ? -5.970  6.333   -6.654  1.00 35.65 ? 111 MET A CE  1 
ATOM   763  N N   . ALA A 1 112 ? -3.682  10.329  -1.472  1.00 23.09 ? 112 ALA A N   1 
ATOM   764  C CA  . ALA A 1 112 ? -3.444  10.507  -0.049  1.00 22.29 ? 112 ALA A CA  1 
ATOM   765  C C   . ALA A 1 112 ? -4.463  11.521  0.470   1.00 21.71 ? 112 ALA A C   1 
ATOM   766  O O   . ALA A 1 112 ? -4.996  11.373  1.570   1.00 22.05 ? 112 ALA A O   1 
ATOM   767  C CB  . ALA A 1 112 ? -2.022  11.014  0.192   1.00 21.73 ? 112 ALA A CB  1 
ATOM   768  N N   . LEU A 1 113 ? -4.730  12.548  -0.334  1.00 21.43 ? 113 LEU A N   1 
ATOM   769  C CA  . LEU A 1 113 ? -5.687  13.588  0.030   1.00 21.49 ? 113 LEU A CA  1 
ATOM   770  C C   . LEU A 1 113 ? -7.086  12.993  0.181   1.00 22.90 ? 113 LEU A C   1 
ATOM   771  O O   . LEU A 1 113 ? -7.795  13.287  1.151   1.00 21.80 ? 113 LEU A O   1 
ATOM   772  C CB  . LEU A 1 113 ? -5.704  14.690  -1.038  1.00 20.14 ? 113 LEU A CB  1 
ATOM   773  C CG  . LEU A 1 113 ? -6.822  15.739  -0.924  1.00 21.21 ? 113 LEU A CG  1 
ATOM   774  C CD1 . LEU A 1 113 ? -6.739  16.433  0.425   1.00 20.73 ? 113 LEU A CD1 1 
ATOM   775  C CD2 . LEU A 1 113 ? -6.718  16.754  -2.058  1.00 19.47 ? 113 LEU A CD2 1 
ATOM   776  N N   . ALA A 1 114 ? -7.471  12.155  -0.782  1.00 22.04 ? 114 ALA A N   1 
ATOM   777  C CA  . ALA A 1 114 ? -8.775  11.501  -0.776  1.00 22.22 ? 114 ALA A CA  1 
ATOM   778  C C   . ALA A 1 114 ? -9.007  10.727  0.520   1.00 22.43 ? 114 ALA A C   1 
ATOM   779  O O   . ALA A 1 114 ? -10.058 10.849  1.147   1.00 21.56 ? 114 ALA A O   1 
ATOM   780  C CB  . ALA A 1 114 ? -8.890  10.556  -1.974  1.00 21.80 ? 114 ALA A CB  1 
ATOM   781  N N   . MET A 1 115 ? -8.017  9.934   0.918   1.00 22.11 ? 115 MET A N   1 
ATOM   782  C CA  . MET A 1 115 ? -8.125  9.133   2.130   1.00 22.36 ? 115 MET A CA  1 
ATOM   783  C C   . MET A 1 115 ? -8.124  9.983   3.397   1.00 21.61 ? 115 MET A C   1 
ATOM   784  O O   . MET A 1 115 ? -8.831  9.664   4.360   1.00 22.44 ? 115 MET A O   1 
ATOM   785  C CB  . MET A 1 115 ? -6.977  8.111   2.213   1.00 22.71 ? 115 MET A CB  1 
ATOM   786  C CG  . MET A 1 115 ? -6.925  7.080   1.090   1.00 21.82 ? 115 MET A CG  1 
ATOM   787  S SD  . MET A 1 115 ? -5.661  5.807   1.394   1.00 24.14 ? 115 MET A SD  1 
ATOM   788  C CE  . MET A 1 115 ? -4.113  6.771   1.323   1.00 21.05 ? 115 MET A CE  1 
ATOM   789  N N   . LEU A 1 116 ? -7.329  11.051  3.403   1.00 20.82 ? 116 LEU A N   1 
ATOM   790  C CA  . LEU A 1 116 ? -7.248  11.912  4.579   1.00 21.74 ? 116 LEU A CA  1 
ATOM   791  C C   . LEU A 1 116 ? -8.524  12.715  4.801   1.00 22.45 ? 116 LEU A C   1 
ATOM   792  O O   . LEU A 1 116 ? -8.989  12.849  5.930   1.00 22.38 ? 116 LEU A O   1 
ATOM   793  C CB  . LEU A 1 116 ? -6.044  12.853  4.475   1.00 22.43 ? 116 LEU A CB  1 
ATOM   794  C CG  . LEU A 1 116 ? -4.665  12.210  4.692   1.00 23.48 ? 116 LEU A CG  1 
ATOM   795  C CD1 . LEU A 1 116 ? -3.568  13.266  4.483   1.00 23.36 ? 116 LEU A CD1 1 
ATOM   796  C CD2 . LEU A 1 116 ? -4.575  11.613  6.103   1.00 22.07 ? 116 LEU A CD2 1 
ATOM   797  N N   . MET A 1 117 ? -9.087  13.255  3.729   1.00 23.09 ? 117 MET A N   1 
ATOM   798  C CA  . MET A 1 117 ? -10.320 14.014  3.857   1.00 25.38 ? 117 MET A CA  1 
ATOM   799  C C   . MET A 1 117 ? -11.410 13.074  4.350   1.00 26.32 ? 117 MET A C   1 
ATOM   800  O O   . MET A 1 117 ? -12.209 13.435  5.206   1.00 28.36 ? 117 MET A O   1 
ATOM   801  C CB  . MET A 1 117 ? -10.735 14.603  2.514   1.00 26.06 ? 117 MET A CB  1 
ATOM   802  C CG  . MET A 1 117 ? -9.925  15.798  2.067   1.00 28.11 ? 117 MET A CG  1 
ATOM   803  S SD  . MET A 1 117 ? -10.513 16.405  0.476   1.00 33.99 ? 117 MET A SD  1 
ATOM   804  C CE  . MET A 1 117 ? -12.121 17.046  0.941   1.00 31.53 ? 117 MET A CE  1 
ATOM   805  N N   . GLY A 1 118 ? -11.433 11.865  3.803   1.00 26.76 ? 118 GLY A N   1 
ATOM   806  C CA  . GLY A 1 118 ? -12.431 10.893  4.203   1.00 27.82 ? 118 GLY A CA  1 
ATOM   807  C C   . GLY A 1 118 ? -12.338 10.573  5.680   1.00 28.57 ? 118 GLY A C   1 
ATOM   808  O O   . GLY A 1 118 ? -13.353 10.364  6.346   1.00 28.50 ? 118 GLY A O   1 
ATOM   809  N N   . SER A 1 119 ? -11.109 10.535  6.188   1.00 27.91 ? 119 SER A N   1 
ATOM   810  C CA  . SER A 1 119 ? -10.851 10.236  7.593   1.00 27.39 ? 119 SER A CA  1 
ATOM   811  C C   . SER A 1 119 ? -11.221 11.398  8.506   1.00 27.20 ? 119 SER A C   1 
ATOM   812  O O   . SER A 1 119 ? -11.839 11.205  9.553   1.00 27.29 ? 119 SER A O   1 
ATOM   813  C CB  . SER A 1 119 ? -9.373  9.891   7.785   1.00 26.76 ? 119 SER A CB  1 
ATOM   814  O OG  . SER A 1 119 ? -8.993  8.838   6.917   1.00 29.07 ? 119 SER A OG  1 
ATOM   815  N N   . LEU A 1 120 ? -10.823 12.602  8.115   1.00 26.74 ? 120 LEU A N   1 
ATOM   816  C CA  . LEU A 1 120 ? -11.118 13.786  8.903   1.00 27.05 ? 120 LEU A CA  1 
ATOM   817  C C   . LEU A 1 120 ? -12.605 14.071  8.860   1.00 28.57 ? 120 LEU A C   1 
ATOM   818  O O   . LEU A 1 120 ? -13.112 14.865  9.649   1.00 29.65 ? 120 LEU A O   1 
ATOM   819  C CB  . LEU A 1 120 ? -10.341 14.989  8.372   1.00 25.78 ? 120 LEU A CB  1 
ATOM   820  C CG  . LEU A 1 120 ? -8.813  14.930  8.464   1.00 24.48 ? 120 LEU A CG  1 
ATOM   821  C CD1 . LEU A 1 120 ? -8.235  16.026  7.586   1.00 23.41 ? 120 LEU A CD1 1 
ATOM   822  C CD2 . LEU A 1 120 ? -8.354  15.071  9.908   1.00 23.54 ? 120 LEU A CD2 1 
ATOM   823  N N   . ASN A 1 121 ? -13.294 13.438  7.915   1.00 30.14 ? 121 ASN A N   1 
ATOM   824  C CA  . ASN A 1 121 ? -14.736 13.602  7.787   1.00 32.33 ? 121 ASN A CA  1 
ATOM   825  C C   . ASN A 1 121 ? -15.344 12.709  8.851   1.00 34.11 ? 121 ASN A C   1 
ATOM   826  O O   . ASN A 1 121 ? -16.434 12.973  9.340   1.00 37.71 ? 121 ASN A O   1 
ATOM   827  C CB  . ASN A 1 121 ? -15.223 13.162  6.405   1.00 31.93 ? 121 ASN A CB  1 
ATOM   828  C CG  . ASN A 1 121 ? -16.722 13.345  6.231   1.00 32.73 ? 121 ASN A CG  1 
ATOM   829  O OD1 . ASN A 1 121 ? -17.231 14.468  6.297   0.00 32.38 ? 121 ASN A OD1 1 
ATOM   830  N ND2 . ASN A 1 121 ? -17.437 12.246  6.010   0.00 32.37 ? 121 ASN A ND2 1 
ATOM   831  N N   . VAL A 1 122 ? -14.621 11.655  9.216   1.00 35.03 ? 122 VAL A N   1 
ATOM   832  C CA  . VAL A 1 122 ? -15.075 10.720  10.244  1.00 35.10 ? 122 VAL A CA  1 
ATOM   833  C C   . VAL A 1 122 ? -14.632 11.176  11.635  1.00 35.69 ? 122 VAL A C   1 
ATOM   834  O O   . VAL A 1 122 ? -15.445 11.237  12.560  1.00 35.24 ? 122 VAL A O   1 
ATOM   835  C CB  . VAL A 1 122 ? -14.523 9.290   9.998   1.00 36.08 ? 122 VAL A CB  1 
ATOM   836  C CG1 . VAL A 1 122 ? -14.868 8.386   11.163  1.00 36.42 ? 122 VAL A CG1 1 
ATOM   837  C CG2 . VAL A 1 122 ? -15.100 8.716   8.723   1.00 36.39 ? 122 VAL A CG2 1 
ATOM   838  N N   . THR A 1 123 ? -13.349 11.505  11.780  1.00 35.16 ? 123 THR A N   1 
ATOM   839  C CA  . THR A 1 123 ? -12.821 11.922  13.076  1.00 34.93 ? 123 THR A CA  1 
ATOM   840  C C   . THR A 1 123 ? -11.581 12.821  12.978  1.00 34.14 ? 123 THR A C   1 
ATOM   841  O O   . THR A 1 123 ? -10.746 12.644  12.094  1.00 33.65 ? 123 THR A O   1 
ATOM   842  C CB  . THR A 1 123 ? -12.471 10.682  13.923  1.00 35.97 ? 123 THR A CB  1 
ATOM   843  O OG1 . THR A 1 123 ? -11.943 11.089  15.191  1.00 38.67 ? 123 THR A OG1 1 
ATOM   844  C CG2 . THR A 1 123 ? -11.443 9.821   13.195  1.00 37.42 ? 123 THR A CG2 1 
ATOM   845  N N   . PRO A 1 124 ? -11.447 13.789  13.899  1.00 32.92 ? 124 PRO A N   1 
ATOM   846  C CA  . PRO A 1 124 ? -10.315 14.716  13.924  1.00 32.20 ? 124 PRO A CA  1 
ATOM   847  C C   . PRO A 1 124 ? -9.013  13.977  14.180  1.00 31.72 ? 124 PRO A C   1 
ATOM   848  O O   . PRO A 1 124 ? -7.933  14.533  14.007  1.00 31.60 ? 124 PRO A O   1 
ATOM   849  C CB  . PRO A 1 124 ? -10.677 15.664  15.058  1.00 33.70 ? 124 PRO A CB  1 
ATOM   850  C CG  . PRO A 1 124 ? -11.414 14.772  16.004  1.00 33.73 ? 124 PRO A CG  1 
ATOM   851  C CD  . PRO A 1 124 ? -12.321 14.018  15.062  1.00 33.91 ? 124 PRO A CD  1 
ATOM   852  N N   . LEU A 1 125 ? -9.123  12.726  14.618  1.00 31.16 ? 125 LEU A N   1 
ATOM   853  C CA  . LEU A 1 125 ? -7.939  11.915  14.862  1.00 31.71 ? 125 LEU A CA  1 
ATOM   854  C C   . LEU A 1 125 ? -7.404  11.471  13.508  1.00 30.34 ? 125 LEU A C   1 
ATOM   855  O O   . LEU A 1 125 ? -6.370  10.806  13.410  1.00 30.12 ? 125 LEU A O   1 
ATOM   856  C CB  . LEU A 1 125 ? -8.261  10.700  15.739  1.00 32.64 ? 125 LEU A CB  1 
ATOM   857  C CG  . LEU A 1 125 ? -7.959  10.890  17.230  1.00 33.53 ? 125 LEU A CG  1 
ATOM   858  C CD1 . LEU A 1 125 ? -8.926  11.882  17.834  1.00 34.99 ? 125 LEU A CD1 1 
ATOM   859  C CD2 . LEU A 1 125 ? -8.063  9.559   17.938  1.00 32.84 ? 125 LEU A CD2 1 
ATOM   860  N N   . GLY A 1 126 ? -8.129  11.857  12.464  1.00 29.76 ? 126 GLY A N   1 
ATOM   861  C CA  . GLY A 1 126 ? -7.717  11.543  11.111  1.00 28.09 ? 126 GLY A CA  1 
ATOM   862  C C   . GLY A 1 126 ? -6.428  12.278  10.788  1.00 26.33 ? 126 GLY A C   1 
ATOM   863  O O   . GLY A 1 126 ? -5.710  11.878  9.884   1.00 27.14 ? 126 GLY A O   1 
ATOM   864  N N   . MET A 1 127 ? -6.123  13.345  11.522  1.00 25.02 ? 127 MET A N   1 
ATOM   865  C CA  . MET A 1 127 ? -4.891  14.077  11.263  1.00 26.04 ? 127 MET A CA  1 
ATOM   866  C C   . MET A 1 127 ? -3.663  13.445  11.921  1.00 25.34 ? 127 MET A C   1 
ATOM   867  O O   . MET A 1 127 ? -2.567  14.008  11.887  1.00 24.74 ? 127 MET A O   1 
ATOM   868  C CB  . MET A 1 127 ? -5.032  15.559  11.654  1.00 26.99 ? 127 MET A CB  1 
ATOM   869  C CG  . MET A 1 127 ? -5.479  15.855  13.061  1.00 27.93 ? 127 MET A CG  1 
ATOM   870  S SD  . MET A 1 127 ? -5.810  17.632  13.262  1.00 30.12 ? 127 MET A SD  1 
ATOM   871  C CE  . MET A 1 127 ? -7.594  17.678  13.097  1.00 29.31 ? 127 MET A CE  1 
ATOM   872  N N   . LEU A 1 128 ? -3.861  12.262  12.503  1.00 24.42 ? 128 LEU A N   1 
ATOM   873  C CA  . LEU A 1 128 ? -2.782  11.502  13.137  1.00 25.59 ? 128 LEU A CA  1 
ATOM   874  C C   . LEU A 1 128 ? -2.262  10.419  12.169  1.00 25.28 ? 128 LEU A C   1 
ATOM   875  O O   . LEU A 1 128 ? -1.329  9.665   12.490  1.00 24.17 ? 128 LEU A O   1 
ATOM   876  C CB  . LEU A 1 128 ? -3.266  10.851  14.441  1.00 26.73 ? 128 LEU A CB  1 
ATOM   877  C CG  . LEU A 1 128 ? -3.525  11.789  15.624  1.00 28.24 ? 128 LEU A CG  1 
ATOM   878  C CD1 . LEU A 1 128 ? -3.874  10.977  16.863  1.00 28.74 ? 128 LEU A CD1 1 
ATOM   879  C CD2 . LEU A 1 128 ? -2.287  12.631  15.877  1.00 28.19 ? 128 LEU A CD2 1 
ATOM   880  N N   . SER A 1 129 ? -2.877  10.361  10.985  1.00 25.24 ? 129 SER A N   1 
ATOM   881  C CA  . SER A 1 129 ? -2.495  9.418   9.932   1.00 24.53 ? 129 SER A CA  1 
ATOM   882  C C   . SER A 1 129 ? -1.557  10.166  8.979   1.00 22.44 ? 129 SER A C   1 
ATOM   883  O O   . SER A 1 129 ? -1.809  11.328  8.640   1.00 21.53 ? 129 SER A O   1 
ATOM   884  C CB  . SER A 1 129 ? -3.732  8.930   9.171   1.00 26.15 ? 129 SER A CB  1 
ATOM   885  O OG  . SER A 1 129 ? -3.462  7.704   8.508   1.00 31.09 ? 129 SER A OG  1 
ATOM   886  N N   . ARG A 1 130 ? -0.490  9.495   8.550   1.00 20.87 ? 130 ARG A N   1 
ATOM   887  C CA  . ARG A 1 130 ? 0.511   10.108  7.682   1.00 19.61 ? 130 ARG A CA  1 
ATOM   888  C C   . ARG A 1 130 ? 0.765   9.299   6.403   1.00 20.18 ? 130 ARG A C   1 
ATOM   889  O O   . ARG A 1 130 ? 1.911   9.117   5.996   1.00 20.60 ? 130 ARG A O   1 
ATOM   890  C CB  . ARG A 1 130 ? 1.829   10.247  8.463   1.00 18.47 ? 130 ARG A CB  1 
ATOM   891  C CG  . ARG A 1 130 ? 1.673   10.728  9.912   1.00 18.49 ? 130 ARG A CG  1 
ATOM   892  C CD  . ARG A 1 130 ? 3.002   10.781  10.677  1.00 16.80 ? 130 ARG A CD  1 
ATOM   893  N NE  . ARG A 1 130 ? 3.720   9.508   10.644  1.00 14.83 ? 130 ARG A NE  1 
ATOM   894  C CZ  . ARG A 1 130 ? 4.745   9.248   9.836   1.00 16.06 ? 130 ARG A CZ  1 
ATOM   895  N NH1 . ARG A 1 130 ? 5.190   10.169  8.989   1.00 15.90 ? 130 ARG A NH1 1 
ATOM   896  N NH2 . ARG A 1 130 ? 5.332   8.061   9.867   1.00 17.53 ? 130 ARG A NH2 1 
ATOM   897  N N   . PRO A 1 131 ? -0.294  8.838   5.730   1.00 19.71 ? 131 PRO A N   1 
ATOM   898  C CA  . PRO A 1 131 ? -0.077  8.053   4.513   1.00 20.14 ? 131 PRO A CA  1 
ATOM   899  C C   . PRO A 1 131 ? 0.599   8.754   3.343   1.00 19.98 ? 131 PRO A C   1 
ATOM   900  O O   . PRO A 1 131 ? 0.432   9.951   3.138   1.00 18.87 ? 131 PRO A O   1 
ATOM   901  C CB  . PRO A 1 131 ? -1.486  7.609   4.141   1.00 20.92 ? 131 PRO A CB  1 
ATOM   902  C CG  . PRO A 1 131 ? -2.290  8.815   4.530   1.00 20.84 ? 131 PRO A CG  1 
ATOM   903  C CD  . PRO A 1 131 ? -1.727  9.145   5.899   1.00 21.28 ? 131 PRO A CD  1 
ATOM   904  N N   . VAL A 1 132 ? 1.367   7.976   2.584   1.00 20.62 ? 132 VAL A N   1 
ATOM   905  C CA  . VAL A 1 132 ? 2.026   8.455   1.372   1.00 19.94 ? 132 VAL A CA  1 
ATOM   906  C C   . VAL A 1 132 ? 1.533   7.525   0.251   1.00 19.23 ? 132 VAL A C   1 
ATOM   907  O O   . VAL A 1 132 ? 1.341   6.327   0.472   1.00 19.64 ? 132 VAL A O   1 
ATOM   908  C CB  . VAL A 1 132 ? 3.576   8.365   1.474   1.00 19.18 ? 132 VAL A CB  1 
ATOM   909  C CG1 . VAL A 1 132 ? 4.210   8.510   0.100   1.00 18.70 ? 132 VAL A CG1 1 
ATOM   910  C CG2 . VAL A 1 132 ? 4.088   9.448   2.383   1.00 19.34 ? 132 VAL A CG2 1 
ATOM   911  N N   . CYS A 1 133 ? 1.274   8.079   -0.926  1.00 18.25 ? 133 CYS A N   1 
ATOM   912  C CA  . CYS A 1 133 ? 0.839   7.273   -2.066  1.00 19.59 ? 133 CYS A CA  1 
ATOM   913  C C   . CYS A 1 133 ? 1.773   7.628   -3.201  1.00 19.56 ? 133 CYS A C   1 
ATOM   914  O O   . CYS A 1 133 ? 2.044   8.805   -3.447  1.00 19.42 ? 133 CYS A O   1 
ATOM   915  C CB  . CYS A 1 133 ? -0.599  7.591   -2.485  1.00 19.90 ? 133 CYS A CB  1 
ATOM   916  S SG  . CYS A 1 133 ? -1.837  7.039   -1.306  1.00 26.74 ? 133 CYS A SG  1 
ATOM   917  N N   . GLY A 1 134 ? 2.266   6.617   -3.902  1.00 18.95 ? 134 GLY A N   1 
ATOM   918  C CA  . GLY A 1 134 ? 3.187   6.905   -4.973  1.00 18.02 ? 134 GLY A CA  1 
ATOM   919  C C   . GLY A 1 134 ? 3.311   5.815   -5.995  1.00 17.03 ? 134 GLY A C   1 
ATOM   920  O O   . GLY A 1 134 ? 2.775   4.730   -5.845  1.00 16.03 ? 134 GLY A O   1 
ATOM   921  N N   . ILE A 1 135 ? 4.067   6.124   -7.033  1.00 17.48 ? 135 ILE A N   1 
ATOM   922  C CA  . ILE A 1 135 ? 4.278   5.226   -8.146  1.00 16.14 ? 135 ILE A CA  1 
ATOM   923  C C   . ILE A 1 135 ? 5.755   4.876   -8.339  1.00 17.63 ? 135 ILE A C   1 
ATOM   924  O O   . ILE A 1 135 ? 6.631   5.736   -8.214  1.00 16.94 ? 135 ILE A O   1 
ATOM   925  C CB  . ILE A 1 135 ? 3.791   5.899   -9.443  1.00 15.12 ? 135 ILE A CB  1 
ATOM   926  C CG1 . ILE A 1 135 ? 2.328   6.321   -9.297  1.00 13.97 ? 135 ILE A CG1 1 
ATOM   927  C CG2 . ILE A 1 135 ? 3.995   4.974   -10.624 1.00 15.19 ? 135 ILE A CG2 1 
ATOM   928  C CD1 . ILE A 1 135 ? 1.871   7.269   -10.381 1.00 14.39 ? 135 ILE A CD1 1 
ATOM   929  N N   . ARG A 1 136 ? 6.010   3.603   -8.631  1.00 17.67 ? 136 ARG A N   1 
ATOM   930  C CA  . ARG A 1 136 ? 7.346   3.123   -8.952  1.00 16.63 ? 136 ARG A CA  1 
ATOM   931  C C   . ARG A 1 136 ? 7.134   2.129   -10.079 1.00 18.00 ? 136 ARG A C   1 
ATOM   932  O O   . ARG A 1 136 ? 6.458   1.108   -9.897  1.00 17.48 ? 136 ARG A O   1 
ATOM   933  C CB  . ARG A 1 136 ? 8.025   2.423   -7.780  1.00 17.19 ? 136 ARG A CB  1 
ATOM   934  C CG  . ARG A 1 136 ? 9.446   1.992   -8.133  1.00 16.90 ? 136 ARG A CG  1 
ATOM   935  C CD  . ARG A 1 136 ? 10.069  1.166   -7.032  1.00 19.28 ? 136 ARG A CD  1 
ATOM   936  N NE  . ARG A 1 136 ? 11.401  0.677   -7.383  1.00 20.86 ? 136 ARG A NE  1 
ATOM   937  C CZ  . ARG A 1 136 ? 12.534  1.234   -6.967  1.00 22.84 ? 136 ARG A CZ  1 
ATOM   938  N NH1 . ARG A 1 136 ? 12.500  2.310   -6.184  1.00 20.75 ? 136 ARG A NH1 1 
ATOM   939  N NH2 . ARG A 1 136 ? 13.700  0.704   -7.312  1.00 19.52 ? 136 ARG A NH2 1 
ATOM   940  N N   . GLY A 1 137 ? 7.691   2.444   -11.248 1.00 19.10 ? 137 GLY A N   1 
ATOM   941  C CA  . GLY A 1 137 ? 7.545   1.574   -12.403 1.00 20.19 ? 137 GLY A CA  1 
ATOM   942  C C   . GLY A 1 137 ? 6.073   1.428   -12.747 1.00 20.95 ? 137 GLY A C   1 
ATOM   943  O O   . GLY A 1 137 ? 5.354   2.418   -12.871 1.00 19.96 ? 137 GLY A O   1 
ATOM   944  N N   . LYS A 1 138 ? 5.601   0.199   -12.892 1.00 21.39 ? 138 LYS A N   1 
ATOM   945  C CA  . LYS A 1 138 ? 4.193   0.025   -13.207 1.00 23.12 ? 138 LYS A CA  1 
ATOM   946  C C   . LYS A 1 138 ? 3.370   -0.265  -11.953 1.00 21.70 ? 138 LYS A C   1 
ATOM   947  O O   . LYS A 1 138 ? 2.217   -0.690  -12.047 1.00 22.85 ? 138 LYS A O   1 
ATOM   948  C CB  . LYS A 1 138 ? 4.022   -1.080  -14.266 1.00 25.86 ? 138 LYS A CB  1 
ATOM   949  C CG  . LYS A 1 138 ? 4.726   -2.385  -13.976 1.00 28.86 ? 138 LYS A CG  1 
ATOM   950  C CD  . LYS A 1 138 ? 4.736   -3.322  -15.199 1.00 30.53 ? 138 LYS A CD  1 
ATOM   951  C CE  . LYS A 1 138 ? 5.851   -2.958  -16.185 1.00 31.11 ? 138 LYS A CE  1 
ATOM   952  N NZ  . LYS A 1 138 ? 6.030   -3.944  -17.284 0.50 28.68 ? 138 LYS A NZ  1 
ATOM   953  N N   . THR A 1 139 ? 3.952   0.017   -10.784 1.00 20.32 ? 139 THR A N   1 
ATOM   954  C CA  . THR A 1 139 ? 3.300   -0.254  -9.504  1.00 17.86 ? 139 THR A CA  1 
ATOM   955  C C   . THR A 1 139 ? 2.826   0.966   -8.726  1.00 17.62 ? 139 THR A C   1 
ATOM   956  O O   . THR A 1 139 ? 3.557   1.933   -8.578  1.00 16.86 ? 139 THR A O   1 
ATOM   957  C CB  . THR A 1 139 ? 4.236   -1.024  -8.547  1.00 17.99 ? 139 THR A CB  1 
ATOM   958  O OG1 . THR A 1 139 ? 4.934   -2.046  -9.265  1.00 17.12 ? 139 THR A OG1 1 
ATOM   959  C CG2 . THR A 1 139 ? 3.422   -1.676  -7.418  1.00 18.54 ? 139 THR A CG2 1 
ATOM   960  N N   . LEU A 1 140 ? 1.595   0.911   -8.218  1.00 15.79 ? 140 LEU A N   1 
ATOM   961  C CA  . LEU A 1 140 ? 1.055   1.990   -7.402  1.00 13.87 ? 140 LEU A CA  1 
ATOM   962  C C   . LEU A 1 140 ? 1.164   1.478   -5.978  1.00 14.45 ? 140 LEU A C   1 
ATOM   963  O O   . LEU A 1 140 ? 0.826   0.331   -5.708  1.00 17.70 ? 140 LEU A O   1 
ATOM   964  C CB  . LEU A 1 140 ? -0.415  2.255   -7.747  1.00 15.41 ? 140 LEU A CB  1 
ATOM   965  C CG  . LEU A 1 140 ? -1.239  3.175   -6.834  1.00 16.82 ? 140 LEU A CG  1 
ATOM   966  C CD1 . LEU A 1 140 ? -0.598  4.555   -6.738  1.00 15.37 ? 140 LEU A CD1 1 
ATOM   967  C CD2 . LEU A 1 140 ? -2.666  3.276   -7.390  1.00 14.86 ? 140 LEU A CD2 1 
ATOM   968  N N   . ILE A 1 141 ? 1.640   2.321   -5.071  1.00 14.18 ? 141 ILE A N   1 
ATOM   969  C CA  . ILE A 1 141 ? 1.802   1.945   -3.671  1.00 13.72 ? 141 ILE A CA  1 
ATOM   970  C C   . ILE A 1 141 ? 0.924   2.849   -2.815  1.00 14.82 ? 141 ILE A C   1 
ATOM   971  O O   . ILE A 1 141 ? 1.025   4.082   -2.881  1.00 14.52 ? 141 ILE A O   1 
ATOM   972  C CB  . ILE A 1 141 ? 3.279   2.086   -3.231  1.00 13.39 ? 141 ILE A CB  1 
ATOM   973  C CG1 . ILE A 1 141 ? 4.160   1.246   -4.154  1.00 13.73 ? 141 ILE A CG1 1 
ATOM   974  C CG2 . ILE A 1 141 ? 3.444   1.647   -1.774  1.00 14.34 ? 141 ILE A CG2 1 
ATOM   975  C CD1 . ILE A 1 141 ? 5.631   1.516   -3.993  1.00 15.41 ? 141 ILE A CD1 1 
ATOM   976  N N   . ILE A 1 142 ? 0.062   2.230   -2.016  1.00 14.08 ? 142 ILE A N   1 
ATOM   977  C CA  . ILE A 1 142 ? -0.860  2.962   -1.157  1.00 15.25 ? 142 ILE A CA  1 
ATOM   978  C C   . ILE A 1 142 ? -0.620  2.636   0.307   1.00 14.75 ? 142 ILE A C   1 
ATOM   979  O O   . ILE A 1 142 ? -0.639  1.467   0.679   1.00 15.64 ? 142 ILE A O   1 
ATOM   980  C CB  . ILE A 1 142 ? -2.331  2.572   -1.465  1.00 16.02 ? 142 ILE A CB  1 
ATOM   981  C CG1 . ILE A 1 142 ? -2.600  2.650   -2.971  1.00 15.61 ? 142 ILE A CG1 1 
ATOM   982  C CG2 . ILE A 1 142 ? -3.276  3.458   -0.667  1.00 16.43 ? 142 ILE A CG2 1 
ATOM   983  C CD1 . ILE A 1 142 ? -2.448  4.031   -3.554  1.00 21.11 ? 142 ILE A CD1 1 
ATOM   984  N N   . ASN A 1 143 ? -0.408  3.657   1.134   1.00 14.51 ? 143 ASN A N   1 
ATOM   985  C CA  . ASN A 1 143 ? -0.215  3.448   2.572   1.00 14.80 ? 143 ASN A CA  1 
ATOM   986  C C   . ASN A 1 143 ? -1.575  3.455   3.273   1.00 15.32 ? 143 ASN A C   1 
ATOM   987  O O   . ASN A 1 143 ? -2.230  4.496   3.330   1.00 17.17 ? 143 ASN A O   1 
ATOM   988  C CB  . ASN A 1 143 ? 0.620   4.568   3.196   1.00 15.03 ? 143 ASN A CB  1 
ATOM   989  C CG  . ASN A 1 143 ? 2.089   4.487   2.839   1.00 16.44 ? 143 ASN A CG  1 
ATOM   990  O OD1 . ASN A 1 143 ? 2.563   3.495   2.280   1.00 16.99 ? 143 ASN A OD1 1 
ATOM   991  N ND2 . ASN A 1 143 ? 2.821   5.533   3.177   1.00 15.42 ? 143 ASN A ND2 1 
ATOM   992  N N   . LEU A 1 144 ? -1.990  2.313   3.814   1.00 16.50 ? 144 LEU A N   1 
ATOM   993  C CA  . LEU A 1 144 ? -3.269  2.223   4.528   1.00 16.60 ? 144 LEU A CA  1 
ATOM   994  C C   . LEU A 1 144 ? -3.016  2.097   6.030   1.00 17.75 ? 144 LEU A C   1 
ATOM   995  O O   . LEU A 1 144 ? -1.959  1.627   6.453   1.00 16.03 ? 144 LEU A O   1 
ATOM   996  C CB  . LEU A 1 144 ? -4.073  1.008   4.048   1.00 15.96 ? 144 LEU A CB  1 
ATOM   997  C CG  . LEU A 1 144 ? -4.608  0.984   2.614   1.00 15.61 ? 144 LEU A CG  1 
ATOM   998  C CD1 . LEU A 1 144 ? -5.241  -0.366  2.363   1.00 15.75 ? 144 LEU A CD1 1 
ATOM   999  C CD2 . LEU A 1 144 ? -5.625  2.099   2.382   1.00 16.08 ? 144 LEU A CD2 1 
ATOM   1000 N N   . PRO A 1 145 ? -3.977  2.528   6.866   1.00 18.62 ? 145 PRO A N   1 
ATOM   1001 C CA  . PRO A 1 145 ? -3.740  2.404   8.309   1.00 20.71 ? 145 PRO A CA  1 
ATOM   1002 C C   . PRO A 1 145 ? -3.714  0.938   8.737   1.00 21.95 ? 145 PRO A C   1 
ATOM   1003 O O   . PRO A 1 145 ? -4.155  0.062   7.983   1.00 21.79 ? 145 PRO A O   1 
ATOM   1004 C CB  . PRO A 1 145 ? -4.898  3.194   8.923   1.00 21.56 ? 145 PRO A CB  1 
ATOM   1005 C CG  . PRO A 1 145 ? -5.970  3.112   7.887   1.00 21.35 ? 145 PRO A CG  1 
ATOM   1006 C CD  . PRO A 1 145 ? -5.215  3.276   6.594   1.00 20.65 ? 145 PRO A CD  1 
ATOM   1007 N N   . GLY A 1 146 ? -3.186  0.675   9.933   1.00 23.48 ? 146 GLY A N   1 
ATOM   1008 C CA  . GLY A 1 146 ? -3.088  -0.688  10.435  1.00 24.48 ? 146 GLY A CA  1 
ATOM   1009 C C   . GLY A 1 146 ? -4.370  -1.355  10.926  1.00 26.33 ? 146 GLY A C   1 
ATOM   1010 O O   . GLY A 1 146 ? -4.449  -2.583  10.963  1.00 27.12 ? 146 GLY A O   1 
ATOM   1011 N N   . SER A 1 147 ? -5.376  -0.574  11.302  1.00 27.35 ? 147 SER A N   1 
ATOM   1012 C CA  . SER A 1 147 ? -6.628  -1.155  11.789  1.00 28.97 ? 147 SER A CA  1 
ATOM   1013 C C   . SER A 1 147 ? -7.477  -1.712  10.648  1.00 29.69 ? 147 SER A C   1 
ATOM   1014 O O   . SER A 1 147 ? -7.445  -1.186  9.533   1.00 29.16 ? 147 SER A O   1 
ATOM   1015 C CB  . SER A 1 147 ? -7.436  -0.104  12.550  1.00 30.12 ? 147 SER A CB  1 
ATOM   1016 O OG  . SER A 1 147 ? -8.086  0.781   11.653  1.00 33.20 ? 147 SER A OG  1 
ATOM   1017 N N   . LYS A 1 148 ? -8.247  -2.763  10.929  1.00 29.42 ? 148 LYS A N   1 
ATOM   1018 C CA  . LYS A 1 148 ? -9.097  -3.379  9.909   1.00 29.49 ? 148 LYS A CA  1 
ATOM   1019 C C   . LYS A 1 148 ? -10.156 -2.425  9.363   1.00 28.32 ? 148 LYS A C   1 
ATOM   1020 O O   . LYS A 1 148 ? -10.367 -2.356  8.160   1.00 27.90 ? 148 LYS A O   1 
ATOM   1021 C CB  . LYS A 1 148 ? -9.777  -4.630  10.469  1.00 30.42 ? 148 LYS A CB  1 
ATOM   1022 C CG  . LYS A 1 148 ? -10.785 -5.258  9.524   1.00 32.10 ? 148 LYS A CG  1 
ATOM   1023 C CD  . LYS A 1 148 ? -11.490 -6.421  10.192  1.00 35.10 ? 148 LYS A CD  1 
ATOM   1024 C CE  . LYS A 1 148 ? -12.609 -6.965  9.324   1.00 36.47 ? 148 LYS A CE  1 
ATOM   1025 N NZ  . LYS A 1 148 ? -13.328 -8.101  9.979   1.00 38.12 ? 148 LYS A NZ  1 
ATOM   1026 N N   . LYS A 1 149 ? -10.813 -1.689  10.250  1.00 28.42 ? 149 LYS A N   1 
ATOM   1027 C CA  . LYS A 1 149 ? -11.859 -0.751  9.848   1.00 29.43 ? 149 LYS A CA  1 
ATOM   1028 C C   . LYS A 1 149 ? -11.309 0.395   9.005   1.00 28.56 ? 149 LYS A C   1 
ATOM   1029 O O   . LYS A 1 149 ? -11.900 0.772   7.995   1.00 29.82 ? 149 LYS A O   1 
ATOM   1030 C CB  . LYS A 1 149 ? -12.560 -0.183  11.093  1.00 30.50 ? 149 LYS A CB  1 
ATOM   1031 C CG  . LYS A 1 149 ? -13.784 0.688   10.820  1.00 32.15 ? 149 LYS A CG  1 
ATOM   1032 C CD  . LYS A 1 149 ? -14.471 1.063   12.124  0.00 31.67 ? 149 LYS A CD  1 
ATOM   1033 C CE  . LYS A 1 149 ? -15.876 1.596   11.894  0.00 31.82 ? 149 LYS A CE  1 
ATOM   1034 N NZ  . LYS A 1 149 ? -15.898 2.836   11.070  0.00 31.77 ? 149 LYS A NZ  1 
ATOM   1035 N N   . GLY A 1 150 ? -10.173 0.940   9.426   1.00 27.40 ? 150 GLY A N   1 
ATOM   1036 C CA  . GLY A 1 150 ? -9.577  2.058   8.715   1.00 26.89 ? 150 GLY A CA  1 
ATOM   1037 C C   . GLY A 1 150 ? -9.025  1.731   7.348   1.00 25.24 ? 150 GLY A C   1 
ATOM   1038 O O   . GLY A 1 150 ? -9.255  2.479   6.392   1.00 24.47 ? 150 GLY A O   1 
ATOM   1039 N N   . SER A 1 151 ? -8.288  0.626   7.251   1.00 24.65 ? 151 SER A N   1 
ATOM   1040 C CA  . SER A 1 151 ? -7.709  0.205   5.977   1.00 24.88 ? 151 SER A CA  1 
ATOM   1041 C C   . SER A 1 151 ? -8.817  -0.192  5.007   1.00 24.78 ? 151 SER A C   1 
ATOM   1042 O O   . SER A 1 151 ? -8.679  -0.027  3.799   1.00 25.82 ? 151 SER A O   1 
ATOM   1043 C CB  . SER A 1 151 ? -6.749  -0.968  6.179   1.00 23.24 ? 151 SER A CB  1 
ATOM   1044 O OG  . SER A 1 151 ? -7.446  -2.100  6.664   1.00 25.39 ? 151 SER A OG  1 
ATOM   1045 N N   . GLN A 1 152 ? -9.919  -0.717  5.529   1.00 26.26 ? 152 GLN A N   1 
ATOM   1046 C CA  . GLN A 1 152 ? -11.031 -1.088  4.667   1.00 26.62 ? 152 GLN A CA  1 
ATOM   1047 C C   . GLN A 1 152 ? -11.708 0.187   4.183   1.00 26.32 ? 152 GLN A C   1 
ATOM   1048 O O   . GLN A 1 152 ? -12.002 0.321   3.002   1.00 27.68 ? 152 GLN A O   1 
ATOM   1049 C CB  . GLN A 1 152 ? -12.050 -1.936  5.412   1.00 27.25 ? 152 GLN A CB  1 
ATOM   1050 C CG  . GLN A 1 152 ? -13.209 -2.303  4.515   1.00 32.48 ? 152 GLN A CG  1 
ATOM   1051 C CD  . GLN A 1 152 ? -14.258 -3.142  5.208   1.00 35.81 ? 152 GLN A CD  1 
ATOM   1052 O OE1 . GLN A 1 152 ? -13.956 -4.191  5.781   1.00 35.99 ? 152 GLN A OE1 1 
ATOM   1053 N NE2 . GLN A 1 152 ? -15.511 -2.684  5.151   1.00 36.97 ? 152 GLN A NE2 1 
ATOM   1054 N N   . GLU A 1 153 ? -11.939 1.123   5.102   1.00 26.94 ? 153 GLU A N   1 
ATOM   1055 C CA  . GLU A 1 153 ? -12.577 2.392   4.758   1.00 27.35 ? 153 GLU A CA  1 
ATOM   1056 C C   . GLU A 1 153 ? -11.730 3.244   3.811   1.00 26.50 ? 153 GLU A C   1 
ATOM   1057 O O   . GLU A 1 153 ? -12.243 3.801   2.843   1.00 25.98 ? 153 GLU A O   1 
ATOM   1058 C CB  . GLU A 1 153 ? -12.909 3.186   6.032   1.00 29.06 ? 153 GLU A CB  1 
ATOM   1059 C CG  . GLU A 1 153 ? -14.081 2.606   6.828   1.00 30.87 ? 153 GLU A CG  1 
ATOM   1060 C CD  . GLU A 1 153 ? -14.656 3.591   7.826   1.00 31.42 ? 153 GLU A CD  1 
ATOM   1061 O OE1 . GLU A 1 153 ? -15.610 3.225   8.543   0.00 31.17 ? 153 GLU A OE1 1 
ATOM   1062 O OE2 . GLU A 1 153 ? -14.162 4.735   7.893   0.00 31.17 ? 153 GLU A OE2 1 
ATOM   1063 N N   . CYS A 1 154 ? -10.433 3.344   4.081   1.00 26.51 ? 154 CYS A N   1 
ATOM   1064 C CA  . CYS A 1 154 ? -9.556  4.126   3.216   1.00 27.46 ? 154 CYS A CA  1 
ATOM   1065 C C   . CYS A 1 154 ? -9.460  3.503   1.823   1.00 27.73 ? 154 CYS A C   1 
ATOM   1066 O O   . CYS A 1 154 ? -9.394  4.213   0.811   1.00 28.46 ? 154 CYS A O   1 
ATOM   1067 C CB  . CYS A 1 154 ? -8.165  4.253   3.846   1.00 27.86 ? 154 CYS A CB  1 
ATOM   1068 S SG  . CYS A 1 154 ? -8.118  5.445   5.227   1.00 32.22 ? 154 CYS A SG  1 
ATOM   1069 N N   . PHE A 1 155 ? -9.445  2.175   1.778   1.00 26.95 ? 155 PHE A N   1 
ATOM   1070 C CA  . PHE A 1 155 ? -9.389  1.449   0.517   1.00 27.11 ? 155 PHE A CA  1 
ATOM   1071 C C   . PHE A 1 155 ? -10.631 1.844   -0.311  1.00 27.04 ? 155 PHE A C   1 
ATOM   1072 O O   . PHE A 1 155 ? -10.542 2.076   -1.518  1.00 25.58 ? 155 PHE A O   1 
ATOM   1073 C CB  . PHE A 1 155 ? -9.370  -0.058  0.809   1.00 28.35 ? 155 PHE A CB  1 
ATOM   1074 C CG  . PHE A 1 155 ? -9.414  -0.924  -0.416  1.00 29.43 ? 155 PHE A CG  1 
ATOM   1075 C CD1 . PHE A 1 155 ? -8.386  -0.876  -1.357  1.00 29.63 ? 155 PHE A CD1 1 
ATOM   1076 C CD2 . PHE A 1 155 ? -10.491 -1.786  -0.635  1.00 30.10 ? 155 PHE A CD2 1 
ATOM   1077 C CE1 . PHE A 1 155 ? -8.425  -1.669  -2.499  1.00 30.30 ? 155 PHE A CE1 1 
ATOM   1078 C CE2 . PHE A 1 155 ? -10.543 -2.586  -1.773  1.00 30.63 ? 155 PHE A CE2 1 
ATOM   1079 C CZ  . PHE A 1 155 ? -9.507  -2.527  -2.709  1.00 32.20 ? 155 PHE A CZ  1 
ATOM   1080 N N   . GLN A 1 156 ? -11.783 1.937   0.347   1.00 26.42 ? 156 GLN A N   1 
ATOM   1081 C CA  . GLN A 1 156 ? -13.005 2.324   -0.343  1.00 28.31 ? 156 GLN A CA  1 
ATOM   1082 C C   . GLN A 1 156 ? -12.948 3.773   -0.842  1.00 27.85 ? 156 GLN A C   1 
ATOM   1083 O O   . GLN A 1 156 ? -13.529 4.097   -1.874  1.00 28.77 ? 156 GLN A O   1 
ATOM   1084 C CB  . GLN A 1 156 ? -14.216 2.132   0.577   1.00 30.04 ? 156 GLN A CB  1 
ATOM   1085 C CG  . GLN A 1 156 ? -14.457 0.683   0.977   1.00 31.51 ? 156 GLN A CG  1 
ATOM   1086 C CD  . GLN A 1 156 ? -15.588 0.525   1.981   1.00 33.73 ? 156 GLN A CD  1 
ATOM   1087 O OE1 . GLN A 1 156 ? -15.952 -0.592  2.349   0.50 33.89 ? 156 GLN A OE1 1 
ATOM   1088 N NE2 . GLN A 1 156 ? -16.150 1.647   2.429   0.50 33.42 ? 156 GLN A NE2 1 
ATOM   1089 N N   . PHE A 1 157 ? -12.253 4.647   -0.120  1.00 27.73 ? 157 PHE A N   1 
ATOM   1090 C CA  . PHE A 1 157 ? -12.155 6.041   -0.548  1.00 27.30 ? 157 PHE A CA  1 
ATOM   1091 C C   . PHE A 1 157 ? -11.495 6.148   -1.921  1.00 27.39 ? 157 PHE A C   1 
ATOM   1092 O O   . PHE A 1 157 ? -11.901 6.953   -2.756  1.00 27.97 ? 157 PHE A O   1 
ATOM   1093 C CB  . PHE A 1 157 ? -11.333 6.877   0.447   1.00 27.04 ? 157 PHE A CB  1 
ATOM   1094 C CG  . PHE A 1 157 ? -11.998 7.079   1.784   1.00 27.88 ? 157 PHE A CG  1 
ATOM   1095 C CD1 . PHE A 1 157 ? -13.364 7.330   1.869   1.00 27.90 ? 157 PHE A CD1 1 
ATOM   1096 C CD2 . PHE A 1 157 ? -11.253 7.042   2.960   1.00 29.09 ? 157 PHE A CD2 1 
ATOM   1097 C CE1 . PHE A 1 157 ? -13.979 7.539   3.110   1.00 28.25 ? 157 PHE A CE1 1 
ATOM   1098 C CE2 . PHE A 1 157 ? -11.856 7.250   4.205   1.00 29.30 ? 157 PHE A CE2 1 
ATOM   1099 C CZ  . PHE A 1 157 ? -13.224 7.498   4.279   1.00 28.89 ? 157 PHE A CZ  1 
ATOM   1100 N N   . ILE A 1 158 ? -10.485 5.321   -2.159  1.00 26.57 ? 158 ILE A N   1 
ATOM   1101 C CA  . ILE A 1 158 ? -9.745  5.370   -3.415  1.00 25.41 ? 158 ILE A CA  1 
ATOM   1102 C C   . ILE A 1 158 ? -10.158 4.375   -4.501  1.00 24.56 ? 158 ILE A C   1 
ATOM   1103 O O   . ILE A 1 158 ? -9.860  4.579   -5.676  1.00 23.35 ? 158 ILE A O   1 
ATOM   1104 C CB  . ILE A 1 158 ? -8.233  5.168   -3.145  1.00 27.04 ? 158 ILE A CB  1 
ATOM   1105 C CG1 . ILE A 1 158 ? -7.988  3.763   -2.597  1.00 26.02 ? 158 ILE A CG1 1 
ATOM   1106 C CG2 . ILE A 1 158 ? -7.740  6.199   -2.134  1.00 26.72 ? 158 ILE A CG2 1 
ATOM   1107 C CD1 . ILE A 1 158 ? -6.533  3.433   -2.411  1.00 27.27 ? 158 ILE A CD1 1 
ATOM   1108 N N   . LEU A 1 159 ? -10.841 3.305   -4.115  1.00 24.46 ? 159 LEU A N   1 
ATOM   1109 C CA  . LEU A 1 159 ? -11.238 2.275   -5.069  1.00 23.74 ? 159 LEU A CA  1 
ATOM   1110 C C   . LEU A 1 159 ? -11.770 2.745   -6.425  1.00 23.93 ? 159 LEU A C   1 
ATOM   1111 O O   . LEU A 1 159 ? -11.486 2.121   -7.443  1.00 24.24 ? 159 LEU A O   1 
ATOM   1112 C CB  . LEU A 1 159 ? -12.247 1.321   -4.427  1.00 23.09 ? 159 LEU A CB  1 
ATOM   1113 C CG  . LEU A 1 159 ? -12.479 0.013   -5.199  1.00 23.89 ? 159 LEU A CG  1 
ATOM   1114 C CD1 . LEU A 1 159 ? -11.159 -0.717  -5.403  0.50 21.96 ? 159 LEU A CD1 1 
ATOM   1115 C CD2 . LEU A 1 159 ? -13.455 -0.864  -4.428  0.50 23.42 ? 159 LEU A CD2 1 
ATOM   1116 N N   . PRO A 1 160 ? -12.539 3.849   -6.469  1.00 23.45 ? 160 PRO A N   1 
ATOM   1117 C CA  . PRO A 1 160 ? -13.067 4.315   -7.760  1.00 24.36 ? 160 PRO A CA  1 
ATOM   1118 C C   . PRO A 1 160 ? -12.031 4.685   -8.823  1.00 24.55 ? 160 PRO A C   1 
ATOM   1119 O O   . PRO A 1 160 ? -12.284 4.537   -10.014 1.00 24.95 ? 160 PRO A O   1 
ATOM   1120 C CB  . PRO A 1 160 ? -13.936 5.510   -7.364  1.00 23.81 ? 160 PRO A CB  1 
ATOM   1121 C CG  . PRO A 1 160 ? -14.404 5.131   -5.985  1.00 22.55 ? 160 PRO A CG  1 
ATOM   1122 C CD  . PRO A 1 160 ? -13.133 4.609   -5.358  1.00 23.36 ? 160 PRO A CD  1 
ATOM   1123 N N   . ALA A 1 161 ? -10.866 5.159   -8.391  1.00 25.06 ? 161 ALA A N   1 
ATOM   1124 C CA  . ALA A 1 161 ? -9.814  5.558   -9.325  1.00 24.17 ? 161 ALA A CA  1 
ATOM   1125 C C   . ALA A 1 161 ? -8.732  4.500   -9.547  1.00 23.93 ? 161 ALA A C   1 
ATOM   1126 O O   . ALA A 1 161 ? -7.863  4.685   -10.390 1.00 24.48 ? 161 ALA A O   1 
ATOM   1127 C CB  . ALA A 1 161 ? -9.171  6.865   -8.848  1.00 21.87 ? 161 ALA A CB  1 
ATOM   1128 N N   . LEU A 1 162 ? -8.789  3.397   -8.799  1.00 24.36 ? 162 LEU A N   1 
ATOM   1129 C CA  . LEU A 1 162 ? -7.789  2.333   -8.908  1.00 23.31 ? 162 LEU A CA  1 
ATOM   1130 C C   . LEU A 1 162 ? -7.717  1.617   -10.253 1.00 23.83 ? 162 LEU A C   1 
ATOM   1131 O O   . LEU A 1 162 ? -6.622  1.344   -10.758 1.00 23.51 ? 162 LEU A O   1 
ATOM   1132 C CB  . LEU A 1 162 ? -7.980  1.293   -7.792  1.00 23.72 ? 162 LEU A CB  1 
ATOM   1133 C CG  . LEU A 1 162 ? -7.485  1.699   -6.397  1.00 23.69 ? 162 LEU A CG  1 
ATOM   1134 C CD1 . LEU A 1 162 ? -7.625  0.516   -5.454  1.00 24.38 ? 162 LEU A CD1 1 
ATOM   1135 C CD2 . LEU A 1 162 ? -6.026  2.147   -6.453  1.00 22.85 ? 162 LEU A CD2 1 
ATOM   1136 N N   . PRO A 1 163 ? -8.873  1.284   -10.845 1.00 23.52 ? 163 PRO A N   1 
ATOM   1137 C CA  . PRO A 1 163 ? -8.883  0.598   -12.141 1.00 23.96 ? 163 PRO A CA  1 
ATOM   1138 C C   . PRO A 1 163 ? -8.212  1.420   -13.251 1.00 24.14 ? 163 PRO A C   1 
ATOM   1139 O O   . PRO A 1 163 ? -7.404  0.897   -14.027 1.00 24.10 ? 163 PRO A O   1 
ATOM   1140 C CB  . PRO A 1 163 ? -10.374 0.383   -12.400 1.00 23.41 ? 163 PRO A CB  1 
ATOM   1141 C CG  . PRO A 1 163 ? -10.922 0.208   -11.024 1.00 23.35 ? 163 PRO A CG  1 
ATOM   1142 C CD  . PRO A 1 163 ? -10.231 1.325   -10.271 1.00 23.81 ? 163 PRO A CD  1 
ATOM   1143 N N   . HIS A 1 164 ? -8.555  2.704   -13.316 1.00 23.50 ? 164 HIS A N   1 
ATOM   1144 C CA  . HIS A 1 164 ? -7.997  3.610   -14.314 1.00 23.65 ? 164 HIS A CA  1 
ATOM   1145 C C   . HIS A 1 164 ? -6.529  3.876   -14.003 1.00 23.12 ? 164 HIS A C   1 
ATOM   1146 O O   . HIS A 1 164 ? -5.698  3.934   -14.906 1.00 22.53 ? 164 HIS A O   1 
ATOM   1147 C CB  . HIS A 1 164 ? -8.768  4.926   -14.313 1.00 25.30 ? 164 HIS A CB  1 
ATOM   1148 C CG  . HIS A 1 164 ? -10.240 4.760   -14.092 1.00 29.73 ? 164 HIS A CG  1 
ATOM   1149 N ND1 . HIS A 1 164 ? -10.770 4.386   -12.873 0.00 28.39 ? 164 HIS A ND1 1 
ATOM   1150 C CD2 . HIS A 1 164 ? -11.291 4.901   -14.931 0.00 28.40 ? 164 HIS A CD2 1 
ATOM   1151 C CE1 . HIS A 1 164 ? -12.086 4.309   -12.977 0.00 28.80 ? 164 HIS A CE1 1 
ATOM   1152 N NE2 . HIS A 1 164 ? -12.427 4.616   -14.214 0.00 28.80 ? 164 HIS A NE2 1 
ATOM   1153 N N   . ALA A 1 165 ? -6.218  4.034   -12.719 1.00 22.62 ? 165 ALA A N   1 
ATOM   1154 C CA  . ALA A 1 165 ? -4.845  4.284   -12.287 1.00 23.32 ? 165 ALA A CA  1 
ATOM   1155 C C   . ALA A 1 165 ? -3.949  3.120   -12.707 1.00 23.68 ? 165 ALA A C   1 
ATOM   1156 O O   . ALA A 1 165 ? -2.900  3.322   -13.322 1.00 24.57 ? 165 ALA A O   1 
ATOM   1157 C CB  . ALA A 1 165 ? -4.791  4.464   -10.770 1.00 22.28 ? 165 ALA A CB  1 
ATOM   1158 N N   . ILE A 1 166 ? -4.368  1.902   -12.376 1.00 22.71 ? 166 ILE A N   1 
ATOM   1159 C CA  . ILE A 1 166 ? -3.596  0.705   -12.712 1.00 22.75 ? 166 ILE A CA  1 
ATOM   1160 C C   . ILE A 1 166 ? -3.398  0.510   -14.216 1.00 23.24 ? 166 ILE A C   1 
ATOM   1161 O O   . ILE A 1 166 ? -2.305  0.146   -14.664 1.00 22.54 ? 166 ILE A O   1 
ATOM   1162 C CB  . ILE A 1 166 ? -4.258  -0.559  -12.107 1.00 22.30 ? 166 ILE A CB  1 
ATOM   1163 C CG1 . ILE A 1 166 ? -4.128  -0.516  -10.583 1.00 23.39 ? 166 ILE A CG1 1 
ATOM   1164 C CG2 . ILE A 1 166 ? -3.607  -1.826  -12.664 1.00 21.72 ? 166 ILE A CG2 1 
ATOM   1165 C CD1 . ILE A 1 166 ? -4.884  -1.610  -9.870  1.00 25.98 ? 166 ILE A CD1 1 
ATOM   1166 N N   . ASP A 1 167 ? -4.453  0.748   -14.991 1.00 22.84 ? 167 ASP A N   1 
ATOM   1167 C CA  . ASP A 1 167 ? -4.372  0.602   -16.439 1.00 23.35 ? 167 ASP A CA  1 
ATOM   1168 C C   . ASP A 1 167 ? -3.364  1.583   -17.026 1.00 23.81 ? 167 ASP A C   1 
ATOM   1169 O O   . ASP A 1 167 ? -2.625  1.230   -17.943 1.00 24.10 ? 167 ASP A O   1 
ATOM   1170 C CB  . ASP A 1 167 ? -5.744  0.815   -17.090 1.00 24.82 ? 167 ASP A CB  1 
ATOM   1171 C CG  . ASP A 1 167 ? -6.391  -0.487  -17.531 1.00 26.17 ? 167 ASP A CG  1 
ATOM   1172 O OD1 . ASP A 1 167 ? -5.775  -1.220  -18.333 0.00 25.64 ? 167 ASP A OD1 1 
ATOM   1173 O OD2 . ASP A 1 167 ? -7.519  -0.773  -17.078 0.00 25.65 ? 167 ASP A OD2 1 
ATOM   1174 N N   . LEU A 1 168 ? -3.327  2.806   -16.500 1.00 21.80 ? 168 LEU A N   1 
ATOM   1175 C CA  . LEU A 1 168 ? -2.389  3.804   -17.001 1.00 21.70 ? 168 LEU A CA  1 
ATOM   1176 C C   . LEU A 1 168 ? -0.934  3.392   -16.777 1.00 21.83 ? 168 LEU A C   1 
ATOM   1177 O O   . LEU A 1 168 ? -0.051  3.715   -17.578 1.00 22.01 ? 168 LEU A O   1 
ATOM   1178 C CB  . LEU A 1 168 ? -2.647  5.161   -16.332 1.00 21.15 ? 168 LEU A CB  1 
ATOM   1179 C CG  . LEU A 1 168 ? -3.940  5.879   -16.730 1.00 21.29 ? 168 LEU A CG  1 
ATOM   1180 C CD1 . LEU A 1 168 ? -4.137  7.128   -15.874 1.00 22.74 ? 168 LEU A CD1 1 
ATOM   1181 C CD2 . LEU A 1 168 ? -3.868  6.251   -18.203 1.00 22.41 ? 168 LEU A CD2 1 
ATOM   1182 N N   . LEU A 1 169 ? -0.686  2.666   -15.693 1.00 21.59 ? 169 LEU A N   1 
ATOM   1183 C CA  . LEU A 1 169 ? 0.672   2.237   -15.371 1.00 22.22 ? 169 LEU A CA  1 
ATOM   1184 C C   . LEU A 1 169 ? 1.106   0.916   -16.011 1.00 22.87 ? 169 LEU A C   1 
ATOM   1185 O O   . LEU A 1 169 ? 2.289   0.576   -15.981 1.00 23.24 ? 169 LEU A O   1 
ATOM   1186 C CB  . LEU A 1 169 ? 0.835   2.131   -13.848 1.00 20.86 ? 169 LEU A CB  1 
ATOM   1187 C CG  . LEU A 1 169 ? 0.654   3.429   -13.051 1.00 21.74 ? 169 LEU A CG  1 
ATOM   1188 C CD1 . LEU A 1 169 ? 0.563   3.116   -11.561 1.00 18.90 ? 169 LEU A CD1 1 
ATOM   1189 C CD2 . LEU A 1 169 ? 1.808   4.372   -13.336 1.00 20.34 ? 169 LEU A CD2 1 
ATOM   1190 N N   . ARG A 1 170 ? 0.177   0.172   -16.597 1.00 24.45 ? 170 ARG A N   1 
ATOM   1191 C CA  . ARG A 1 170 ? 0.532   -1.113  -17.197 1.00 27.27 ? 170 ARG A CA  1 
ATOM   1192 C C   . ARG A 1 170 ? 1.734   -1.103  -18.146 1.00 28.83 ? 170 ARG A C   1 
ATOM   1193 O O   . ARG A 1 170 ? 2.540   -2.030  -18.115 1.00 31.89 ? 170 ARG A O   1 
ATOM   1194 C CB  . ARG A 1 170 ? -0.674  -1.728  -17.914 1.00 27.25 ? 170 ARG A CB  1 
ATOM   1195 C CG  . ARG A 1 170 ? -1.688  -2.368  -16.978 1.00 27.77 ? 170 ARG A CG  1 
ATOM   1196 C CD  . ARG A 1 170 ? -2.881  -2.911  -17.742 1.00 27.54 ? 170 ARG A CD  1 
ATOM   1197 N NE  . ARG A 1 170 ? -3.960  -3.325  -16.850 1.00 29.11 ? 170 ARG A NE  1 
ATOM   1198 C CZ  . ARG A 1 170 ? -3.891  -4.356  -16.012 1.00 28.74 ? 170 ARG A CZ  1 
ATOM   1199 N NH1 . ARG A 1 170 ? -2.793  -5.095  -15.944 1.00 28.44 ? 170 ARG A NH1 1 
ATOM   1200 N NH2 . ARG A 1 170 ? -4.924  -4.641  -15.234 1.00 29.74 ? 170 ARG A NH2 1 
ATOM   1201 N N   . ASP A 1 171 ? 1.874   -0.076  -18.978 1.00 28.58 ? 171 ASP A N   1 
ATOM   1202 C CA  . ASP A 1 171 ? 2.996   -0.051  -19.908 1.00 30.11 ? 171 ASP A CA  1 
ATOM   1203 C C   . ASP A 1 171 ? 4.218   0.736   -19.437 1.00 30.84 ? 171 ASP A C   1 
ATOM   1204 O O   . ASP A 1 171 ? 5.056   1.124   -20.251 1.00 31.87 ? 171 ASP A O   1 
ATOM   1205 C CB  . ASP A 1 171 ? 2.543   0.467   -21.280 1.00 31.08 ? 171 ASP A CB  1 
ATOM   1206 C CG  . ASP A 1 171 ? 1.706   -0.550  -22.044 1.00 31.49 ? 171 ASP A CG  1 
ATOM   1207 O OD1 . ASP A 1 171 ? 2.210   -1.662  -22.307 0.00 31.32 ? 171 ASP A OD1 1 
ATOM   1208 O OD2 . ASP A 1 171 ? 0.545   -0.233  -22.380 0.00 31.28 ? 171 ASP A OD2 1 
ATOM   1209 N N   . ALA A 1 172 ? 4.330   0.977   -18.134 1.00 29.34 ? 172 ALA A N   1 
ATOM   1210 C CA  . ALA A 1 172 ? 5.483   1.712   -17.633 1.00 28.19 ? 172 ALA A CA  1 
ATOM   1211 C C   . ALA A 1 172 ? 6.634   0.735   -17.597 1.00 27.80 ? 172 ALA A C   1 
ATOM   1212 O O   . ALA A 1 172 ? 6.427   -0.470  -17.650 1.00 25.73 ? 172 ALA A O   1 
ATOM   1213 C CB  . ALA A 1 172 ? 5.213   2.253   -16.242 1.00 29.82 ? 172 ALA A CB  1 
ATOM   1214 N N   . ILE A 1 173 ? 7.852   1.247   -17.519 1.00 30.22 ? 173 ILE A N   1 
ATOM   1215 C CA  . ILE A 1 173 ? 9.006   0.370   -17.475 1.00 32.01 ? 173 ILE A CA  1 
ATOM   1216 C C   . ILE A 1 173 ? 9.690   0.381   -16.114 1.00 32.24 ? 173 ILE A C   1 
ATOM   1217 O O   . ILE A 1 173 ? 9.646   1.369   -15.375 1.00 31.67 ? 173 ILE A O   1 
ATOM   1218 C CB  . ILE A 1 173 ? 10.037  0.732   -18.586 1.00 33.96 ? 173 ILE A CB  1 
ATOM   1219 C CG1 . ILE A 1 173 ? 10.397  2.221   -18.537 1.00 35.74 ? 173 ILE A CG1 1 
ATOM   1220 C CG2 . ILE A 1 173 ? 9.458   0.393   -19.950 1.00 35.26 ? 173 ILE A CG2 1 
ATOM   1221 C CD1 . ILE A 1 173 ? 11.445  2.595   -17.498 1.00 37.98 ? 173 ILE A CD1 1 
ATOM   1222 N N   . VAL A 1 174 ? 10.293  -0.749  -15.777 1.00 32.37 ? 174 VAL A N   1 
ATOM   1223 C CA  . VAL A 1 174 ? 11.019  -0.881  -14.527 1.00 33.43 ? 174 VAL A CA  1 
ATOM   1224 C C   . VAL A 1 174 ? 12.395  -0.260  -14.791 1.00 34.62 ? 174 VAL A C   1 
ATOM   1225 O O   . VAL A 1 174 ? 13.248  -0.877  -15.436 1.00 34.57 ? 174 VAL A O   1 
ATOM   1226 C CB  . VAL A 1 174 ? 11.155  -2.376  -14.133 1.00 33.12 ? 174 VAL A CB  1 
ATOM   1227 C CG1 . VAL A 1 174 ? 12.053  -2.519  -12.912 1.00 33.58 ? 174 VAL A CG1 1 
ATOM   1228 C CG2 . VAL A 1 174 ? 9.767   -2.968  -13.855 1.00 30.97 ? 174 VAL A CG2 1 
ATOM   1229 N N   . LYS A 1 175 ? 12.590  0.969   -14.308 1.00 35.37 ? 175 LYS A N   1 
ATOM   1230 C CA  . LYS A 1 175 ? 13.839  1.712   -14.502 1.00 36.29 ? 175 LYS A CA  1 
ATOM   1231 C C   . LYS A 1 175 ? 15.149  0.925   -14.436 1.00 36.81 ? 175 LYS A C   1 
ATOM   1232 O O   . LYS A 1 175 ? 15.952  1.012   -15.357 1.00 36.93 ? 175 LYS A O   1 
ATOM   1233 C CB  . LYS A 1 175 ? 13.925  2.894   -13.521 1.00 35.46 ? 175 LYS A CB  1 
ATOM   1234 C CG  . LYS A 1 175 ? 13.349  4.204   -14.043 1.00 34.56 ? 175 LYS A CG  1 
ATOM   1235 C CD  . LYS A 1 175 ? 13.604  5.370   -13.090 0.00 34.85 ? 175 LYS A CD  1 
ATOM   1236 C CE  . LYS A 1 175 ? 15.087  5.720   -12.981 0.00 34.76 ? 175 LYS A CE  1 
ATOM   1237 N NZ  . LYS A 1 175 ? 15.886  4.654   -12.316 0.00 34.79 ? 175 LYS A NZ  1 
ATOM   1238 N N   . VAL A 1 176 ? 15.371  0.176   -13.356 1.00 38.08 ? 176 VAL A N   1 
ATOM   1239 C CA  . VAL A 1 176 ? 16.613  -0.591  -13.214 1.00 39.95 ? 176 VAL A CA  1 
ATOM   1240 C C   . VAL A 1 176 ? 16.838  -1.494  -14.420 1.00 41.36 ? 176 VAL A C   1 
ATOM   1241 O O   . VAL A 1 176 ? 17.960  -1.919  -14.693 1.00 42.10 ? 176 VAL A O   1 
ATOM   1242 C CB  . VAL A 1 176 ? 16.630  -1.464  -11.908 1.00 38.37 ? 176 VAL A CB  1 
ATOM   1243 C CG1 . VAL A 1 176 ? 16.505  -0.575  -10.692 1.00 37.88 ? 176 VAL A CG1 1 
ATOM   1244 C CG2 . VAL A 1 176 ? 15.516  -2.496  -11.930 1.00 38.05 ? 176 VAL A CG2 1 
ATOM   1245 N N   . LYS A 1 177 ? 15.755  -1.769  -15.142 1.00 44.12 ? 177 LYS A N   1 
ATOM   1246 C CA  . LYS A 1 177 ? 15.791  -2.610  -16.330 1.00 46.82 ? 177 LYS A CA  1 
ATOM   1247 C C   . LYS A 1 177 ? 16.125  -1.779  -17.583 1.00 49.00 ? 177 LYS A C   1 
ATOM   1248 O O   . LYS A 1 177 ? 16.763  -2.269  -18.515 1.00 49.67 ? 177 LYS A O   1 
ATOM   1249 C CB  . LYS A 1 177 ? 14.437  -3.318  -16.501 1.00 46.63 ? 177 LYS A CB  1 
ATOM   1250 C CG  . LYS A 1 177 ? 13.992  -4.173  -15.305 1.00 46.73 ? 177 LYS A CG  1 
ATOM   1251 C CD  . LYS A 1 177 ? 14.902  -5.384  -15.102 1.00 47.80 ? 177 LYS A CD  1 
ATOM   1252 C CE  . LYS A 1 177 ? 14.347  -6.396  -14.089 1.00 47.82 ? 177 LYS A CE  1 
ATOM   1253 N NZ  . LYS A 1 177 ? 14.354  -5.939  -12.668 1.00 48.05 ? 177 LYS A NZ  1 
ATOM   1254 N N   . GLU A 1 178 ? 15.690  -0.524  -17.607 1.00 51.21 ? 178 GLU A N   1 
ATOM   1255 C CA  . GLU A 1 178 ? 15.972  0.345   -18.738 1.00 53.38 ? 178 GLU A CA  1 
ATOM   1256 C C   . GLU A 1 178 ? 17.408  0.847   -18.630 1.00 55.30 ? 178 GLU A C   1 
ATOM   1257 O O   . GLU A 1 178 ? 18.150  0.820   -19.613 1.00 56.85 ? 178 GLU A O   1 
ATOM   1258 C CB  . GLU A 1 178 ? 15.004  1.534   -18.763 1.00 54.12 ? 178 GLU A CB  1 
ATOM   1259 C CG  . GLU A 1 178 ? 15.318  2.586   -19.819 0.00 53.82 ? 178 GLU A CG  1 
ATOM   1260 C CD  . GLU A 1 178 ? 15.211  2.053   -21.236 0.00 53.88 ? 178 GLU A CD  1 
ATOM   1261 O OE1 . GLU A 1 178 ? 15.447  2.833   -22.184 0.00 53.84 ? 178 GLU A OE1 1 
ATOM   1262 O OE2 . GLU A 1 178 ? 14.889  0.859   -21.404 0.00 53.88 ? 178 GLU A OE2 1 
ATOM   1263 N N   . VAL A 1 179 ? 17.795  1.298   -17.434 1.00 56.54 ? 179 VAL A N   1 
ATOM   1264 C CA  . VAL A 1 179 ? 19.147  1.811   -17.181 1.00 57.61 ? 179 VAL A CA  1 
ATOM   1265 C C   . VAL A 1 179 ? 20.229  0.768   -17.481 1.00 58.48 ? 179 VAL A C   1 
ATOM   1266 O O   . VAL A 1 179 ? 21.328  1.111   -17.930 1.00 58.10 ? 179 VAL A O   1 
ATOM   1267 C CB  . VAL A 1 179 ? 19.303  2.284   -15.715 0.00 57.50 ? 179 VAL A CB  1 
ATOM   1268 C CG1 . VAL A 1 179 ? 20.719  2.791   -15.475 0.00 57.50 ? 179 VAL A CG1 1 
ATOM   1269 C CG2 . VAL A 1 179 ? 18.297  3.383   -15.415 0.00 57.49 ? 179 VAL A CG2 1 
ATOM   1270 N N   . HIS A 1 180 ? 19.917  -0.502  -17.227 1.00 59.12 ? 180 HIS A N   1 
ATOM   1271 C CA  . HIS A 1 180 ? 20.857  -1.583  -17.498 1.00 59.28 ? 180 HIS A CA  1 
ATOM   1272 C C   . HIS A 1 180 ? 20.805  -1.878  -18.994 1.00 59.41 ? 180 HIS A C   1 
ATOM   1273 O O   . HIS A 1 180 ? 21.812  -2.247  -19.597 1.00 59.60 ? 180 HIS A O   1 
ATOM   1274 C CB  . HIS A 1 180 ? 20.484  -2.826  -16.705 1.00 58.97 ? 180 HIS A CB  1 
ATOM   1275 N N   . ASP A 1 181 ? 19.625  -1.701  -19.584 1.00 59.02 ? 181 ASP A N   1 
ATOM   1276 C CA  . ASP A 1 181 ? 19.429  -1.934  -21.011 1.00 58.80 ? 181 ASP A CA  1 
ATOM   1277 C C   . ASP A 1 181 ? 19.793  -0.692  -21.831 1.00 58.60 ? 181 ASP A C   1 
ATOM   1278 O O   . ASP A 1 181 ? 20.531  0.184   -21.372 1.00 58.30 ? 181 ASP A O   1 
ATOM   1279 C CB  . ASP A 1 181 ? 17.980  -2.333  -21.281 1.00 58.14 ? 181 ASP A CB  1 
HETATM 1280 O O   . HOH B 2 .   ? 13.412  0.326   -10.952 1.00 17.33 ? 189 HOH A O   1 
HETATM 1281 O O   . HOH B 2 .   ? 15.371  -0.942  9.191   1.00 36.58 ? 190 HOH A O   1 
HETATM 1282 O O   . HOH B 2 .   ? 7.190   -1.904  -11.051 1.00 17.19 ? 191 HOH A O   1 
HETATM 1283 O O   . HOH B 2 .   ? 9.526   -0.622  -10.766 1.00 18.54 ? 192 HOH A O   1 
HETATM 1284 O O   . HOH B 2 .   ? 11.572  -6.881  -13.882 1.00 45.76 ? 193 HOH A O   1 
HETATM 1285 O O   . HOH B 2 .   ? 0.002   1.118   12.756  1.00 32.43 ? 194 HOH A O   1 
HETATM 1286 O O   . HOH B 2 .   ? 2.540   -0.707  13.201  1.00 40.34 ? 195 HOH A O   1 
HETATM 1287 O O   . HOH B 2 .   ? 0.640   1.320   5.662   1.00 18.63 ? 196 HOH A O   1 
HETATM 1288 O O   . HOH B 2 .   ? -0.949  7.798   15.151  1.00 30.30 ? 197 HOH A O   1 
HETATM 1289 O O   . HOH B 2 .   ? 11.294  7.036   14.103  1.00 50.62 ? 198 HOH A O   1 
HETATM 1290 O O   . HOH B 2 .   ? 6.395   2.547   18.630  1.00 22.51 ? 199 HOH A O   1 
HETATM 1291 O O   . HOH B 2 .   ? 12.140  8.204   -4.159  1.00 38.76 ? 200 HOH A O   1 
HETATM 1292 O O   . HOH B 2 .   ? 3.713   11.433  5.500   1.00 17.37 ? 201 HOH A O   1 
HETATM 1293 O O   . HOH B 2 .   ? 11.219  1.381   -11.881 1.00 23.81 ? 202 HOH A O   1 
HETATM 1294 O O   . HOH B 2 .   ? 5.688   4.803   -13.909 1.00 15.80 ? 203 HOH A O   1 
HETATM 1295 O O   . HOH B 2 .   ? 2.500   -13.803 -9.420  1.00 43.80 ? 204 HOH A O   1 
HETATM 1296 O O   . HOH B 2 .   ? -2.137  -5.964  11.121  1.00 32.84 ? 205 HOH A O   1 
HETATM 1297 O O   . HOH B 2 .   ? -0.139  -1.300  -13.743 1.00 20.25 ? 206 HOH A O   1 
HETATM 1298 O O   . HOH B 2 .   ? -8.974  -4.393  6.081   1.00 34.08 ? 207 HOH A O   1 
HETATM 1299 O O   . HOH B 2 .   ? -14.763 -8.389  4.448   1.00 38.19 ? 208 HOH A O   1 
HETATM 1300 O O   . HOH B 2 .   ? 13.097  2.035   10.969  1.00 31.19 ? 209 HOH A O   1 
HETATM 1301 O O   . HOH B 2 .   ? 1.028   -7.760  -13.572 1.00 31.18 ? 210 HOH A O   1 
HETATM 1302 O O   . HOH B 2 .   ? 3.540   -6.476  -14.624 1.00 42.01 ? 211 HOH A O   1 
HETATM 1303 O O   . HOH B 2 .   ? -1.065  2.692   10.827  1.00 29.92 ? 212 HOH A O   1 
HETATM 1304 O O   . HOH B 2 .   ? 0.401   5.155   15.529  1.00 33.44 ? 213 HOH A O   1 
HETATM 1305 O O   . HOH B 2 .   ? 6.574   1.119   10.226  1.00 20.94 ? 214 HOH A O   1 
HETATM 1306 O O   . HOH B 2 .   ? 8.383   14.919  2.461   1.00 45.84 ? 215 HOH A O   1 
HETATM 1307 O O   . HOH B 2 .   ? 3.729   12.853  3.463   1.00 30.81 ? 216 HOH A O   1 
HETATM 1308 O O   . HOH B 2 .   ? 1.315   11.078  -1.035  1.00 24.70 ? 217 HOH A O   1 
HETATM 1309 O O   . HOH B 2 .   ? 1.466   12.289  2.100   1.00 24.61 ? 218 HOH A O   1 
HETATM 1310 O O   . HOH B 2 .   ? -2.550  11.957  -7.437  1.00 18.21 ? 219 HOH A O   1 
HETATM 1311 O O   . HOH B 2 .   ? -7.383  -2.184  -14.784 1.00 29.74 ? 220 HOH A O   1 
HETATM 1312 O O   . HOH B 2 .   ? 11.059  11.599  4.660   1.00 47.56 ? 221 HOH A O   1 
HETATM 1313 O O   . HOH B 2 .   ? 13.602  4.555   -9.438  1.00 34.70 ? 222 HOH A O   1 
HETATM 1314 O O   . HOH B 2 .   ? 15.348  2.723   -10.107 1.00 36.59 ? 223 HOH A O   1 
HETATM 1315 O O   . HOH B 2 .   ? 7.308   6.302   -12.464 1.00 26.73 ? 224 HOH A O   1 
HETATM 1316 O O   . HOH B 2 .   ? 0.516   -3.019  14.835  1.00 42.85 ? 225 HOH A O   1 
HETATM 1317 O O   . HOH B 2 .   ? -0.378  -1.594  12.757  1.00 40.44 ? 226 HOH A O   1 
HETATM 1318 O O   . HOH B 2 .   ? 3.512   -14.575 12.015  1.00 41.89 ? 227 HOH A O   1 
HETATM 1319 O O   . HOH B 2 .   ? 11.324  -4.300  18.585  1.00 37.84 ? 228 HOH A O   1 
HETATM 1320 O O   . HOH B 2 .   ? 17.966  -4.537  -9.646  1.00 47.33 ? 229 HOH A O   1 
HETATM 1321 O O   . HOH B 2 .   ? -6.996  -10.035 -11.479 1.00 34.76 ? 230 HOH A O   1 
HETATM 1322 O O   . HOH B 2 .   ? 5.333   -13.028 6.033   1.00 23.51 ? 231 HOH A O   1 
HETATM 1323 O O   . HOH B 2 .   ? 11.066  2.150   12.826  1.00 34.36 ? 232 HOH A O   1 
HETATM 1324 O O   . HOH B 2 .   ? 15.661  -3.354  -8.145  1.00 33.18 ? 233 HOH A O   1 
HETATM 1325 O O   . HOH B 2 .   ? -1.028  -8.265  -14.962 1.00 37.07 ? 234 HOH A O   1 
HETATM 1326 O O   . HOH B 2 .   ? -2.487  5.018   14.121  1.00 46.90 ? 235 HOH A O   1 
HETATM 1327 O O   . HOH B 2 .   ? -0.175  3.179   17.866  1.00 44.11 ? 236 HOH A O   1 
HETATM 1328 O O   . HOH B 2 .   ? 12.076  9.363   3.830   1.00 37.89 ? 237 HOH A O   1 
HETATM 1329 O O   . HOH B 2 .   ? 4.678   12.787  0.432   1.00 71.05 ? 238 HOH A O   1 
HETATM 1330 O O   . HOH B 2 .   ? -1.488  14.978  -0.490  1.00 37.02 ? 239 HOH A O   1 
HETATM 1331 O O   . HOH B 2 .   ? -4.411  6.097   4.576   1.00 40.29 ? 240 HOH A O   1 
HETATM 1332 O O   . HOH B 2 .   ? -16.072 10.172  5.140   1.00 41.30 ? 241 HOH A O   1 
HETATM 1333 O O   . HOH B 2 .   ? -13.086 10.243  0.395   1.00 44.34 ? 242 HOH A O   1 
HETATM 1334 O O   . HOH B 2 .   ? -6.478  8.284   7.854   1.00 45.39 ? 243 HOH A O   1 
HETATM 1335 O O   . HOH B 2 .   ? -4.211  2.300   12.685  1.00 45.68 ? 244 HOH A O   1 
HETATM 1336 O O   . HOH B 2 .   ? -7.636  -4.291  13.460  1.00 32.49 ? 245 HOH A O   1 
HETATM 1337 O O   . HOH B 2 .   ? -10.928 -2.191  13.544  1.00 34.79 ? 246 HOH A O   1 
HETATM 1338 O O   . HOH B 2 .   ? 4.900   -14.019 -3.867  1.00 36.34 ? 247 HOH A O   1 
HETATM 1339 O O   . HOH B 2 .   ? 6.986   -16.400 -7.660  1.00 54.14 ? 248 HOH A O   1 
HETATM 1340 O O   . HOH B 2 .   ? 17.910  -7.152  -8.877  1.00 41.47 ? 249 HOH A O   1 
HETATM 1341 O O   . HOH B 2 .   ? 5.687   -13.864 10.713  1.00 46.91 ? 250 HOH A O   1 
HETATM 1342 O O   . HOH B 2 .   ? 9.388   -10.718 7.084   1.00 40.84 ? 251 HOH A O   1 
HETATM 1343 O O   . HOH B 2 .   ? -5.729  -15.946 -2.529  1.00 49.85 ? 252 HOH A O   1 
HETATM 1344 O O   . HOH B 2 .   ? -5.950  -14.554 -6.206  1.00 46.23 ? 253 HOH A O   1 
HETATM 1345 O O   . HOH B 2 .   ? -20.087 -10.119 -7.363  1.00 35.70 ? 254 HOH A O   1 
HETATM 1346 O O   . HOH B 2 .   ? 7.544   5.016   -15.804 1.00 28.42 ? 255 HOH A O   1 
HETATM 1347 O O   . HOH B 2 .   ? 4.456   -14.355 3.616   1.00 48.35 ? 256 HOH A O   1 
HETATM 1348 O O   . HOH B 2 .   ? -0.206  14.210  1.513   1.00 70.82 ? 257 HOH A O   1 
HETATM 1349 O O   . HOH B 2 .   ? -18.797 -10.191 -5.133  1.00 37.47 ? 258 HOH A O   1 
HETATM 1350 O O   . HOH B 2 .   ? 15.181  3.409   -4.364  1.00 48.54 ? 259 HOH A O   1 
HETATM 1351 O O   . HOH B 2 .   ? 14.583  7.533   -9.520  1.00 48.31 ? 260 HOH A O   1 
HETATM 1352 O O   . HOH B 2 .   ? 14.635  7.701   -3.992  1.00 46.88 ? 261 HOH A O   1 
HETATM 1353 O O   . HOH B 2 .   ? 2.457   16.041  -0.701  1.00 48.00 ? 262 HOH A O   1 
HETATM 1354 O O   . HOH B 2 .   ? 4.991   16.309  -1.621  1.00 47.19 ? 263 HOH A O   1 
HETATM 1355 O O   . HOH B 2 .   ? -12.048 16.895  11.358  1.00 38.96 ? 264 HOH A O   1 
HETATM 1356 O O   . HOH B 2 .   ? 6.993   -14.104 19.785  1.00 59.58 ? 265 HOH A O   1 
HETATM 1357 O O   . HOH B 2 .   ? -1.095  -13.618 8.601   1.00 41.41 ? 266 HOH A O   1 
HETATM 1358 O O   . HOH B 2 .   ? 15.145  -5.658  -2.934  1.00 45.11 ? 267 HOH A O   1 
HETATM 1359 O O   . HOH B 2 .   ? 9.507   3.936   -14.661 1.00 43.06 ? 268 HOH A O   1 
HETATM 1360 O O   . HOH B 2 .   ? -2.593  5.900   6.468   1.00 42.82 ? 269 HOH A O   1 
HETATM 1361 O O   . HOH B 2 .   ? 4.447   -4.038  -19.792 1.00 49.31 ? 270 HOH A O   1 
HETATM 1362 O O   . HOH B 2 .   ? -14.162 2.663   -11.568 1.00 49.48 ? 271 HOH A O   1 
HETATM 1363 O O   . HOH B 2 .   ? 13.545  7.853   -6.978  1.00 45.68 ? 272 HOH A O   1 
HETATM 1364 O O   . HOH B 2 .   ? -20.109 11.613  4.985   1.00 53.00 ? 273 HOH A O   1 
HETATM 1365 O O   . HOH B 2 .   ? 2.016   -4.587  -15.676 1.00 39.49 ? 274 HOH A O   1 
HETATM 1366 O O   . HOH B 2 .   ? 17.516  2.715   -12.015 1.00 39.42 ? 275 HOH A O   1 
HETATM 1367 O O   . HOH B 2 .   ? -20.084 -8.122  -9.181  1.00 45.03 ? 276 HOH A O   1 
HETATM 1368 O O   . HOH B 2 .   ? -0.112  -14.085 -9.860  1.00 40.95 ? 277 HOH A O   1 
HETATM 1369 O O   . HOH B 2 .   ? -14.392 8.356   -3.257  1.00 46.61 ? 278 HOH A O   1 
# 
